data_6IFY
#
_entry.id   6IFY
#
loop_
_entity.id
_entity.type
_entity.pdbx_description
1 polymer 'Type III-A CRISPR-associated protein Csm1'
2 polymer 'Type III-A CRISPR-associated protein Csm2'
3 polymer 'Type III-A CRISPR-associated RAMP protein Csm3'
4 polymer 'Type III-A CRISPR-associated RAMP protein Csm4'
5 polymer 'Type III-A CRISPR-associated RAMP protein Csm5'
6 polymer crRNA
7 polymer CTR1
8 non-polymer 'ZINC ION'
#
loop_
_entity_poly.entity_id
_entity_poly.type
_entity_poly.pdbx_seq_one_letter_code
_entity_poly.pdbx_strand_id
1 'polypeptide(L)'
;MKKEKIDLFYGALLHNIGKVIQRATGERKKHALVGADWFDEIADNQVISDQIRYHMANYQSDKLGNDHLAYITYIADNIA
SGVDRRQSNEESDEDTSAKIWDTYTNQADIFNVFGAQTDKRYFKPTVLNLKSKPNFASATYEPFSKGDYAAIATRIKNEL
AEFEFNQVQIDSLLNLFEATLSFVPSSTNTKEIADISLADHSRLTAAFALAIYDYLEDKGRHNYKEDLFTKVSAFYEEEA
FLLASFDLSGIQDFIYNINIATNGAAKQLKARSLYLDFMSEYIADSLLDKLGLNRANMLYVGGGHAYFVLANTEKTVETL
VQFEKDFNQFLLANFQTRLYVAFGWGSFAAKDIMSELNSPESYRQVYQKASRMISKKKISRYDYQTLMLLNRGGKSSERE
CEICHSVENLVSYHDQKVCDICRGLYQFSKEIAHDHFIITENEGLPIGPNACLKGVAFEKLSQEAFSRVYVKNDYKAGTV
KATHVFVGDYQCDEIYNYAALSKNENGLGIKRLAVVRLDVDDLGAAFMAGFSQQGNGQYSTLSRSATFSRSMSLFFKVYI
NQFASDKKLSIIYAGGDDVFAIGSWQDIIAFTVELRENFIKWTNGKLTLSAGIGLFADKTPISLMAHQTGELEEAAKGNE
KDSISLFSSDYTFKFDRFITNVYDDKLEQIRYFFNHQDERGKNFIYKLIELLRNHDRMNMARLAYYLTRLEELTRETDRD
KFKTFKNLFYSWYTNKNDKDRKEAELALLLYIYEIRKD
;
A
2 'polypeptide(L)'
;MTILTDENYVDIAEKAILKLERNTRNRKNPDAFFLTTSKLRNLLSLTSTLFDESKVKEYDALLDRIAYLRVQFVYQAGRE
IAVKDLIEKAQILEALKEIKDRETLQRFCRYMEALVAYFKFYGGKD
;
D,C
3 'polypeptide(L)'
;MTFAKIKFSAQIRLETGLHIGGSDAFAAIGAINSPVIKDPITNLPIIPGSSLKGKMRTLLAKVYNEKVAEKPSDDSDILS
RLFGNSKDKRFKMGRLIFRDAFLSNADELDSLGVRSYTEVKFENTIDRITAEANPRQIERAIRNSTFDFELIYEITDENE
NQVEEDFKVIRDGLKLLELDYLGGSGSRGYGKVAFENLKATTVFGNYDVKTLNELLTAEV
;
G,F,E
4 'polypeptide(L)'
;MTYKLYIMTFQNAHFGSGTLDSSKLTFSADRIFSALVLEALKMGKLDAFLAEANQDKFTLTDAFPFQFGPFLPKPIGYPK
HDQIDQSVDVKEVRRQAKLSKKLQFLALENVDDYLNGELFENEEHAVIDTVTKNQPHKDDNLYQVATTRFSNDTSLYVIA
NESDLLNELMSSLQYSGLGGKRSSGFGRFELDIQNIPLELSDRLTKNHSDKVMSLTTALPVDADLEEAMEDGHYLLTKSS
GFAFSHATNENYRKQDLYKFASGSTFSKTFEGQIVDVRPLDFPHAVLNYAKPLFFKLEV
;
B
5 'polypeptide(L)'
;MKNDYRTFKLSLLTLAPIHIGNGEKYTSREFIYENKKFYFPDMGKFYNKMVEKRLAEKFEAFLIQTRPNARNNRLISFLN
DNRIAERSFGGYSISETGLESDKNPNSAGAINEVNKFIRDAFGNPYIPGSSLKGAIRTILMNTTPKWNNENAVNDFGRFP
KENKNLIPWGPKKGKEYDDLFNAIRVSDSKPFDNKSLILVQKWDYSAKTNKAKPLPLYRESISPLTKIEFEITTTTDEAG
RLIEELGKRAQAFYKDYKAFFLSEFPDDKIQANLQYPIYLGAGSGAWTKTLFKQADGILQRRYSRMKTKMVKKGVLKLTK
APLKTVKIPSGNHSLVKNHESFYEMGKANFMIKEIDK
;
H
6 'polyribonucleotide' ACGGAAACGCUUUCUAGCUCGCUAUAAUUACCCAUU I
7 'polyribonucleotide' GGUAGGAAUGGGUAAUUAUAGCGAGCUAGAAAGCCAAAGGUC J
#
loop_
_chem_comp.id
_chem_comp.type
_chem_comp.name
_chem_comp.formula
A RNA linking ADENOSINE-5'-MONOPHOSPHATE 'C10 H14 N5 O7 P'
C RNA linking CYTIDINE-5'-MONOPHOSPHATE 'C9 H14 N3 O8 P'
G RNA linking GUANOSINE-5'-MONOPHOSPHATE 'C10 H14 N5 O8 P'
U RNA linking URIDINE-5'-MONOPHOSPHATE 'C9 H13 N2 O9 P'
ZN non-polymer 'ZINC ION' 'Zn 2'
#
# COMPACT_ATOMS: atom_id res chain seq x y z
N LYS A 2 8.71 38.32 -59.82
CA LYS A 2 8.56 39.51 -60.65
C LYS A 2 7.16 40.09 -60.50
N LYS A 3 6.90 41.17 -61.24
CA LYS A 3 5.60 41.82 -61.16
C LYS A 3 4.53 40.99 -61.87
N GLU A 4 4.92 40.24 -62.90
CA GLU A 4 3.96 39.38 -63.58
C GLU A 4 3.77 38.07 -62.83
N LYS A 5 4.68 37.76 -61.90
CA LYS A 5 4.55 36.55 -61.11
C LYS A 5 3.40 36.63 -60.12
N ILE A 6 3.20 37.82 -59.53
CA ILE A 6 2.09 38.03 -58.60
C ILE A 6 0.76 37.95 -59.34
N ASP A 7 0.73 38.41 -60.59
CA ASP A 7 -0.50 38.36 -61.37
C ASP A 7 -0.87 36.93 -61.72
N LEU A 8 0.12 36.11 -62.09
CA LEU A 8 -0.12 34.69 -62.36
C LEU A 8 -0.57 33.97 -61.10
N PHE A 9 0.05 34.30 -59.96
CA PHE A 9 -0.32 33.72 -58.68
C PHE A 9 -1.78 34.02 -58.31
N TYR A 10 -2.16 35.30 -58.35
CA TYR A 10 -3.53 35.69 -58.05
C TYR A 10 -4.53 35.12 -59.05
N GLY A 11 -4.13 35.06 -60.32
CA GLY A 11 -5.06 34.61 -61.36
C GLY A 11 -5.35 33.13 -61.29
N ALA A 12 -4.34 32.32 -60.96
CA ALA A 12 -4.59 30.89 -60.81
C ALA A 12 -5.18 30.58 -59.44
N LEU A 13 -4.85 31.40 -58.44
CA LEU A 13 -5.36 31.13 -57.09
C LEU A 13 -6.85 31.46 -56.98
N LEU A 14 -7.30 32.51 -57.67
CA LEU A 14 -8.71 32.87 -57.62
C LEU A 14 -9.58 32.01 -58.51
N HIS A 15 -9.07 30.91 -59.04
CA HIS A 15 -9.91 29.93 -59.70
C HIS A 15 -10.88 29.31 -58.70
N ASN A 16 -12.07 28.98 -59.18
CA ASN A 16 -13.24 28.47 -58.45
C ASN A 16 -13.74 29.44 -57.39
N ILE A 17 -13.36 30.72 -57.43
CA ILE A 17 -13.99 31.71 -56.55
C ILE A 17 -15.39 32.02 -57.04
N GLY A 18 -15.61 31.89 -58.36
CA GLY A 18 -16.95 32.03 -58.89
C GLY A 18 -17.82 30.82 -58.63
N LYS A 19 -17.20 29.70 -58.22
CA LYS A 19 -17.97 28.54 -57.79
C LYS A 19 -18.72 28.83 -56.50
N VAL A 20 -18.12 29.63 -55.61
CA VAL A 20 -18.79 30.05 -54.39
C VAL A 20 -19.96 30.98 -54.72
N ILE A 21 -19.78 31.82 -55.74
CA ILE A 21 -20.83 32.77 -56.13
C ILE A 21 -21.99 32.03 -56.79
N GLN A 22 -21.69 31.10 -57.70
CA GLN A 22 -22.76 30.37 -58.38
C GLN A 22 -23.37 29.30 -57.47
N ARG A 23 -22.69 28.97 -56.37
CA ARG A 23 -23.32 28.17 -55.33
C ARG A 23 -24.19 29.04 -54.43
N ALA A 24 -23.83 30.32 -54.29
CA ALA A 24 -24.64 31.24 -53.50
C ALA A 24 -25.95 31.57 -54.18
N THR A 25 -25.90 31.92 -55.47
CA THR A 25 -27.08 32.44 -56.14
C THR A 25 -27.68 31.47 -57.17
N GLY A 26 -27.07 30.32 -57.41
CA GLY A 26 -27.61 29.38 -58.37
C GLY A 26 -27.55 29.85 -59.80
N GLU A 27 -26.41 30.34 -60.25
CA GLU A 27 -26.35 31.10 -61.49
C GLU A 27 -26.09 30.16 -62.68
N ARG A 28 -25.71 30.73 -63.82
CA ARG A 28 -25.66 30.07 -65.11
C ARG A 28 -24.45 29.17 -65.31
N LYS A 29 -24.17 28.88 -66.58
CA LYS A 29 -23.40 27.76 -67.18
C LYS A 29 -22.18 27.33 -66.35
N LYS A 30 -21.24 28.21 -66.03
CA LYS A 30 -20.04 27.78 -65.31
C LYS A 30 -19.59 28.84 -64.32
N HIS A 31 -18.62 28.45 -63.49
CA HIS A 31 -17.99 29.38 -62.56
C HIS A 31 -16.98 30.26 -63.27
N ALA A 32 -16.53 29.83 -64.46
CA ALA A 32 -15.39 30.45 -65.12
C ALA A 32 -15.69 31.87 -65.57
N LEU A 33 -16.90 32.10 -66.08
CA LEU A 33 -17.25 33.44 -66.54
C LEU A 33 -17.66 34.34 -65.37
N VAL A 34 -18.40 33.80 -64.41
CA VAL A 34 -18.98 34.63 -63.36
C VAL A 34 -17.93 34.99 -62.30
N GLY A 35 -16.87 34.19 -62.18
CA GLY A 35 -15.80 34.55 -61.27
C GLY A 35 -15.04 35.78 -61.73
N ALA A 36 -14.85 35.90 -63.05
CA ALA A 36 -14.21 37.09 -63.59
C ALA A 36 -15.12 38.30 -63.50
N ASP A 37 -16.44 38.08 -63.50
CA ASP A 37 -17.37 39.18 -63.27
C ASP A 37 -17.31 39.65 -61.83
N TRP A 38 -17.18 38.71 -60.88
CA TRP A 38 -16.97 39.05 -59.48
C TRP A 38 -15.66 39.80 -59.29
N PHE A 39 -14.60 39.38 -59.99
CA PHE A 39 -13.31 40.05 -59.88
C PHE A 39 -13.35 41.43 -60.54
N ASP A 40 -14.14 41.59 -61.60
CA ASP A 40 -14.30 42.90 -62.21
C ASP A 40 -15.13 43.82 -61.32
N GLU A 41 -16.03 43.24 -60.53
CA GLU A 41 -16.85 44.07 -59.66
C GLU A 41 -16.07 44.52 -58.42
N ILE A 42 -15.13 43.70 -57.94
CA ILE A 42 -14.45 44.10 -56.70
C ILE A 42 -13.36 45.14 -56.95
N ALA A 43 -12.55 44.97 -57.99
CA ALA A 43 -11.35 45.77 -58.16
C ALA A 43 -10.90 45.69 -59.61
N ASP A 44 -9.75 46.29 -59.90
CA ASP A 44 -9.26 46.50 -61.26
C ASP A 44 -7.87 45.89 -61.43
N ASN A 45 -7.81 44.73 -62.09
CA ASN A 45 -6.56 44.15 -62.58
C ASN A 45 -6.91 43.28 -63.78
N GLN A 46 -6.62 43.78 -64.99
CA GLN A 46 -7.14 43.17 -66.20
C GLN A 46 -6.45 41.85 -66.53
N VAL A 47 -5.18 41.71 -66.13
CA VAL A 47 -4.46 40.46 -66.39
C VAL A 47 -5.02 39.32 -65.57
N ILE A 48 -5.28 39.57 -64.28
CA ILE A 48 -5.95 38.59 -63.43
C ILE A 48 -7.36 38.31 -63.93
N SER A 49 -8.01 39.34 -64.49
CA SER A 49 -9.34 39.19 -65.06
C SER A 49 -9.35 38.22 -66.23
N ASP A 50 -8.41 38.37 -67.17
CA ASP A 50 -8.38 37.43 -68.30
C ASP A 50 -7.83 36.07 -67.88
N GLN A 51 -7.08 36.03 -66.78
CA GLN A 51 -6.65 34.73 -66.25
C GLN A 51 -7.85 33.93 -65.73
N ILE A 52 -8.77 34.59 -65.04
CA ILE A 52 -9.97 33.90 -64.57
C ILE A 52 -10.96 33.71 -65.73
N ARG A 53 -10.85 34.54 -66.78
CA ARG A 53 -11.75 34.41 -67.92
C ARG A 53 -11.47 33.15 -68.73
N TYR A 54 -10.20 32.86 -69.00
CA TYR A 54 -9.82 31.95 -70.07
C TYR A 54 -8.99 30.77 -69.58
N HIS A 55 -9.35 30.20 -68.43
CA HIS A 55 -8.60 29.04 -67.94
C HIS A 55 -9.14 27.72 -68.48
N MET A 56 -10.40 27.66 -68.89
CA MET A 56 -10.99 26.41 -69.35
C MET A 56 -10.48 26.07 -70.75
N ALA A 57 -10.86 24.88 -71.22
CA ALA A 57 -10.40 24.42 -72.52
C ALA A 57 -11.07 25.20 -73.66
N ASN A 58 -12.38 25.43 -73.54
CA ASN A 58 -13.08 26.19 -74.57
C ASN A 58 -12.82 27.68 -74.41
N TYR A 59 -12.33 28.11 -73.25
CA TYR A 59 -12.19 29.53 -72.98
C TYR A 59 -10.80 30.03 -73.32
N GLN A 60 -9.78 29.16 -73.27
CA GLN A 60 -8.41 29.59 -73.49
C GLN A 60 -8.14 29.91 -74.96
N SER A 61 -8.97 29.39 -75.86
CA SER A 61 -8.83 29.72 -77.27
C SER A 61 -9.31 31.13 -77.56
N ASP A 62 -10.15 31.68 -76.69
CA ASP A 62 -10.63 33.05 -76.87
C ASP A 62 -9.62 34.06 -76.37
N LYS A 63 -8.57 33.59 -75.68
CA LYS A 63 -7.56 34.50 -75.16
C LYS A 63 -6.63 35.00 -76.26
N LEU A 64 -5.98 34.08 -76.96
CA LEU A 64 -5.06 34.46 -78.04
C LEU A 64 -5.57 33.97 -79.38
N ASP A 67 0.93 33.48 -77.21
CA ASP A 67 1.28 33.44 -75.79
C ASP A 67 0.21 34.12 -74.94
N HIS A 68 -0.08 33.53 -73.78
CA HIS A 68 -0.93 34.14 -72.78
C HIS A 68 -0.55 33.58 -71.41
N LEU A 69 -1.09 34.18 -70.36
CA LEU A 69 -0.85 33.73 -68.99
C LEU A 69 -1.85 32.66 -68.61
N ALA A 70 -2.79 32.38 -69.51
CA ALA A 70 -3.88 31.44 -69.23
C ALA A 70 -3.58 30.01 -69.67
N TYR A 71 -2.71 29.82 -70.67
CA TYR A 71 -2.26 28.48 -71.02
C TYR A 71 -1.45 27.84 -69.90
N ILE A 72 -0.75 28.65 -69.10
CA ILE A 72 -0.25 28.20 -67.81
C ILE A 72 -1.40 27.78 -66.92
N THR A 73 -2.41 28.66 -66.80
CA THR A 73 -3.40 28.60 -65.73
C THR A 73 -4.30 27.37 -65.86
N TYR A 74 -4.41 26.83 -67.07
CA TYR A 74 -5.11 25.56 -67.26
C TYR A 74 -4.35 24.42 -66.61
N ILE A 75 -3.08 24.25 -66.99
CA ILE A 75 -2.31 23.09 -66.51
C ILE A 75 -1.88 23.27 -65.06
N ALA A 76 -1.98 24.49 -64.53
CA ALA A 76 -1.82 24.71 -63.11
C ALA A 76 -2.97 24.13 -62.30
N ASP A 77 -4.11 23.90 -62.93
CA ASP A 77 -5.29 23.41 -62.20
C ASP A 77 -5.42 21.90 -62.21
N ASN A 78 -5.16 21.27 -63.35
CA ASN A 78 -5.50 19.86 -63.51
C ASN A 78 -4.54 18.96 -62.75
N ILE A 79 -3.27 19.35 -62.65
CA ILE A 79 -2.33 18.58 -61.86
C ILE A 79 -2.54 18.86 -60.38
N ALA A 80 -2.99 20.06 -60.04
CA ALA A 80 -3.31 20.37 -58.65
C ALA A 80 -4.56 19.63 -58.17
N SER A 81 -5.46 19.29 -59.08
CA SER A 81 -6.58 18.43 -58.75
C SER A 81 -6.10 16.98 -58.80
N GLY A 82 -6.60 16.15 -57.89
CA GLY A 82 -6.23 14.75 -57.84
C GLY A 82 -6.66 14.00 -59.09
N VAL A 83 -7.81 14.38 -59.64
CA VAL A 83 -8.26 13.84 -60.91
C VAL A 83 -8.17 14.92 -61.98
N ASP A 84 -8.69 14.64 -63.18
CA ASP A 84 -8.68 15.60 -64.26
C ASP A 84 -10.10 15.95 -64.70
N THR A 103 -22.50 22.10 -57.66
CA THR A 103 -23.91 21.78 -57.55
C THR A 103 -24.43 22.04 -56.13
N TYR A 104 -24.69 20.97 -55.38
CA TYR A 104 -25.34 21.08 -54.08
C TYR A 104 -24.75 20.15 -53.03
N THR A 105 -23.65 19.48 -53.30
CA THR A 105 -23.13 18.51 -52.34
C THR A 105 -22.38 19.21 -51.22
N ASN A 106 -22.28 18.53 -50.09
CA ASN A 106 -21.52 19.01 -48.95
C ASN A 106 -20.08 18.49 -49.01
N GLN A 107 -19.25 18.99 -48.11
CA GLN A 107 -17.87 18.53 -48.04
C GLN A 107 -17.82 17.15 -47.38
N ALA A 108 -17.20 16.20 -48.07
CA ALA A 108 -17.03 14.87 -47.48
C ALA A 108 -15.91 14.89 -46.46
N ASP A 109 -15.85 13.84 -45.65
CA ASP A 109 -14.86 13.77 -44.60
C ASP A 109 -13.51 13.37 -45.15
N ILE A 110 -12.45 13.93 -44.55
CA ILE A 110 -11.10 13.45 -44.81
C ILE A 110 -10.93 12.06 -44.23
N PHE A 111 -11.61 11.78 -43.13
CA PHE A 111 -11.55 10.47 -42.50
C PHE A 111 -12.51 9.47 -43.11
N ASN A 112 -13.35 9.91 -44.06
CA ASN A 112 -14.10 8.98 -44.88
C ASN A 112 -13.19 8.16 -45.78
N VAL A 113 -12.04 8.73 -46.17
CA VAL A 113 -11.06 7.99 -46.96
C VAL A 113 -9.88 7.54 -46.11
N PHE A 114 -9.92 7.78 -44.80
CA PHE A 114 -8.97 7.18 -43.88
C PHE A 114 -9.56 5.91 -43.29
N GLY A 115 -8.71 4.92 -43.09
CA GLY A 115 -9.08 3.74 -42.33
C GLY A 115 -9.56 2.60 -43.20
N ALA A 116 -10.67 2.01 -42.82
CA ALA A 116 -11.34 0.98 -43.60
C ALA A 116 -12.75 1.46 -43.93
N GLN A 117 -13.55 0.55 -44.49
CA GLN A 117 -14.94 0.86 -44.80
C GLN A 117 -15.72 0.96 -43.49
N THR A 118 -16.04 2.18 -43.08
CA THR A 118 -16.58 2.48 -41.76
C THR A 118 -17.72 3.46 -41.95
N ASP A 119 -18.12 4.10 -40.84
CA ASP A 119 -19.20 5.08 -40.87
C ASP A 119 -18.81 6.29 -41.71
N LYS A 120 -19.56 6.52 -42.78
CA LYS A 120 -19.29 7.60 -43.72
C LYS A 120 -19.92 8.89 -43.21
N ARG A 121 -19.12 9.96 -43.20
CA ARG A 121 -19.54 11.23 -42.64
C ARG A 121 -19.38 12.32 -43.69
N TYR A 122 -20.11 13.43 -43.48
CA TYR A 122 -20.01 14.59 -44.35
C TYR A 122 -19.96 15.84 -43.48
N PHE A 123 -19.19 16.83 -43.94
CA PHE A 123 -19.00 18.05 -43.15
C PHE A 123 -20.24 18.93 -43.20
N LYS A 124 -20.20 19.98 -42.39
CA LYS A 124 -21.28 20.96 -42.29
C LYS A 124 -20.71 22.33 -42.63
N PRO A 125 -21.24 23.03 -43.64
CA PRO A 125 -20.57 24.26 -44.10
C PRO A 125 -20.76 25.43 -43.16
N THR A 126 -19.72 25.72 -42.39
CA THR A 126 -19.61 26.92 -41.55
C THR A 126 -18.30 27.62 -41.87
N VAL A 127 -18.18 28.85 -41.40
CA VAL A 127 -16.91 29.55 -41.46
C VAL A 127 -16.10 29.18 -40.22
N LEU A 128 -14.85 29.63 -40.16
CA LEU A 128 -14.01 29.41 -38.99
C LEU A 128 -14.05 30.66 -38.12
N ASN A 129 -14.08 30.44 -36.81
CA ASN A 129 -14.17 31.53 -35.86
C ASN A 129 -13.31 31.19 -34.64
N LEU A 130 -12.96 32.18 -33.85
CA LEU A 130 -12.05 31.91 -32.72
C LEU A 130 -12.73 31.34 -31.50
N LYS A 131 -12.35 30.11 -31.18
CA LYS A 131 -12.86 29.34 -30.04
C LYS A 131 -14.38 29.23 -30.06
N SER A 132 -14.96 29.02 -31.24
CA SER A 132 -16.39 28.92 -31.35
C SER A 132 -16.83 27.58 -31.93
N LYS A 133 -16.21 27.19 -33.03
CA LYS A 133 -16.65 25.95 -33.66
C LYS A 133 -15.66 24.83 -33.99
N PRO A 134 -16.02 23.64 -33.52
CA PRO A 134 -15.57 22.25 -33.63
C PRO A 134 -16.52 21.41 -34.48
N ASN A 135 -16.53 21.69 -35.78
CA ASN A 135 -17.51 21.09 -36.69
C ASN A 135 -17.19 19.63 -36.98
N PHE A 136 -17.74 18.76 -36.14
CA PHE A 136 -17.61 17.33 -36.35
C PHE A 136 -18.52 16.87 -37.48
N ALA A 137 -17.96 16.15 -38.44
CA ALA A 137 -18.76 15.62 -39.55
C ALA A 137 -19.61 14.45 -39.08
N SER A 138 -20.72 14.25 -39.78
CA SER A 138 -21.61 13.11 -39.54
C SER A 138 -22.44 12.89 -40.80
N ALA A 139 -23.51 12.10 -40.68
CA ALA A 139 -24.48 11.95 -41.75
C ALA A 139 -25.66 12.89 -41.59
N THR A 140 -25.76 13.59 -40.47
CA THR A 140 -26.85 14.53 -40.21
C THR A 140 -26.66 15.87 -40.91
N TYR A 141 -25.52 16.08 -41.58
CA TYR A 141 -25.26 17.31 -42.32
C TYR A 141 -25.14 17.04 -43.81
N GLU A 142 -25.67 15.92 -44.27
CA GLU A 142 -25.81 15.68 -45.70
C GLU A 142 -26.72 16.69 -46.42
N PRO A 143 -27.81 17.23 -45.84
CA PRO A 143 -28.46 18.38 -46.46
C PRO A 143 -27.57 19.60 -46.58
N PHE A 144 -27.97 20.49 -47.49
CA PHE A 144 -27.11 21.53 -48.05
C PHE A 144 -27.57 22.91 -47.62
N SER A 145 -26.61 23.78 -47.35
CA SER A 145 -26.86 25.14 -46.88
C SER A 145 -26.63 26.12 -48.02
N LYS A 146 -27.69 26.82 -48.43
CA LYS A 146 -27.59 27.84 -49.48
C LYS A 146 -27.58 29.26 -48.93
N GLY A 147 -28.00 29.45 -47.67
CA GLY A 147 -28.04 30.79 -47.12
C GLY A 147 -26.73 31.20 -46.47
N ASP A 148 -25.97 30.23 -45.96
CA ASP A 148 -24.71 30.53 -45.27
C ASP A 148 -23.64 31.03 -46.23
N TYR A 149 -23.83 30.84 -47.53
CA TYR A 149 -22.97 31.48 -48.53
C TYR A 149 -23.06 33.00 -48.44
N ALA A 150 -24.24 33.52 -48.07
CA ALA A 150 -24.36 34.94 -47.79
C ALA A 150 -23.56 35.32 -46.55
N ALA A 151 -23.39 34.38 -45.62
CA ALA A 151 -22.51 34.62 -44.48
C ALA A 151 -21.06 34.33 -44.85
N ILE A 152 -20.80 33.81 -46.05
CA ILE A 152 -19.43 33.51 -46.45
C ILE A 152 -19.01 34.37 -47.62
N ALA A 153 -19.67 34.21 -48.78
CA ALA A 153 -19.19 34.81 -50.03
C ALA A 153 -19.32 36.31 -50.02
N THR A 154 -20.50 36.83 -49.64
CA THR A 154 -20.65 38.25 -49.38
C THR A 154 -19.75 38.73 -48.25
N ARG A 155 -19.46 37.86 -47.27
CA ARG A 155 -18.43 38.14 -46.27
C ARG A 155 -17.10 38.46 -46.92
N ILE A 156 -16.70 37.63 -47.90
CA ILE A 156 -15.51 37.94 -48.70
C ILE A 156 -15.71 39.24 -49.45
N LYS A 157 -16.91 39.45 -49.99
CA LYS A 157 -17.24 40.70 -50.67
C LYS A 157 -17.18 41.89 -49.71
N ASN A 158 -17.38 41.64 -48.41
CA ASN A 158 -16.98 42.65 -47.45
C ASN A 158 -15.46 42.82 -47.44
N GLU A 159 -14.75 41.79 -46.96
CA GLU A 159 -13.38 41.99 -46.50
C GLU A 159 -12.40 42.09 -47.66
N LEU A 160 -12.77 41.55 -48.81
CA LEU A 160 -11.99 41.65 -50.03
C LEU A 160 -12.65 42.59 -51.02
N ALA A 161 -13.40 43.60 -50.52
CA ALA A 161 -14.03 44.58 -51.40
C ALA A 161 -13.00 45.38 -52.18
N GLU A 162 -12.19 46.17 -51.49
CA GLU A 162 -11.12 46.94 -52.11
C GLU A 162 -9.81 46.36 -51.62
N PHE A 163 -9.35 45.31 -52.30
CA PHE A 163 -8.14 44.60 -51.94
C PHE A 163 -7.05 44.99 -52.93
N GLU A 164 -6.06 45.74 -52.45
CA GLU A 164 -4.90 46.03 -53.28
C GLU A 164 -4.06 44.77 -53.47
N PHE A 165 -3.58 44.58 -54.69
CA PHE A 165 -2.89 43.36 -55.09
C PHE A 165 -1.39 43.60 -55.04
N ASN A 166 -0.81 43.39 -53.86
CA ASN A 166 0.59 43.68 -53.59
C ASN A 166 1.19 42.57 -52.75
N GLN A 167 2.49 42.68 -52.51
CA GLN A 167 3.22 41.70 -51.71
C GLN A 167 3.05 41.89 -50.22
N VAL A 168 2.85 43.14 -49.77
CA VAL A 168 2.59 43.41 -48.35
C VAL A 168 1.29 42.75 -47.91
N GLN A 169 0.31 42.69 -48.80
CA GLN A 169 -0.89 41.90 -48.61
C GLN A 169 -0.89 40.69 -49.53
N ILE A 170 0.27 40.05 -49.69
CA ILE A 170 0.26 38.70 -50.23
C ILE A 170 -0.15 37.71 -49.14
N ASP A 171 -0.14 38.16 -47.88
CA ASP A 171 -0.25 37.26 -46.75
C ASP A 171 -1.71 36.97 -46.40
N SER A 172 -2.48 38.02 -46.11
CA SER A 172 -3.81 37.91 -45.52
C SER A 172 -4.83 37.24 -46.42
N LEU A 173 -4.71 37.38 -47.74
CA LEU A 173 -5.59 36.64 -48.64
C LEU A 173 -5.35 35.13 -48.52
N LEU A 174 -4.09 34.73 -48.30
CA LEU A 174 -3.80 33.35 -47.99
C LEU A 174 -4.30 32.94 -46.61
N ASN A 175 -4.58 33.91 -45.74
CA ASN A 175 -5.39 33.64 -44.56
C ASN A 175 -6.83 33.31 -44.96
N LEU A 176 -7.36 34.06 -45.92
CA LEU A 176 -8.81 34.28 -46.02
C LEU A 176 -9.54 33.01 -46.42
N PHE A 177 -8.98 32.25 -47.36
CA PHE A 177 -9.59 31.00 -47.79
C PHE A 177 -9.61 29.98 -46.67
N GLU A 178 -8.58 30.00 -45.81
CA GLU A 178 -8.56 29.13 -44.64
C GLU A 178 -9.66 29.51 -43.66
N ALA A 179 -10.07 30.78 -43.67
CA ALA A 179 -11.24 31.16 -42.89
C ALA A 179 -12.53 30.74 -43.58
N THR A 180 -12.57 30.78 -44.91
CA THR A 180 -13.83 30.74 -45.62
C THR A 180 -14.10 29.47 -46.40
N LEU A 181 -13.09 28.93 -47.08
CA LEU A 181 -13.30 27.81 -48.00
C LEU A 181 -12.64 26.53 -47.50
N SER A 182 -12.36 26.46 -46.20
CA SER A 182 -11.76 25.25 -45.64
C SER A 182 -12.80 24.14 -45.48
N PHE A 183 -14.08 24.52 -45.41
CA PHE A 183 -15.16 23.56 -45.29
C PHE A 183 -16.00 23.47 -46.57
N VAL A 184 -15.59 24.16 -47.63
CA VAL A 184 -16.34 24.16 -48.88
C VAL A 184 -15.65 23.24 -49.87
N PRO A 185 -16.36 22.26 -50.44
CA PRO A 185 -15.71 21.28 -51.32
C PRO A 185 -15.60 21.79 -52.75
N SER A 186 -15.12 20.90 -53.62
CA SER A 186 -15.13 21.08 -55.06
C SER A 186 -15.64 19.80 -55.70
N SER A 187 -16.09 19.93 -56.96
CA SER A 187 -16.62 18.83 -57.78
C SER A 187 -17.79 18.14 -57.09
N THR A 188 -18.91 18.86 -56.98
CA THR A 188 -20.05 18.37 -56.21
C THR A 188 -20.74 17.19 -56.88
N ASN A 189 -20.88 17.22 -58.21
CA ASN A 189 -21.58 16.16 -58.94
C ASN A 189 -20.57 15.08 -59.36
N THR A 190 -20.18 14.27 -58.39
CA THR A 190 -19.22 13.19 -58.61
C THR A 190 -19.67 11.95 -57.85
N LYS A 191 -18.91 10.88 -57.99
CA LYS A 191 -19.26 9.61 -57.35
C LYS A 191 -18.14 9.04 -56.49
N GLU A 192 -16.88 9.30 -56.87
CA GLU A 192 -15.73 8.56 -56.28
C GLU A 192 -14.78 9.51 -55.55
N ILE A 193 -14.30 10.56 -56.24
CA ILE A 193 -13.34 11.51 -55.70
C ILE A 193 -14.10 12.75 -55.24
N ALA A 194 -14.33 12.85 -53.93
CA ALA A 194 -15.35 13.76 -53.43
C ALA A 194 -15.02 14.52 -52.14
N ASP A 195 -13.75 14.60 -51.72
CA ASP A 195 -13.46 15.16 -50.40
C ASP A 195 -12.39 16.24 -50.43
N ILE A 196 -12.24 16.97 -51.52
CA ILE A 196 -11.23 18.01 -51.62
C ILE A 196 -11.86 19.35 -51.24
N SER A 197 -11.36 19.95 -50.16
CA SER A 197 -11.79 21.29 -49.79
C SER A 197 -11.19 22.31 -50.76
N LEU A 198 -11.85 23.47 -50.84
CA LEU A 198 -11.52 24.39 -51.92
C LEU A 198 -10.35 25.31 -51.55
N ALA A 199 -10.12 25.53 -50.25
CA ALA A 199 -9.02 26.41 -49.83
C ALA A 199 -7.67 25.76 -50.07
N ASP A 200 -7.52 24.51 -49.64
CA ASP A 200 -6.27 23.80 -49.87
C ASP A 200 -6.09 23.46 -51.34
N HIS A 201 -7.19 23.27 -52.08
CA HIS A 201 -7.10 23.13 -53.53
C HIS A 201 -6.59 24.41 -54.17
N SER A 202 -7.02 25.56 -53.65
CA SER A 202 -6.53 26.84 -54.19
C SER A 202 -5.07 27.06 -53.86
N ARG A 203 -4.65 26.65 -52.64
CA ARG A 203 -3.24 26.73 -52.26
C ARG A 203 -2.38 25.85 -53.16
N LEU A 204 -2.84 24.64 -53.43
CA LEU A 204 -2.10 23.73 -54.32
C LEU A 204 -2.12 24.23 -55.76
N THR A 205 -3.21 24.88 -56.19
CA THR A 205 -3.27 25.40 -57.55
C THR A 205 -2.31 26.56 -57.74
N ALA A 206 -2.24 27.46 -56.75
CA ALA A 206 -1.28 28.55 -56.83
C ALA A 206 0.16 28.04 -56.72
N ALA A 207 0.39 26.98 -55.93
CA ALA A 207 1.71 26.38 -55.86
C ALA A 207 2.12 25.77 -57.19
N PHE A 208 1.20 25.08 -57.85
CA PHE A 208 1.49 24.48 -59.15
C PHE A 208 1.70 25.55 -60.22
N ALA A 209 0.95 26.66 -60.14
CA ALA A 209 1.17 27.77 -61.06
C ALA A 209 2.54 28.40 -60.87
N LEU A 210 2.98 28.55 -59.61
CA LEU A 210 4.32 29.07 -59.36
C LEU A 210 5.40 28.10 -59.84
N ALA A 211 5.14 26.79 -59.71
CA ALA A 211 6.08 25.78 -60.19
C ALA A 211 6.21 25.81 -61.71
N ILE A 212 5.07 25.84 -62.42
CA ILE A 212 5.08 25.97 -63.88
C ILE A 212 5.75 27.27 -64.31
N TYR A 213 5.50 28.37 -63.60
CA TYR A 213 6.08 29.64 -64.00
C TYR A 213 7.59 29.65 -63.81
N ASP A 214 8.10 29.08 -62.71
CA ASP A 214 9.55 29.04 -62.52
C ASP A 214 10.22 28.06 -63.48
N TYR A 215 9.59 26.92 -63.75
CA TYR A 215 10.20 25.97 -64.69
C TYR A 215 10.16 26.48 -66.13
N LEU A 216 9.16 27.29 -66.47
CA LEU A 216 9.01 27.78 -67.83
C LEU A 216 9.68 29.12 -68.06
N GLU A 217 9.99 29.87 -66.99
CA GLU A 217 10.71 31.12 -67.11
C GLU A 217 12.17 30.99 -66.71
N ASP A 218 12.59 29.83 -66.20
CA ASP A 218 14.01 29.56 -66.09
C ASP A 218 14.57 28.92 -67.35
N LYS A 219 13.73 28.22 -68.12
CA LYS A 219 14.12 27.73 -69.43
C LYS A 219 13.87 28.77 -70.53
N GLY A 220 13.18 29.86 -70.21
CA GLY A 220 13.00 30.94 -71.17
C GLY A 220 11.98 30.69 -72.24
N ARG A 221 11.07 29.74 -72.06
CA ARG A 221 10.04 29.51 -73.05
C ARG A 221 8.97 30.58 -72.95
N HIS A 222 8.47 31.00 -74.11
CA HIS A 222 7.48 32.08 -74.19
C HIS A 222 6.13 31.58 -74.66
N ASN A 223 6.07 30.95 -75.83
CA ASN A 223 4.80 30.49 -76.40
C ASN A 223 4.31 29.28 -75.63
N TYR A 224 3.34 29.50 -74.74
CA TYR A 224 2.69 28.43 -73.99
C TYR A 224 1.47 27.88 -74.70
N LYS A 225 1.16 28.39 -75.89
CA LYS A 225 -0.06 28.00 -76.59
C LYS A 225 0.06 26.62 -77.22
N GLU A 226 1.28 26.10 -77.36
CA GLU A 226 1.45 24.82 -78.01
C GLU A 226 2.08 23.76 -77.12
N ASP A 227 3.15 24.10 -76.39
CA ASP A 227 3.86 23.11 -75.61
C ASP A 227 3.11 22.76 -74.33
N LEU A 228 2.15 23.59 -73.95
CA LEU A 228 1.32 23.27 -72.78
C LEU A 228 -0.07 22.81 -73.23
N PHE A 229 -0.60 23.38 -74.31
CA PHE A 229 -1.97 23.11 -74.71
C PHE A 229 -2.11 21.99 -75.73
N THR A 230 -1.55 22.14 -76.93
CA THR A 230 -1.83 21.16 -77.97
C THR A 230 -0.94 19.94 -77.83
N LYS A 231 0.13 20.04 -77.04
CA LYS A 231 0.89 18.89 -76.59
C LYS A 231 0.98 18.97 -75.07
N VAL A 232 -0.08 18.51 -74.40
CA VAL A 232 -0.11 18.55 -72.94
C VAL A 232 0.61 17.34 -72.36
N SER A 233 0.75 16.28 -73.16
CA SER A 233 1.36 15.04 -72.69
C SER A 233 2.85 15.20 -72.47
N ALA A 234 3.47 16.16 -73.18
CA ALA A 234 4.92 16.35 -73.09
C ALA A 234 5.33 16.87 -71.72
N PHE A 235 4.77 18.01 -71.30
CA PHE A 235 4.99 18.49 -69.95
C PHE A 235 4.28 17.63 -68.92
N TYR A 236 3.17 17.00 -69.30
CA TYR A 236 2.40 16.14 -68.42
C TYR A 236 3.16 14.87 -68.06
N GLU A 237 4.19 14.51 -68.83
CA GLU A 237 5.06 13.39 -68.52
C GLU A 237 6.51 13.85 -68.49
N GLU A 238 6.76 15.00 -67.87
CA GLU A 238 8.10 15.56 -67.74
C GLU A 238 8.39 15.83 -66.27
N GLU A 239 9.51 15.27 -65.78
CA GLU A 239 9.88 15.39 -64.37
C GLU A 239 10.38 16.80 -64.10
N ALA A 240 9.44 17.71 -63.89
CA ALA A 240 9.74 19.12 -63.78
C ALA A 240 9.29 19.70 -62.45
N PHE A 241 9.05 18.86 -61.45
CA PHE A 241 8.62 19.35 -60.14
C PHE A 241 9.51 18.78 -59.06
N LEU A 242 9.63 19.52 -57.96
CA LEU A 242 10.32 19.07 -56.78
C LEU A 242 9.34 19.03 -55.63
N LEU A 243 9.31 17.93 -54.91
CA LEU A 243 8.62 17.84 -53.64
C LEU A 243 9.73 17.99 -52.61
N ALA A 244 9.87 19.19 -52.07
CA ALA A 244 10.94 19.46 -51.12
C ALA A 244 10.42 19.32 -49.70
N SER A 245 11.35 19.19 -48.78
CA SER A 245 11.03 19.08 -47.38
C SER A 245 12.13 19.70 -46.57
N PHE A 246 11.86 19.92 -45.28
CA PHE A 246 12.93 19.98 -44.31
C PHE A 246 12.48 19.28 -43.04
N ASP A 247 13.30 18.35 -42.59
CA ASP A 247 13.16 17.72 -41.29
C ASP A 247 14.11 18.45 -40.36
N LEU A 248 13.58 19.03 -39.31
CA LEU A 248 14.42 19.63 -38.30
C LEU A 248 14.88 18.53 -37.35
N SER A 249 16.08 18.68 -36.80
CA SER A 249 16.65 17.64 -35.96
C SER A 249 17.19 18.27 -34.69
N GLY A 250 16.89 17.62 -33.56
CA GLY A 250 17.16 18.18 -32.26
C GLY A 250 15.98 18.86 -31.63
N ILE A 251 14.77 18.64 -32.15
CA ILE A 251 13.58 19.38 -31.71
C ILE A 251 13.23 19.03 -30.27
N GLN A 252 13.02 17.75 -30.00
CA GLN A 252 12.67 17.31 -28.66
C GLN A 252 13.81 17.52 -27.69
N ASP A 253 15.05 17.49 -28.18
CA ASP A 253 16.18 17.80 -27.33
C ASP A 253 16.28 19.30 -27.05
N PHE A 254 15.80 20.14 -27.97
CA PHE A 254 15.78 21.57 -27.70
C PHE A 254 14.64 21.95 -26.77
N ILE A 255 13.50 21.26 -26.91
CA ILE A 255 12.38 21.48 -26.00
C ILE A 255 12.74 21.01 -24.59
N TYR A 256 13.20 19.77 -24.46
CA TYR A 256 13.51 19.19 -23.16
C TYR A 256 14.95 19.46 -22.73
N ASN A 257 15.53 20.56 -23.20
CA ASN A 257 16.77 21.07 -22.62
C ASN A 257 16.56 21.65 -21.23
N ILE A 258 15.31 21.87 -20.82
CA ILE A 258 14.98 22.17 -19.44
C ILE A 258 15.40 21.01 -18.54
N ASN A 259 15.94 21.36 -17.37
CA ASN A 259 16.31 20.34 -16.39
C ASN A 259 15.60 20.59 -15.06
N ILE A 260 15.95 19.80 -14.08
CA ILE A 260 15.35 19.87 -12.75
C ILE A 260 16.00 21.03 -11.99
N ALA A 261 15.22 21.68 -11.11
CA ALA A 261 15.56 22.92 -10.41
C ALA A 261 15.90 24.05 -11.39
N THR A 262 14.88 24.43 -12.16
CA THR A 262 14.98 25.45 -13.20
C THR A 262 13.85 26.44 -13.00
N ASN A 263 14.10 27.71 -13.38
CA ASN A 263 13.14 28.81 -13.27
C ASN A 263 11.84 28.54 -14.02
N GLY A 264 11.92 28.38 -15.34
CA GLY A 264 10.72 28.35 -16.15
C GLY A 264 10.05 27.00 -16.15
N ALA A 265 8.98 26.88 -15.37
CA ALA A 265 8.16 25.68 -15.36
C ALA A 265 7.48 25.49 -16.71
N ALA A 266 6.60 26.41 -17.07
CA ALA A 266 5.93 26.41 -18.35
C ALA A 266 6.31 27.59 -19.22
N LYS A 267 6.86 28.66 -18.65
CA LYS A 267 7.32 29.80 -19.43
C LYS A 267 8.45 29.40 -20.36
N GLN A 268 9.48 28.76 -19.80
CA GLN A 268 10.62 28.25 -20.57
C GLN A 268 10.18 27.26 -21.64
N LEU A 269 9.26 26.36 -21.28
CA LEU A 269 8.91 25.28 -22.19
C LEU A 269 7.99 25.75 -23.30
N LYS A 270 7.03 26.61 -22.96
CA LYS A 270 6.21 27.30 -23.95
C LYS A 270 7.06 28.12 -24.90
N ALA A 271 8.02 28.87 -24.36
CA ALA A 271 8.88 29.71 -25.19
C ALA A 271 9.75 28.88 -26.11
N ARG A 272 10.28 27.76 -25.61
CA ARG A 272 11.15 26.92 -26.44
C ARG A 272 10.37 26.22 -27.54
N SER A 273 9.24 25.60 -27.20
CA SER A 273 8.52 24.88 -28.24
C SER A 273 7.56 25.75 -29.03
N LEU A 274 7.53 27.05 -28.75
CA LEU A 274 6.93 27.99 -29.69
C LEU A 274 7.99 28.61 -30.58
N TYR A 275 9.19 28.81 -30.04
CA TYR A 275 10.29 29.35 -30.81
C TYR A 275 10.77 28.35 -31.86
N LEU A 276 10.69 27.06 -31.53
CA LEU A 276 10.96 26.05 -32.55
C LEU A 276 9.87 26.00 -33.62
N ASP A 277 8.62 26.27 -33.22
CA ASP A 277 7.54 26.31 -34.20
C ASP A 277 7.70 27.50 -35.13
N PHE A 278 8.13 28.64 -34.59
CA PHE A 278 8.37 29.80 -35.43
C PHE A 278 9.64 29.65 -36.25
N MET A 279 10.61 28.86 -35.77
CA MET A 279 11.76 28.53 -36.58
C MET A 279 11.37 27.63 -37.75
N SER A 280 10.52 26.64 -37.50
CA SER A 280 10.04 25.78 -38.58
C SER A 280 9.08 26.51 -39.51
N GLU A 281 8.49 27.62 -39.06
CA GLU A 281 7.72 28.47 -39.94
C GLU A 281 8.64 29.38 -40.76
N TYR A 282 9.68 29.92 -40.12
CA TYR A 282 10.54 30.89 -40.81
C TYR A 282 11.51 30.21 -41.76
N ILE A 283 11.82 28.93 -41.55
CA ILE A 283 12.63 28.21 -42.54
C ILE A 283 11.87 28.13 -43.86
N ALA A 284 10.56 27.88 -43.78
CA ALA A 284 9.68 28.01 -44.95
C ALA A 284 9.67 29.45 -45.47
N ASP A 285 9.42 30.42 -44.59
CA ASP A 285 9.23 31.80 -45.03
C ASP A 285 10.50 32.47 -45.49
N SER A 286 11.65 31.86 -45.25
CA SER A 286 12.91 32.29 -45.84
C SER A 286 13.26 31.49 -47.08
N LEU A 287 12.80 30.24 -47.16
CA LEU A 287 12.97 29.42 -48.37
C LEU A 287 12.14 29.94 -49.53
N LEU A 288 10.96 30.48 -49.26
CA LEU A 288 10.04 30.83 -50.33
C LEU A 288 10.39 32.17 -50.96
N ASP A 289 10.65 33.19 -50.15
CA ASP A 289 10.97 34.51 -50.71
C ASP A 289 12.39 34.59 -51.25
N LYS A 290 13.26 33.65 -50.87
CA LYS A 290 14.54 33.53 -51.57
C LYS A 290 14.34 33.06 -53.00
N LEU A 291 13.29 32.28 -53.23
CA LEU A 291 12.81 31.98 -54.56
C LEU A 291 11.74 33.03 -54.91
N GLY A 292 10.98 32.80 -55.98
CA GLY A 292 9.84 33.67 -56.21
C GLY A 292 8.58 33.30 -55.47
N LEU A 293 8.65 32.28 -54.62
CA LEU A 293 7.47 31.62 -54.11
C LEU A 293 6.96 32.31 -52.84
N ASN A 294 5.87 31.77 -52.29
CA ASN A 294 5.26 32.30 -51.07
C ASN A 294 4.57 31.15 -50.35
N ARG A 295 3.65 31.50 -49.44
CA ARG A 295 3.04 30.56 -48.50
C ARG A 295 2.22 29.47 -49.16
N ALA A 296 1.80 29.66 -50.42
CA ALA A 296 1.01 28.64 -51.09
C ALA A 296 1.84 27.42 -51.48
N ASN A 297 3.15 27.59 -51.65
CA ASN A 297 4.00 26.46 -52.04
C ASN A 297 4.31 25.57 -50.86
N MET A 298 4.46 26.16 -49.67
CA MET A 298 4.61 25.37 -48.46
C MET A 298 3.29 24.68 -48.16
N LEU A 299 3.29 23.35 -48.20
CA LEU A 299 2.07 22.61 -47.95
C LEU A 299 1.82 22.43 -46.47
N TYR A 300 2.76 21.80 -45.77
CA TYR A 300 2.51 21.47 -44.37
C TYR A 300 3.75 21.71 -43.54
N VAL A 301 3.62 22.57 -42.53
CA VAL A 301 4.64 22.73 -41.50
C VAL A 301 4.07 22.14 -40.20
N GLY A 302 4.85 21.31 -39.53
CA GLY A 302 4.39 20.66 -38.33
C GLY A 302 5.40 20.70 -37.21
N GLY A 303 5.73 19.54 -36.66
CA GLY A 303 6.75 19.47 -35.62
C GLY A 303 8.14 19.34 -36.20
N GLY A 304 8.62 20.40 -36.84
CA GLY A 304 9.91 20.38 -37.49
C GLY A 304 9.85 19.88 -38.92
N HIS A 305 9.12 18.80 -39.15
CA HIS A 305 8.93 18.31 -40.51
C HIS A 305 8.04 19.27 -41.29
N ALA A 306 8.43 19.56 -42.53
CA ALA A 306 7.60 20.39 -43.38
C ALA A 306 7.82 19.99 -44.83
N TYR A 307 6.73 19.99 -45.60
CA TYR A 307 6.71 19.54 -46.98
C TYR A 307 6.13 20.62 -47.88
N PHE A 308 6.67 20.69 -49.11
CA PHE A 308 6.53 21.80 -50.03
C PHE A 308 6.12 21.29 -51.42
N VAL A 309 5.94 22.23 -52.33
CA VAL A 309 5.95 21.99 -53.78
C VAL A 309 6.77 23.09 -54.41
N LEU A 310 7.92 22.75 -54.99
CA LEU A 310 8.78 23.70 -55.67
C LEU A 310 8.98 23.28 -57.12
N ALA A 311 9.61 24.16 -57.90
CA ALA A 311 9.95 23.86 -59.27
C ALA A 311 11.31 23.17 -59.33
N ASN A 312 11.65 22.65 -60.51
CA ASN A 312 12.87 21.88 -60.71
C ASN A 312 13.78 22.59 -61.71
N THR A 313 14.78 23.30 -61.20
CA THR A 313 15.82 23.91 -62.01
C THR A 313 17.04 24.13 -61.13
N GLU A 314 18.12 24.63 -61.74
CA GLU A 314 19.33 24.92 -61.00
C GLU A 314 19.16 26.13 -60.08
N LYS A 315 18.38 27.12 -60.50
CA LYS A 315 18.13 28.29 -59.66
C LYS A 315 17.28 27.94 -58.45
N THR A 316 16.54 26.84 -58.49
CA THR A 316 15.89 26.33 -57.28
C THR A 316 16.90 25.59 -56.42
N VAL A 317 17.62 24.63 -57.00
CA VAL A 317 18.36 23.63 -56.22
C VAL A 317 19.61 24.26 -55.59
N GLU A 318 20.37 25.03 -56.36
CA GLU A 318 21.58 25.64 -55.83
C GLU A 318 21.27 26.70 -54.79
N THR A 319 20.14 27.40 -54.93
CA THR A 319 19.71 28.32 -53.89
C THR A 319 19.22 27.59 -52.65
N LEU A 320 18.60 26.42 -52.83
CA LEU A 320 18.24 25.58 -51.69
C LEU A 320 19.47 25.16 -50.90
N VAL A 321 20.50 24.68 -51.59
CA VAL A 321 21.72 24.25 -50.90
C VAL A 321 22.46 25.46 -50.32
N GLN A 322 22.34 26.62 -50.96
CA GLN A 322 22.97 27.84 -50.45
C GLN A 322 22.32 28.28 -49.13
N PHE A 323 21.00 28.32 -49.08
CA PHE A 323 20.38 28.68 -47.81
C PHE A 323 20.42 27.55 -46.80
N GLU A 324 20.57 26.30 -47.25
CA GLU A 324 20.82 25.21 -46.33
C GLU A 324 22.13 25.41 -45.60
N LYS A 325 23.20 25.71 -46.34
CA LYS A 325 24.49 25.96 -45.71
C LYS A 325 24.50 27.26 -44.92
N ASP A 326 23.74 28.27 -45.35
CA ASP A 326 23.67 29.53 -44.60
C ASP A 326 22.92 29.35 -43.29
N PHE A 327 21.78 28.68 -43.32
CA PHE A 327 21.02 28.43 -42.11
C PHE A 327 21.73 27.45 -41.20
N ASN A 328 22.49 26.51 -41.77
CA ASN A 328 23.29 25.62 -40.95
C ASN A 328 24.44 26.37 -40.30
N GLN A 329 25.00 27.36 -40.99
CA GLN A 329 25.99 28.23 -40.38
C GLN A 329 25.38 29.07 -39.27
N PHE A 330 24.12 29.46 -39.44
CA PHE A 330 23.40 30.22 -38.40
C PHE A 330 23.16 29.35 -37.16
N LEU A 331 22.65 28.13 -37.37
CA LEU A 331 22.38 27.21 -36.27
C LEU A 331 23.67 26.77 -35.60
N LEU A 332 24.75 26.66 -36.38
CA LEU A 332 26.05 26.34 -35.79
C LEU A 332 26.64 27.53 -35.06
N ALA A 333 26.29 28.75 -35.49
CA ALA A 333 26.84 29.94 -34.85
C ALA A 333 26.20 30.19 -33.49
N ASN A 334 24.90 29.93 -33.35
CA ASN A 334 24.30 30.18 -32.04
C ASN A 334 23.88 28.92 -31.28
N PHE A 335 24.08 27.73 -31.83
CA PHE A 335 23.64 26.49 -31.20
C PHE A 335 24.72 25.42 -31.09
N GLN A 336 25.62 25.33 -32.08
CA GLN A 336 26.68 24.32 -32.17
C GLN A 336 26.11 22.90 -32.15
N THR A 337 25.43 22.58 -33.26
CA THR A 337 24.84 21.28 -33.58
C THR A 337 23.73 20.85 -32.62
N ARG A 338 23.12 21.78 -31.91
CA ARG A 338 21.94 21.42 -31.13
C ARG A 338 20.67 21.47 -31.95
N LEU A 339 20.77 21.80 -33.23
CA LEU A 339 19.67 21.79 -34.19
C LEU A 339 20.27 21.61 -35.57
N TYR A 340 19.50 20.98 -36.46
CA TYR A 340 20.03 20.73 -37.80
C TYR A 340 18.87 20.61 -38.79
N VAL A 341 18.88 21.44 -39.80
CA VAL A 341 17.92 21.34 -40.89
C VAL A 341 18.38 20.27 -41.86
N ALA A 342 17.44 19.47 -42.34
CA ALA A 342 17.73 18.45 -43.35
C ALA A 342 16.77 18.66 -44.52
N PHE A 343 17.30 19.12 -45.65
CA PHE A 343 16.49 19.26 -46.85
C PHE A 343 16.32 17.94 -47.57
N GLY A 344 15.84 18.01 -48.80
CA GLY A 344 15.54 16.84 -49.59
C GLY A 344 14.46 17.17 -50.59
N TRP A 345 14.68 16.80 -51.85
CA TRP A 345 13.78 17.20 -52.93
C TRP A 345 13.60 16.02 -53.88
N GLY A 346 12.38 15.50 -53.95
CA GLY A 346 12.08 14.44 -54.90
C GLY A 346 11.68 15.03 -56.23
N SER A 347 12.38 14.62 -57.29
CA SER A 347 12.06 15.06 -58.64
C SER A 347 10.93 14.21 -59.19
N PHE A 348 9.87 14.85 -59.66
CA PHE A 348 8.70 14.10 -60.09
C PHE A 348 7.94 14.88 -61.16
N ALA A 349 7.24 14.11 -62.01
CA ALA A 349 6.43 14.58 -63.12
C ALA A 349 4.98 14.75 -62.68
N ALA A 350 4.08 14.92 -63.64
CA ALA A 350 2.65 14.93 -63.34
C ALA A 350 2.10 13.50 -63.31
N LYS A 351 2.63 12.72 -62.37
CA LYS A 351 2.31 11.31 -62.27
C LYS A 351 1.31 10.99 -61.17
N ASP A 352 1.11 11.90 -60.21
CA ASP A 352 0.24 11.64 -59.06
C ASP A 352 -1.22 11.95 -59.37
N ILE A 353 -1.73 11.36 -60.45
CA ILE A 353 -3.13 11.43 -60.85
C ILE A 353 -3.53 10.05 -61.34
N MET A 354 -4.57 9.49 -60.73
CA MET A 354 -5.08 8.19 -61.17
C MET A 354 -5.88 8.33 -62.45
N ASN A 358 -1.33 4.20 -61.76
CA ASN A 358 0.05 4.55 -61.49
C ASN A 358 0.17 5.28 -60.15
N SER A 359 -0.92 5.97 -59.78
CA SER A 359 -1.07 6.77 -58.56
C SER A 359 -0.66 6.11 -57.24
N PRO A 360 -0.80 4.76 -57.05
CA PRO A 360 -0.11 4.15 -55.88
C PRO A 360 1.40 4.26 -55.94
N GLU A 361 2.00 3.78 -57.03
CA GLU A 361 3.45 3.75 -57.17
C GLU A 361 4.04 5.12 -57.54
N SER A 362 3.21 6.07 -57.95
CA SER A 362 3.70 7.39 -58.29
C SER A 362 4.06 8.22 -57.08
N TYR A 363 3.29 8.09 -55.99
CA TYR A 363 3.57 8.85 -54.78
C TYR A 363 4.71 8.22 -53.99
N ARG A 364 4.54 6.96 -53.59
CA ARG A 364 5.29 6.37 -52.49
C ARG A 364 6.77 6.18 -52.79
N GLN A 365 7.12 5.77 -54.01
CA GLN A 365 8.52 5.45 -54.29
C GLN A 365 9.38 6.69 -54.49
N VAL A 366 8.78 7.85 -54.71
CA VAL A 366 9.54 9.08 -54.93
C VAL A 366 9.29 10.12 -53.84
N TYR A 367 8.21 9.99 -53.06
CA TYR A 367 8.10 10.74 -51.82
C TYR A 367 9.17 10.30 -50.84
N GLN A 368 9.49 9.01 -50.84
CA GLN A 368 10.58 8.48 -50.05
C GLN A 368 11.95 8.86 -50.59
N LYS A 369 12.03 9.28 -51.87
CA LYS A 369 13.32 9.69 -52.43
C LYS A 369 13.85 10.95 -51.76
N ALA A 370 12.96 11.92 -51.49
CA ALA A 370 13.34 13.04 -50.66
C ALA A 370 13.55 12.62 -49.22
N SER A 371 12.85 11.58 -48.77
CA SER A 371 13.09 11.07 -47.43
C SER A 371 14.42 10.32 -47.35
N ARG A 372 14.82 9.62 -48.41
CA ARG A 372 16.14 9.01 -48.40
C ARG A 372 17.22 10.06 -48.56
N MET A 373 16.92 11.18 -49.22
CA MET A 373 17.85 12.30 -49.21
C MET A 373 17.94 12.97 -47.85
N ILE A 374 16.82 12.97 -47.10
CA ILE A 374 16.83 13.43 -45.72
C ILE A 374 17.75 12.56 -44.88
N SER A 375 17.63 11.24 -45.04
CA SER A 375 18.51 10.32 -44.32
C SER A 375 19.95 10.43 -44.80
N LYS A 376 20.15 10.79 -46.07
CA LYS A 376 21.49 10.94 -46.62
C LYS A 376 22.19 12.19 -46.09
N LYS A 377 21.44 13.28 -45.93
CA LYS A 377 22.02 14.54 -45.46
C LYS A 377 22.16 14.60 -43.95
N LYS A 378 21.28 13.92 -43.22
CA LYS A 378 21.31 13.94 -41.76
C LYS A 378 22.40 13.05 -41.19
N ILE A 379 23.18 12.37 -42.02
CA ILE A 379 24.16 11.40 -41.55
C ILE A 379 25.54 11.65 -42.13
N SER A 380 25.67 12.64 -43.01
CA SER A 380 26.93 13.07 -43.60
C SER A 380 27.08 14.58 -43.35
N ARG A 381 26.98 14.93 -42.05
CA ARG A 381 26.44 16.19 -41.54
C ARG A 381 26.98 17.44 -42.22
N TYR A 382 28.28 17.69 -42.11
CA TYR A 382 28.82 18.96 -42.62
C TYR A 382 29.98 18.76 -43.57
N ASP A 383 30.60 19.85 -43.99
CA ASP A 383 31.76 19.80 -44.87
C ASP A 383 33.03 20.17 -44.10
N TYR A 384 34.16 20.17 -44.81
CA TYR A 384 35.46 20.22 -44.15
C TYR A 384 35.73 21.59 -43.57
N GLN A 385 35.30 22.65 -44.25
CA GLN A 385 35.56 24.01 -43.78
C GLN A 385 34.78 24.31 -42.50
N THR A 386 33.55 23.84 -42.42
CA THR A 386 32.71 24.14 -41.26
C THR A 386 33.21 23.43 -40.01
N LEU A 387 33.51 22.14 -40.11
CA LEU A 387 34.03 21.41 -38.96
C LEU A 387 35.46 21.83 -38.63
N MET A 388 36.23 22.19 -39.66
CA MET A 388 37.57 22.73 -39.46
C MET A 388 37.51 24.04 -38.68
N LEU A 389 36.50 24.87 -38.95
CA LEU A 389 36.23 26.05 -38.16
C LEU A 389 35.62 25.70 -36.80
N LEU A 390 35.01 24.53 -36.67
CA LEU A 390 34.36 24.17 -35.41
C LEU A 390 35.38 23.79 -34.36
N ASN A 391 36.11 22.70 -34.59
CA ASN A 391 37.12 22.28 -33.62
C ASN A 391 38.49 22.84 -33.96
N ARG A 392 38.54 24.15 -34.20
CA ARG A 392 39.80 24.85 -34.37
C ARG A 392 40.36 25.35 -33.05
N GLY A 393 39.64 25.16 -31.95
CA GLY A 393 40.10 25.66 -30.67
C GLY A 393 39.94 27.17 -30.63
N GLY A 394 40.86 27.82 -29.93
CA GLY A 394 40.84 29.27 -29.86
C GLY A 394 39.75 29.84 -28.99
N LYS A 395 39.54 29.25 -27.81
CA LYS A 395 38.57 29.75 -26.85
C LYS A 395 38.97 29.34 -25.45
N SER A 396 39.08 30.31 -24.55
CA SER A 396 39.36 30.06 -23.15
C SER A 396 38.07 30.26 -22.36
N SER A 397 37.50 29.17 -21.87
CA SER A 397 36.14 29.19 -21.35
C SER A 397 36.13 28.67 -19.92
N GLU A 398 35.60 29.48 -19.01
CA GLU A 398 35.40 29.05 -17.63
C GLU A 398 33.92 28.89 -17.29
N ARG A 399 33.09 29.83 -17.69
CA ARG A 399 31.67 29.80 -17.37
C ARG A 399 30.87 29.18 -18.50
N GLU A 400 29.73 28.59 -18.15
CA GLU A 400 28.87 27.90 -19.10
C GLU A 400 27.45 28.41 -18.97
N CYS A 401 26.75 28.45 -20.09
CA CYS A 401 25.29 28.61 -20.08
C CYS A 401 24.72 27.23 -19.85
N GLU A 402 24.55 26.86 -18.57
CA GLU A 402 24.26 25.49 -18.15
C GLU A 402 22.90 24.98 -18.62
N ILE A 403 22.06 25.84 -19.21
CA ILE A 403 20.86 25.42 -19.90
C ILE A 403 21.25 24.56 -21.10
N CYS A 404 22.06 25.12 -22.01
CA CYS A 404 22.47 24.40 -23.22
C CYS A 404 23.96 24.08 -23.24
N HIS A 405 24.65 24.22 -22.09
CA HIS A 405 26.07 23.95 -21.87
C HIS A 405 26.99 24.78 -22.76
N SER A 406 26.52 25.92 -23.26
CA SER A 406 27.26 26.69 -24.27
C SER A 406 27.98 27.87 -23.64
N VAL A 407 28.83 28.50 -24.45
CA VAL A 407 29.70 29.58 -23.99
C VAL A 407 29.40 30.91 -24.69
N GLU A 408 28.74 30.89 -25.84
CA GLU A 408 28.65 32.08 -26.69
C GLU A 408 27.75 33.16 -26.09
N ASN A 409 28.31 34.37 -25.99
CA ASN A 409 27.62 35.60 -25.58
C ASN A 409 26.99 35.48 -24.20
N LEU A 410 27.85 35.28 -23.20
CA LEU A 410 27.37 35.02 -21.85
C LEU A 410 27.02 36.32 -21.14
N VAL A 411 25.89 36.30 -20.44
CA VAL A 411 25.39 37.40 -19.63
C VAL A 411 24.93 36.82 -18.29
N SER A 412 24.45 37.70 -17.41
CA SER A 412 24.35 37.43 -15.98
C SER A 412 22.91 37.64 -15.51
N TYR A 413 21.99 36.96 -16.19
CA TYR A 413 20.54 37.10 -15.93
C TYR A 413 20.21 36.57 -14.54
N HIS A 414 19.73 37.47 -13.67
CA HIS A 414 19.18 37.19 -12.33
C HIS A 414 20.12 36.29 -11.50
N ASP A 415 21.32 36.84 -11.32
CA ASP A 415 22.54 36.22 -10.77
C ASP A 415 22.72 34.76 -11.21
N GLN A 416 22.61 34.54 -12.52
CA GLN A 416 23.09 33.29 -13.12
C GLN A 416 23.62 33.59 -14.51
N LYS A 417 24.61 32.80 -14.91
CA LYS A 417 25.38 33.05 -16.13
C LYS A 417 24.79 32.21 -17.25
N VAL A 418 23.96 32.84 -18.08
CA VAL A 418 23.31 32.17 -19.20
C VAL A 418 23.64 32.94 -20.47
N CYS A 419 23.35 32.33 -21.62
CA CYS A 419 23.75 32.92 -22.89
C CYS A 419 22.72 33.94 -23.35
N ASP A 420 22.88 34.45 -24.56
CA ASP A 420 21.97 35.43 -25.13
C ASP A 420 20.70 34.77 -25.67
N ILE A 421 20.82 33.56 -26.22
CA ILE A 421 19.65 32.82 -26.67
C ILE A 421 18.82 32.40 -25.47
N CYS A 422 19.47 31.99 -24.39
CA CYS A 422 18.79 31.63 -23.16
C CYS A 422 18.47 32.83 -22.26
N ARG A 423 18.51 34.04 -22.81
CA ARG A 423 17.95 35.25 -22.21
C ARG A 423 16.85 35.84 -23.07
N GLY A 424 17.03 35.80 -24.39
CA GLY A 424 15.93 36.04 -25.30
C GLY A 424 14.82 35.02 -25.17
N LEU A 425 15.11 33.82 -24.68
CA LEU A 425 14.06 32.87 -24.35
C LEU A 425 13.21 33.37 -23.18
N TYR A 426 13.83 34.04 -22.20
CA TYR A 426 13.05 34.59 -21.09
C TYR A 426 12.26 35.82 -21.54
N GLN A 427 12.84 36.62 -22.43
CA GLN A 427 12.09 37.71 -23.04
C GLN A 427 10.92 37.20 -23.88
N PHE A 428 11.12 36.09 -24.59
CA PHE A 428 10.07 35.47 -25.37
C PHE A 428 9.00 34.87 -24.47
N SER A 429 9.39 34.33 -23.32
CA SER A 429 8.40 33.82 -22.37
C SER A 429 7.65 34.94 -21.67
N LYS A 430 8.23 36.13 -21.60
CA LYS A 430 7.47 37.28 -21.10
C LYS A 430 6.59 37.89 -22.18
N GLU A 431 6.92 37.72 -23.46
CA GLU A 431 6.15 38.34 -24.53
C GLU A 431 5.35 37.35 -25.35
N ILE A 432 5.25 36.09 -24.90
CA ILE A 432 4.42 35.10 -25.59
C ILE A 432 2.94 35.42 -25.41
N ALA A 433 2.57 36.09 -24.32
CA ALA A 433 1.17 36.42 -24.03
C ALA A 433 0.60 37.46 -24.97
N HIS A 434 1.42 38.08 -25.81
CA HIS A 434 0.93 38.96 -26.87
C HIS A 434 0.33 38.11 -28.00
N ASP A 435 -0.10 38.77 -29.06
CA ASP A 435 -0.79 38.08 -30.14
C ASP A 435 -0.08 38.18 -31.48
N HIS A 436 0.97 38.98 -31.61
CA HIS A 436 1.69 39.08 -32.86
C HIS A 436 3.18 38.92 -32.60
N PHE A 437 3.92 38.60 -33.67
CA PHE A 437 5.36 38.34 -33.57
C PHE A 437 6.02 38.88 -34.83
N ILE A 438 6.77 39.96 -34.71
CA ILE A 438 7.46 40.56 -35.84
C ILE A 438 8.84 39.94 -35.94
N ILE A 439 9.44 40.05 -37.13
CA ILE A 439 10.86 39.72 -37.29
C ILE A 439 11.63 41.02 -37.49
N THR A 440 12.57 41.26 -36.59
CA THR A 440 13.44 42.43 -36.64
C THR A 440 14.83 42.00 -37.08
N GLU A 441 15.80 42.92 -36.98
CA GLU A 441 17.19 42.60 -37.25
C GLU A 441 18.04 42.49 -35.99
N ASN A 442 17.65 43.13 -34.88
CA ASN A 442 18.45 43.07 -33.66
C ASN A 442 17.62 42.92 -32.39
N GLU A 443 16.30 42.79 -32.50
CA GLU A 443 15.43 42.66 -31.35
C GLU A 443 14.87 41.24 -31.27
N GLY A 444 15.16 40.55 -30.17
CA GLY A 444 14.56 39.27 -29.92
C GLY A 444 15.41 38.08 -30.34
N LEU A 445 14.78 36.91 -30.31
CA LEU A 445 15.49 35.67 -30.54
C LEU A 445 15.76 35.47 -32.04
N PRO A 446 16.97 35.08 -32.42
CA PRO A 446 17.29 34.91 -33.84
C PRO A 446 16.67 33.65 -34.40
N ILE A 447 15.93 33.80 -35.50
CA ILE A 447 15.37 32.67 -36.22
C ILE A 447 16.00 32.52 -37.60
N GLY A 448 16.96 33.37 -37.95
CA GLY A 448 17.64 33.23 -39.22
C GLY A 448 18.72 34.25 -39.46
N PRO A 449 19.35 34.19 -40.64
CA PRO A 449 20.48 35.07 -40.94
C PRO A 449 20.06 36.53 -41.08
N ASN A 450 20.51 37.34 -40.12
CA ASN A 450 20.03 38.71 -39.90
C ASN A 450 18.50 38.73 -39.80
N ALA A 451 17.96 37.84 -38.98
CA ALA A 451 16.52 37.75 -38.79
C ALA A 451 16.25 37.29 -37.36
N CYS A 452 15.90 38.24 -36.50
CA CYS A 452 15.50 37.95 -35.13
C CYS A 452 13.98 38.05 -35.02
N LEU A 453 13.43 37.52 -33.93
CA LEU A 453 11.98 37.43 -33.76
C LEU A 453 11.58 37.99 -32.39
N LYS A 454 10.62 38.91 -32.39
CA LYS A 454 10.17 39.53 -31.15
C LYS A 454 8.65 39.58 -31.11
N GLY A 455 8.08 39.17 -29.97
CA GLY A 455 6.65 39.29 -29.77
C GLY A 455 6.22 40.74 -29.58
N VAL A 456 4.95 40.98 -29.85
CA VAL A 456 4.41 42.34 -29.94
C VAL A 456 2.89 42.24 -29.83
N ALA A 457 2.30 43.18 -29.10
CA ALA A 457 0.86 43.28 -28.97
C ALA A 457 0.26 43.86 -30.25
N PHE A 458 -1.07 44.07 -30.23
CA PHE A 458 -1.73 44.53 -31.44
C PHE A 458 -1.51 46.02 -31.69
N GLU A 459 -1.56 46.84 -30.64
CA GLU A 459 -1.44 48.28 -30.83
C GLU A 459 0.00 48.74 -31.02
N LYS A 460 0.99 47.92 -30.69
CA LYS A 460 2.39 48.25 -30.91
C LYS A 460 2.90 47.78 -32.27
N LEU A 461 2.00 47.40 -33.18
CA LEU A 461 2.40 46.68 -34.39
C LEU A 461 3.00 47.61 -35.43
N SER A 462 2.22 48.59 -35.91
CA SER A 462 2.62 49.43 -37.02
C SER A 462 3.69 50.46 -36.67
N GLN A 463 4.15 50.51 -35.42
CA GLN A 463 5.18 51.46 -35.03
C GLN A 463 6.57 50.91 -35.33
N GLU A 464 6.81 49.65 -34.94
CA GLU A 464 8.13 49.05 -35.04
C GLU A 464 8.44 48.64 -36.47
N ALA A 465 9.70 48.29 -36.71
CA ALA A 465 10.17 47.88 -38.01
C ALA A 465 10.16 46.36 -38.12
N PHE A 466 9.74 45.86 -39.28
CA PHE A 466 9.61 44.42 -39.50
C PHE A 466 9.64 44.14 -40.99
N SER A 467 9.68 42.85 -41.32
CA SER A 467 9.41 42.38 -42.68
C SER A 467 8.46 41.19 -42.73
N ARG A 468 8.25 40.48 -41.63
CA ARG A 468 7.25 39.42 -41.56
C ARG A 468 6.77 39.31 -40.12
N VAL A 469 5.45 39.38 -39.95
CA VAL A 469 4.82 39.26 -38.65
C VAL A 469 3.86 38.09 -38.69
N TYR A 470 3.85 37.29 -37.64
CA TYR A 470 2.90 36.20 -37.45
C TYR A 470 1.86 36.60 -36.41
N VAL A 471 0.68 36.00 -36.53
CA VAL A 471 -0.37 36.15 -35.53
C VAL A 471 -0.81 34.76 -35.10
N LYS A 472 -0.96 34.58 -33.78
CA LYS A 472 -1.31 33.31 -33.18
C LYS A 472 -2.82 33.28 -32.96
N ASN A 473 -3.50 32.34 -33.63
CA ASN A 473 -4.93 32.04 -33.48
C ASN A 473 -5.81 33.26 -33.78
N ASP A 474 -5.78 33.64 -35.06
CA ASP A 474 -6.73 34.61 -35.61
C ASP A 474 -7.21 34.08 -36.95
N TYR A 475 -8.31 34.63 -37.44
CA TYR A 475 -8.79 34.35 -38.78
C TYR A 475 -8.99 35.60 -39.62
N LYS A 476 -9.37 36.72 -39.03
CA LYS A 476 -9.32 38.00 -39.71
C LYS A 476 -7.87 38.48 -39.79
N ALA A 477 -7.65 39.55 -40.56
CA ALA A 477 -6.31 39.98 -40.93
C ALA A 477 -5.48 40.49 -39.76
N GLY A 478 -5.93 41.58 -39.13
CA GLY A 478 -5.12 42.21 -38.11
C GLY A 478 -4.67 43.59 -38.53
N THR A 479 -3.45 43.98 -38.14
CA THR A 479 -2.95 45.32 -38.44
C THR A 479 -1.80 45.30 -39.44
N VAL A 480 -0.72 44.57 -39.16
CA VAL A 480 0.48 44.64 -39.96
C VAL A 480 0.53 43.58 -41.07
N LYS A 481 -0.62 43.02 -41.44
CA LYS A 481 -0.79 42.02 -42.51
C LYS A 481 0.07 40.77 -42.23
N ALA A 482 -0.32 40.09 -41.15
CA ALA A 482 0.43 38.98 -40.60
C ALA A 482 0.08 37.65 -41.27
N THR A 483 0.96 36.68 -41.08
CA THR A 483 0.70 35.29 -41.44
C THR A 483 0.05 34.61 -40.24
N HIS A 484 -1.03 33.89 -40.50
CA HIS A 484 -1.86 33.35 -39.43
C HIS A 484 -1.37 31.96 -39.07
N VAL A 485 -0.43 31.91 -38.12
CA VAL A 485 0.06 30.64 -37.59
C VAL A 485 -0.93 30.20 -36.52
N PHE A 486 -0.81 28.96 -36.07
CA PHE A 486 -1.74 28.44 -35.08
C PHE A 486 -0.97 27.61 -34.07
N VAL A 487 -1.13 27.95 -32.79
CA VAL A 487 -0.40 27.29 -31.71
C VAL A 487 -1.22 27.46 -30.43
N GLY A 488 -1.84 26.38 -29.98
CA GLY A 488 -2.75 26.46 -28.86
C GLY A 488 -2.08 26.57 -27.51
N ASP A 489 -2.12 27.75 -26.92
CA ASP A 489 -1.54 27.99 -25.60
C ASP A 489 -2.65 28.48 -24.67
N TYR A 490 -2.42 28.33 -23.37
CA TYR A 490 -3.46 28.63 -22.41
C TYR A 490 -2.86 28.92 -21.05
N GLN A 491 -3.52 29.81 -20.30
CA GLN A 491 -3.20 30.09 -18.91
C GLN A 491 -4.52 30.44 -18.22
N CYS A 492 -5.17 29.44 -17.62
CA CYS A 492 -6.36 29.74 -16.83
C CYS A 492 -5.99 30.48 -15.56
N ASP A 493 -5.23 29.82 -14.70
CA ASP A 493 -4.41 30.49 -13.70
C ASP A 493 -2.96 30.21 -14.07
N GLU A 494 -2.05 30.64 -13.22
CA GLU A 494 -0.66 30.29 -13.44
C GLU A 494 -0.40 28.86 -12.96
N ILE A 495 0.83 28.41 -13.15
CA ILE A 495 1.16 27.00 -12.93
C ILE A 495 1.32 26.69 -11.44
N TYR A 496 1.64 27.69 -10.62
CA TYR A 496 1.98 27.40 -9.24
C TYR A 496 0.74 27.23 -8.36
N ASN A 497 -0.45 27.60 -8.85
CA ASN A 497 -1.67 27.43 -8.05
C ASN A 497 -2.69 26.53 -8.72
N TYR A 498 -2.27 25.63 -9.61
CA TYR A 498 -3.15 24.54 -9.98
C TYR A 498 -3.27 23.51 -8.88
N ALA A 499 -2.31 23.49 -7.95
CA ALA A 499 -2.49 22.79 -6.69
C ALA A 499 -3.66 23.40 -5.91
N ALA A 500 -3.63 24.72 -5.72
CA ALA A 500 -4.64 25.38 -4.90
C ALA A 500 -6.01 25.40 -5.57
N LEU A 501 -6.05 25.34 -6.90
CA LEU A 501 -7.33 25.27 -7.60
C LEU A 501 -7.80 23.85 -7.83
N SER A 502 -7.38 22.90 -7.01
CA SER A 502 -7.83 21.52 -7.16
C SER A 502 -8.94 21.14 -6.20
N LYS A 503 -8.93 21.65 -4.98
CA LYS A 503 -10.03 21.39 -4.08
C LYS A 503 -11.25 22.20 -4.52
N ASN A 504 -12.43 21.70 -4.15
CA ASN A 504 -13.64 22.45 -4.39
C ASN A 504 -13.79 23.58 -3.37
N GLU A 505 -14.91 24.29 -3.46
CA GLU A 505 -15.18 25.36 -2.50
C GLU A 505 -15.45 24.81 -1.11
N ASN A 506 -15.91 23.56 -1.03
CA ASN A 506 -16.16 22.93 0.27
C ASN A 506 -14.86 22.52 0.95
N GLY A 507 -13.79 22.30 0.19
CA GLY A 507 -12.61 21.66 0.70
C GLY A 507 -12.50 20.20 0.33
N LEU A 508 -13.34 19.72 -0.59
CA LEU A 508 -13.35 18.34 -1.02
C LEU A 508 -12.58 18.23 -2.33
N GLY A 509 -11.56 17.38 -2.33
CA GLY A 509 -10.59 17.33 -3.41
C GLY A 509 -9.19 17.43 -2.85
N ILE A 510 -8.21 16.87 -3.56
CA ILE A 510 -6.85 16.78 -3.06
C ILE A 510 -5.96 17.77 -3.81
N LYS A 511 -5.05 18.41 -3.08
CA LYS A 511 -4.17 19.45 -3.62
C LYS A 511 -3.09 18.84 -4.51
N ARG A 512 -3.51 18.47 -5.72
CA ARG A 512 -2.64 17.84 -6.71
C ARG A 512 -2.47 18.74 -7.92
N LEU A 513 -1.64 18.30 -8.86
CA LEU A 513 -1.66 18.85 -10.21
C LEU A 513 -1.28 17.72 -11.16
N ALA A 514 -2.18 17.43 -12.09
CA ALA A 514 -1.97 16.34 -13.03
C ALA A 514 -1.43 16.86 -14.34
N VAL A 515 -0.60 16.04 -14.97
CA VAL A 515 0.11 16.39 -16.19
C VAL A 515 -0.23 15.33 -17.24
N VAL A 516 -0.88 15.73 -18.31
CA VAL A 516 -1.18 14.79 -19.37
C VAL A 516 -0.23 15.03 -20.54
N ARG A 517 0.41 13.96 -21.01
CA ARG A 517 1.11 14.00 -22.28
C ARG A 517 0.43 13.00 -23.21
N LEU A 518 -0.39 13.53 -24.10
CA LEU A 518 -0.95 12.72 -25.18
C LEU A 518 0.14 12.36 -26.19
N ASP A 519 -0.25 11.49 -27.11
CA ASP A 519 0.50 11.20 -28.32
C ASP A 519 -0.45 10.55 -29.31
N VAL A 520 -0.50 11.07 -30.53
CA VAL A 520 -1.30 10.40 -31.54
C VAL A 520 -0.60 9.11 -31.94
N ASP A 521 -1.34 8.02 -31.95
CA ASP A 521 -0.76 6.69 -32.10
C ASP A 521 -0.32 6.48 -33.54
N ASP A 522 1.00 6.52 -33.75
CA ASP A 522 1.66 6.36 -35.04
C ASP A 522 1.15 7.38 -36.06
N LEU A 523 1.40 8.66 -35.77
CA LEU A 523 1.13 9.69 -36.75
C LEU A 523 2.10 9.61 -37.91
N GLY A 524 3.28 9.03 -37.69
CA GLY A 524 4.16 8.72 -38.80
C GLY A 524 3.58 7.68 -39.74
N ALA A 525 2.94 6.65 -39.17
CA ALA A 525 2.32 5.63 -40.00
C ALA A 525 0.98 6.09 -40.54
N ALA A 526 0.28 6.94 -39.80
CA ALA A 526 -0.98 7.48 -40.30
C ALA A 526 -0.74 8.57 -41.35
N PHE A 527 0.47 9.13 -41.36
CA PHE A 527 0.82 10.14 -42.36
C PHE A 527 1.43 9.50 -43.59
N MET A 528 2.38 8.58 -43.39
CA MET A 528 3.10 8.00 -44.52
C MET A 528 2.24 7.03 -45.30
N ALA A 529 1.63 6.06 -44.63
CA ALA A 529 0.76 5.11 -45.32
C ALA A 529 -0.69 5.59 -45.31
N GLY A 530 -1.32 5.68 -44.13
CA GLY A 530 -2.60 6.34 -43.95
C GLY A 530 -3.75 5.88 -44.83
N PHE A 531 -4.09 6.74 -45.78
CA PHE A 531 -5.19 6.47 -46.71
C PHE A 531 -4.85 5.38 -47.72
N SER A 532 -3.57 5.02 -47.84
CA SER A 532 -3.16 4.08 -48.87
C SER A 532 -3.58 2.65 -48.54
N GLN A 533 -3.99 2.41 -47.29
CA GLN A 533 -4.64 1.15 -46.93
C GLN A 533 -5.95 0.98 -47.70
N GLN A 534 -6.75 2.04 -47.78
CA GLN A 534 -7.97 2.00 -48.57
C GLN A 534 -7.65 2.05 -50.05
N GLY A 535 -8.47 1.34 -50.83
CA GLY A 535 -8.42 1.44 -52.28
C GLY A 535 -7.22 0.76 -52.90
N ASN A 536 -7.10 0.96 -54.22
CA ASN A 536 -5.98 0.45 -55.00
C ASN A 536 -4.92 1.51 -55.23
N GLY A 537 -4.70 2.38 -54.25
CA GLY A 537 -3.91 3.56 -54.47
C GLY A 537 -4.66 4.70 -55.12
N GLN A 538 -6.00 4.61 -55.15
CA GLN A 538 -6.81 5.69 -55.71
C GLN A 538 -6.77 6.94 -54.84
N TYR A 539 -6.56 6.78 -53.54
CA TYR A 539 -6.57 7.88 -52.58
C TYR A 539 -5.19 8.10 -51.96
N SER A 540 -4.14 7.60 -52.61
CA SER A 540 -2.78 7.79 -52.16
C SER A 540 -2.17 9.05 -52.79
N THR A 541 -2.81 10.18 -52.52
CA THR A 541 -2.45 11.45 -53.11
C THR A 541 -1.83 12.37 -52.07
N LEU A 542 -1.44 13.56 -52.53
CA LEU A 542 -0.78 14.54 -51.68
C LEU A 542 -1.80 15.46 -51.01
N SER A 543 -2.90 15.76 -51.73
CA SER A 543 -3.90 16.70 -51.24
C SER A 543 -4.59 16.19 -49.99
N ARG A 544 -4.87 14.89 -49.93
CA ARG A 544 -5.49 14.32 -48.74
C ARG A 544 -4.55 14.35 -47.54
N SER A 545 -3.26 14.12 -47.79
CA SER A 545 -2.28 14.16 -46.69
C SER A 545 -2.10 15.57 -46.17
N ALA A 546 -2.05 16.56 -47.06
CA ALA A 546 -1.94 17.94 -46.63
C ALA A 546 -3.19 18.40 -45.89
N THR A 547 -4.36 17.96 -46.35
CA THR A 547 -5.61 18.31 -45.67
C THR A 547 -5.72 17.64 -44.31
N PHE A 548 -5.25 16.40 -44.20
CA PHE A 548 -5.27 15.70 -42.92
C PHE A 548 -4.30 16.33 -41.93
N SER A 549 -3.10 16.68 -42.38
CA SER A 549 -2.15 17.32 -41.48
C SER A 549 -2.57 18.73 -41.11
N ARG A 550 -3.28 19.43 -42.00
CA ARG A 550 -3.86 20.72 -41.62
C ARG A 550 -5.03 20.53 -40.67
N SER A 551 -5.72 19.39 -40.74
CA SER A 551 -6.77 19.09 -39.77
C SER A 551 -6.19 18.79 -38.40
N MET A 552 -5.07 18.07 -38.36
CA MET A 552 -4.37 17.84 -37.10
C MET A 552 -3.82 19.14 -36.53
N SER A 553 -3.34 20.03 -37.40
CA SER A 553 -2.91 21.35 -36.98
C SER A 553 -4.06 22.16 -36.42
N LEU A 554 -5.22 22.09 -37.07
CA LEU A 554 -6.37 22.87 -36.65
C LEU A 554 -6.99 22.35 -35.37
N PHE A 555 -6.87 21.04 -35.11
CA PHE A 555 -7.32 20.51 -33.83
C PHE A 555 -6.30 20.83 -32.73
N PHE A 556 -5.09 20.31 -32.88
CA PHE A 556 -4.11 20.35 -31.81
C PHE A 556 -3.44 21.71 -31.65
N LYS A 557 -3.74 22.67 -32.51
CA LYS A 557 -3.09 23.97 -32.44
C LYS A 557 -4.06 25.12 -32.30
N VAL A 558 -5.36 24.89 -32.47
CA VAL A 558 -6.36 25.92 -32.24
C VAL A 558 -7.36 25.42 -31.20
N TYR A 559 -7.92 24.25 -31.47
CA TYR A 559 -9.14 23.81 -30.81
C TYR A 559 -8.93 23.40 -29.36
N ILE A 560 -7.68 23.19 -28.94
CA ILE A 560 -7.44 22.80 -27.55
C ILE A 560 -7.74 23.96 -26.60
N ASN A 561 -7.70 25.19 -27.11
CA ASN A 561 -8.12 26.35 -26.34
C ASN A 561 -9.63 26.45 -26.19
N GLN A 562 -10.40 25.62 -26.91
CA GLN A 562 -11.82 25.47 -26.69
C GLN A 562 -12.13 24.40 -25.65
N PHE A 563 -11.43 23.26 -25.69
CA PHE A 563 -11.65 22.23 -24.69
C PHE A 563 -11.06 22.60 -23.34
N ALA A 564 -10.09 23.49 -23.31
CA ALA A 564 -9.49 23.95 -22.07
C ALA A 564 -10.07 25.27 -21.59
N SER A 565 -11.21 25.70 -22.14
CA SER A 565 -11.70 27.05 -21.92
C SER A 565 -12.20 27.24 -20.49
N ASP A 566 -13.23 26.49 -20.11
CA ASP A 566 -13.74 26.60 -18.75
C ASP A 566 -12.86 25.85 -17.75
N LYS A 567 -12.18 24.80 -18.20
CA LYS A 567 -11.37 23.99 -17.30
C LYS A 567 -10.06 24.69 -16.97
N LYS A 568 -9.57 24.44 -15.76
CA LYS A 568 -8.45 25.18 -15.19
C LYS A 568 -7.19 24.34 -15.32
N LEU A 569 -6.33 24.74 -16.27
CA LEU A 569 -5.12 24.00 -16.59
C LEU A 569 -4.19 24.94 -17.35
N SER A 570 -3.11 24.39 -17.89
CA SER A 570 -2.23 25.13 -18.80
C SER A 570 -1.74 24.17 -19.87
N ILE A 571 -2.16 24.40 -21.11
CA ILE A 571 -1.57 23.66 -22.23
C ILE A 571 -0.19 24.23 -22.45
N ILE A 572 0.83 23.55 -21.94
CA ILE A 572 2.19 24.01 -22.13
C ILE A 572 2.60 23.86 -23.58
N TYR A 573 2.57 22.64 -24.09
CA TYR A 573 2.91 22.38 -25.48
C TYR A 573 1.76 21.61 -26.09
N ALA A 574 1.45 21.90 -27.35
CA ALA A 574 0.49 21.11 -28.09
C ALA A 574 0.91 21.11 -29.55
N GLY A 575 0.38 20.15 -30.29
CA GLY A 575 0.53 20.15 -31.73
C GLY A 575 1.19 18.88 -32.24
N GLY A 576 1.06 18.69 -33.55
CA GLY A 576 1.58 17.53 -34.23
C GLY A 576 0.99 16.24 -33.72
N ASP A 577 1.79 15.50 -32.96
CA ASP A 577 1.34 14.31 -32.26
C ASP A 577 1.80 14.34 -30.81
N ASP A 578 1.67 15.48 -30.16
CA ASP A 578 1.97 15.56 -28.73
C ASP A 578 1.20 16.71 -28.11
N VAL A 579 0.69 16.47 -26.90
CA VAL A 579 0.07 17.47 -26.05
C VAL A 579 0.60 17.30 -24.64
N PHE A 580 1.37 18.27 -24.17
CA PHE A 580 1.84 18.32 -22.80
C PHE A 580 1.04 19.42 -22.13
N ALA A 581 0.07 19.03 -21.31
CA ALA A 581 -0.83 19.96 -20.64
C ALA A 581 -0.78 19.70 -19.14
N ILE A 582 -0.27 20.67 -18.39
CA ILE A 582 -0.29 20.61 -16.94
C ILE A 582 -1.58 21.25 -16.44
N GLY A 583 -2.02 20.87 -15.25
CA GLY A 583 -3.14 21.58 -14.64
C GLY A 583 -3.62 20.89 -13.38
N SER A 584 -4.81 21.26 -12.94
CA SER A 584 -5.46 20.63 -11.80
C SER A 584 -6.18 19.38 -12.24
N TRP A 585 -6.20 18.38 -11.35
CA TRP A 585 -6.37 17.00 -11.78
C TRP A 585 -7.80 16.66 -12.18
N GLN A 586 -8.82 17.26 -11.54
CA GLN A 586 -10.19 17.06 -12.02
C GLN A 586 -10.37 17.66 -13.39
N ASP A 587 -9.85 18.87 -13.60
CA ASP A 587 -9.96 19.51 -14.89
C ASP A 587 -9.09 18.84 -15.93
N ILE A 588 -7.95 18.26 -15.51
CA ILE A 588 -7.10 17.55 -16.45
C ILE A 588 -7.78 16.27 -16.91
N ILE A 589 -8.40 15.54 -15.98
CA ILE A 589 -9.08 14.31 -16.34
C ILE A 589 -10.31 14.59 -17.21
N ALA A 590 -11.09 15.62 -16.83
CA ALA A 590 -12.24 16.01 -17.64
C ALA A 590 -11.82 16.57 -19.00
N PHE A 591 -10.65 17.20 -19.08
CA PHE A 591 -10.15 17.74 -20.32
C PHE A 591 -9.67 16.64 -21.24
N THR A 592 -9.07 15.59 -20.70
CA THR A 592 -8.72 14.43 -21.50
C THR A 592 -9.97 13.70 -21.97
N VAL A 593 -10.98 13.63 -21.09
CA VAL A 593 -12.26 13.00 -21.42
C VAL A 593 -12.91 13.73 -22.58
N GLU A 594 -13.01 15.06 -22.49
CA GLU A 594 -13.62 15.84 -23.56
C GLU A 594 -12.74 15.89 -24.80
N LEU A 595 -11.42 15.82 -24.65
CA LEU A 595 -10.54 15.86 -25.81
C LEU A 595 -10.67 14.59 -26.62
N ARG A 596 -10.68 13.42 -25.98
CA ARG A 596 -10.85 12.22 -26.80
C ARG A 596 -12.30 12.03 -27.22
N GLU A 597 -13.25 12.40 -26.38
CA GLU A 597 -14.65 12.19 -26.74
C GLU A 597 -15.13 13.21 -27.77
N ASN A 598 -14.34 14.23 -28.08
CA ASN A 598 -14.56 15.01 -29.28
C ASN A 598 -13.49 14.81 -30.33
N PHE A 599 -12.42 14.08 -30.02
CA PHE A 599 -11.46 13.69 -31.05
C PHE A 599 -11.96 12.52 -31.86
N ILE A 600 -12.57 11.54 -31.20
CA ILE A 600 -13.21 10.43 -31.92
C ILE A 600 -14.50 10.85 -32.59
N LYS A 601 -15.04 12.03 -32.25
CA LYS A 601 -16.03 12.67 -33.09
C LYS A 601 -15.36 13.47 -34.20
N TRP A 602 -14.14 13.95 -33.94
CA TRP A 602 -13.39 14.68 -34.95
C TRP A 602 -12.74 13.74 -35.95
N THR A 603 -12.22 12.61 -35.47
CA THR A 603 -11.48 11.67 -36.30
C THR A 603 -12.20 10.35 -36.47
N ASN A 604 -13.52 10.32 -36.26
CA ASN A 604 -14.41 9.19 -36.54
C ASN A 604 -14.04 7.92 -35.76
N GLY A 605 -13.35 8.06 -34.63
CA GLY A 605 -12.85 6.91 -33.90
C GLY A 605 -11.52 6.38 -34.38
N LYS A 606 -11.14 6.66 -35.62
CA LYS A 606 -9.80 6.37 -36.08
C LYS A 606 -8.81 7.31 -35.41
N LEU A 607 -7.54 6.90 -35.41
CA LEU A 607 -6.43 7.60 -34.73
C LEU A 607 -6.74 7.82 -33.25
N THR A 608 -6.85 6.71 -32.53
CA THR A 608 -7.02 6.79 -31.09
C THR A 608 -5.77 7.37 -30.46
N LEU A 609 -5.96 8.26 -29.49
CA LEU A 609 -4.86 8.93 -28.82
C LEU A 609 -4.51 8.22 -27.52
N SER A 610 -3.23 8.23 -27.19
CA SER A 610 -2.70 7.46 -26.06
C SER A 610 -2.12 8.44 -25.05
N ALA A 611 -2.96 8.89 -24.12
CA ALA A 611 -2.55 9.87 -23.14
C ALA A 611 -1.94 9.19 -21.91
N GLY A 612 -1.20 9.97 -21.15
CA GLY A 612 -0.69 9.52 -19.87
C GLY A 612 -0.76 10.61 -18.83
N ILE A 613 -1.49 10.36 -17.76
CA ILE A 613 -1.81 11.37 -16.77
C ILE A 613 -1.19 10.93 -15.45
N GLY A 614 -0.27 11.72 -14.92
CA GLY A 614 0.32 11.43 -13.63
C GLY A 614 -0.03 12.48 -12.60
N LEU A 615 -0.32 12.04 -11.38
CA LEU A 615 -0.44 12.95 -10.25
C LEU A 615 0.93 13.31 -9.70
N PHE A 616 1.08 14.58 -9.33
CA PHE A 616 2.31 15.08 -8.77
C PHE A 616 1.96 16.06 -7.66
N ALA A 617 2.73 16.04 -6.58
CA ALA A 617 2.42 16.86 -5.42
C ALA A 617 2.75 18.32 -5.68
N ASP A 618 2.47 19.16 -4.70
CA ASP A 618 2.71 20.59 -4.83
C ASP A 618 4.19 20.90 -4.79
N LYS A 619 4.64 21.74 -5.73
CA LYS A 619 6.02 22.22 -5.85
C LYS A 619 7.02 21.09 -6.01
N THR A 620 6.68 20.13 -6.87
CA THR A 620 7.71 19.19 -7.31
C THR A 620 8.16 19.58 -8.71
N PRO A 621 9.46 19.45 -9.02
CA PRO A 621 9.98 19.99 -10.29
C PRO A 621 9.45 19.24 -11.49
N ILE A 622 9.63 19.87 -12.66
CA ILE A 622 8.79 19.60 -13.83
C ILE A 622 9.54 18.70 -14.81
N SER A 623 10.85 18.86 -14.92
CA SER A 623 11.63 17.89 -15.67
C SER A 623 11.81 16.58 -14.91
N LEU A 624 11.64 16.60 -13.60
CA LEU A 624 11.41 15.37 -12.85
C LEU A 624 10.05 14.78 -13.19
N MET A 625 9.08 15.64 -13.47
CA MET A 625 7.69 15.31 -13.71
C MET A 625 7.40 14.98 -15.17
N ALA A 626 8.05 15.68 -16.10
CA ALA A 626 7.87 15.38 -17.52
C ALA A 626 8.46 14.02 -17.86
N HIS A 627 9.52 13.60 -17.16
CA HIS A 627 10.12 12.29 -17.38
C HIS A 627 9.17 11.18 -16.97
N GLN A 628 8.54 11.29 -15.79
CA GLN A 628 7.60 10.28 -15.35
C GLN A 628 6.34 10.28 -16.20
N THR A 629 5.89 11.46 -16.63
CA THR A 629 4.75 11.54 -17.53
C THR A 629 5.05 10.89 -18.87
N GLY A 630 6.28 11.06 -19.37
CA GLY A 630 6.67 10.38 -20.59
C GLY A 630 6.81 8.88 -20.43
N GLU A 631 7.23 8.44 -19.24
CA GLU A 631 7.32 7.00 -18.96
C GLU A 631 5.94 6.36 -18.94
N LEU A 632 4.98 7.00 -18.24
CA LEU A 632 3.60 6.53 -18.28
C LEU A 632 3.01 6.63 -19.68
N GLU A 633 3.45 7.63 -20.45
CA GLU A 633 3.00 7.81 -21.82
C GLU A 633 3.44 6.66 -22.71
N GLU A 634 4.72 6.26 -22.62
CA GLU A 634 5.18 5.17 -23.47
C GLU A 634 4.68 3.81 -22.99
N ALA A 635 4.44 3.67 -21.68
CA ALA A 635 3.80 2.45 -21.20
C ALA A 635 2.35 2.36 -21.65
N ALA A 636 1.68 3.50 -21.78
CA ALA A 636 0.34 3.51 -22.37
C ALA A 636 0.41 3.27 -23.88
N LYS A 637 1.51 3.70 -24.51
CA LYS A 637 1.69 3.47 -25.94
C LYS A 637 1.81 1.98 -26.24
N GLY A 638 2.64 1.27 -25.49
CA GLY A 638 2.88 -0.13 -25.78
C GLY A 638 1.85 -1.12 -25.30
N ASN A 639 0.74 -0.60 -24.77
CA ASN A 639 -0.33 -1.41 -24.20
C ASN A 639 -1.04 -2.22 -25.26
N GLU A 640 -1.28 -1.53 -26.36
CA GLU A 640 -1.98 -1.99 -27.55
C GLU A 640 -1.77 -0.82 -28.51
N LYS A 641 -2.74 -0.60 -29.39
CA LYS A 641 -2.66 0.56 -30.25
C LYS A 641 -2.73 1.82 -29.37
N ASP A 642 -3.65 1.81 -28.41
CA ASP A 642 -3.83 2.92 -27.49
C ASP A 642 -4.23 2.53 -26.07
N SER A 643 -3.90 3.39 -25.12
CA SER A 643 -4.28 3.25 -23.73
C SER A 643 -4.08 4.57 -23.00
N ILE A 644 -4.85 4.74 -21.95
CA ILE A 644 -4.55 5.72 -20.93
C ILE A 644 -3.72 5.04 -19.85
N SER A 645 -2.85 5.82 -19.23
CA SER A 645 -2.06 5.35 -18.12
C SER A 645 -2.42 6.33 -17.05
N LEU A 646 -2.99 5.87 -15.95
CA LEU A 646 -3.38 6.80 -14.92
C LEU A 646 -2.69 6.55 -13.60
N PHE A 647 -1.95 7.56 -13.17
CA PHE A 647 -1.26 7.56 -11.89
C PHE A 647 -0.33 6.36 -11.68
N SER A 648 0.24 5.80 -12.74
CA SER A 648 1.14 4.68 -12.50
C SER A 648 0.89 3.65 -13.59
N SER A 649 1.93 2.94 -14.04
CA SER A 649 1.79 2.12 -15.25
C SER A 649 0.95 0.85 -15.05
N ASP A 650 0.60 0.48 -13.82
CA ASP A 650 -0.27 -0.66 -13.63
C ASP A 650 -1.75 -0.31 -13.78
N TYR A 651 -2.09 0.97 -13.87
CA TYR A 651 -3.44 1.42 -14.19
C TYR A 651 -3.46 1.77 -15.67
N THR A 652 -3.56 0.76 -16.52
CA THR A 652 -3.46 0.95 -17.96
C THR A 652 -4.70 0.35 -18.61
N PHE A 653 -5.63 1.21 -19.02
CA PHE A 653 -6.87 0.77 -19.64
C PHE A 653 -6.97 1.35 -21.04
N LYS A 654 -7.79 0.70 -21.86
CA LYS A 654 -8.27 1.36 -23.07
C LYS A 654 -9.13 2.56 -22.68
N PHE A 655 -9.06 3.61 -23.49
CA PHE A 655 -9.94 4.76 -23.29
C PHE A 655 -11.40 4.38 -23.47
N ASP A 656 -11.69 3.44 -24.38
CA ASP A 656 -13.05 2.97 -24.59
C ASP A 656 -13.56 2.20 -23.38
N ARG A 657 -12.65 1.65 -22.58
CA ARG A 657 -13.00 1.09 -21.29
C ARG A 657 -12.91 2.09 -20.16
N PHE A 658 -12.13 3.17 -20.31
CA PHE A 658 -11.91 4.06 -19.18
C PHE A 658 -13.06 5.04 -18.97
N ILE A 659 -13.48 5.77 -20.01
CA ILE A 659 -14.49 6.79 -19.77
C ILE A 659 -15.87 6.15 -19.62
N THR A 660 -16.16 5.08 -20.35
CA THR A 660 -17.48 4.47 -20.30
C THR A 660 -17.71 3.72 -19.00
N ASN A 661 -16.76 2.87 -18.60
CA ASN A 661 -16.97 2.04 -17.41
C ASN A 661 -16.67 2.81 -16.13
N VAL A 662 -15.48 3.41 -16.04
CA VAL A 662 -15.09 4.11 -14.81
C VAL A 662 -15.80 5.45 -14.71
N TYR A 663 -15.53 6.36 -15.64
CA TYR A 663 -15.89 7.76 -15.48
C TYR A 663 -17.34 8.05 -15.81
N ASP A 664 -18.10 7.10 -16.33
CA ASP A 664 -19.51 7.29 -16.59
C ASP A 664 -20.38 6.37 -15.74
N ASP A 665 -20.03 5.10 -15.64
CA ASP A 665 -20.84 4.13 -14.91
C ASP A 665 -20.41 4.00 -13.45
N LYS A 666 -19.16 3.62 -13.22
CA LYS A 666 -18.75 3.20 -11.88
C LYS A 666 -18.58 4.38 -10.94
N LEU A 667 -17.99 5.47 -11.42
CA LEU A 667 -17.73 6.61 -10.56
C LEU A 667 -19.01 7.29 -10.10
N GLU A 668 -20.05 7.31 -10.92
CA GLU A 668 -21.29 7.91 -10.49
C GLU A 668 -22.06 7.03 -9.52
N GLN A 669 -22.04 5.70 -9.71
CA GLN A 669 -22.63 4.79 -8.74
C GLN A 669 -21.92 4.87 -7.41
N ILE A 670 -20.59 4.95 -7.44
CA ILE A 670 -19.79 5.02 -6.22
C ILE A 670 -20.03 6.35 -5.51
N ARG A 671 -20.13 7.44 -6.27
CA ARG A 671 -20.36 8.75 -5.68
C ARG A 671 -21.75 8.85 -5.07
N TYR A 672 -22.79 8.44 -5.83
CA TYR A 672 -24.16 8.49 -5.34
C TYR A 672 -24.39 7.54 -4.17
N PHE A 673 -23.68 6.41 -4.15
CA PHE A 673 -23.84 5.46 -3.05
C PHE A 673 -23.27 6.02 -1.75
N PHE A 674 -22.17 6.77 -1.84
CA PHE A 674 -21.59 7.36 -0.63
C PHE A 674 -22.12 8.75 -0.32
N ASN A 675 -22.75 9.43 -1.29
CA ASN A 675 -23.42 10.68 -0.96
C ASN A 675 -24.70 10.44 -0.19
N HIS A 676 -25.53 9.52 -0.66
CA HIS A 676 -26.84 9.31 -0.06
C HIS A 676 -26.81 8.26 1.04
N GLN A 677 -25.83 8.39 1.94
CA GLN A 677 -25.65 7.59 3.15
C GLN A 677 -24.50 8.23 3.92
N ASP A 678 -24.44 7.94 5.21
CA ASP A 678 -23.38 8.52 6.02
C ASP A 678 -22.79 7.55 7.03
N GLU A 679 -23.08 6.24 6.94
CA GLU A 679 -22.34 5.27 7.74
C GLU A 679 -21.00 4.95 7.09
N ARG A 680 -21.05 4.40 5.87
CA ARG A 680 -19.86 3.91 5.19
C ARG A 680 -19.06 5.09 4.65
N GLY A 681 -18.17 5.60 5.49
CA GLY A 681 -17.31 6.69 5.06
C GLY A 681 -16.09 6.19 4.32
N LYS A 682 -14.91 6.69 4.69
CA LYS A 682 -13.71 6.47 3.90
C LYS A 682 -12.94 5.21 4.29
N ASN A 683 -13.13 4.72 5.51
CA ASN A 683 -12.45 3.49 5.92
C ASN A 683 -12.92 2.30 5.10
N PHE A 684 -14.22 2.24 4.80
CA PHE A 684 -14.77 1.19 3.95
C PHE A 684 -14.23 1.29 2.53
N ILE A 685 -14.03 2.50 2.03
CA ILE A 685 -13.51 2.68 0.68
C ILE A 685 -12.04 2.25 0.63
N TYR A 686 -11.30 2.56 1.69
CA TYR A 686 -9.89 2.17 1.76
C TYR A 686 -9.75 0.66 1.83
N LYS A 687 -10.61 -0.01 2.58
CA LYS A 687 -10.54 -1.46 2.64
C LYS A 687 -10.99 -2.09 1.33
N LEU A 688 -11.95 -1.47 0.63
CA LEU A 688 -12.31 -1.96 -0.69
C LEU A 688 -11.18 -1.81 -1.70
N ILE A 689 -10.43 -0.70 -1.62
CA ILE A 689 -9.28 -0.49 -2.49
C ILE A 689 -8.21 -1.53 -2.20
N GLU A 690 -7.96 -1.81 -0.93
CA GLU A 690 -6.94 -2.79 -0.57
C GLU A 690 -7.33 -4.21 -0.99
N LEU A 691 -8.60 -4.58 -0.83
CA LEU A 691 -9.06 -5.86 -1.32
C LEU A 691 -9.09 -5.92 -2.85
N LEU A 692 -9.25 -4.79 -3.52
CA LEU A 692 -9.12 -4.76 -4.96
C LEU A 692 -7.67 -4.84 -5.43
N ARG A 693 -6.73 -4.43 -4.58
CA ARG A 693 -5.33 -4.38 -4.98
C ARG A 693 -4.56 -5.65 -4.66
N ASN A 694 -4.81 -6.28 -3.50
CA ASN A 694 -4.08 -7.49 -3.17
C ASN A 694 -4.56 -8.66 -4.03
N HIS A 695 -5.80 -9.09 -3.82
CA HIS A 695 -6.59 -9.94 -4.72
C HIS A 695 -5.90 -11.25 -5.08
N ASP A 696 -5.78 -12.12 -4.09
CA ASP A 696 -5.55 -13.52 -4.41
C ASP A 696 -6.91 -14.20 -4.50
N ARG A 697 -6.94 -15.54 -4.53
CA ARG A 697 -8.21 -16.24 -4.56
C ARG A 697 -8.93 -16.11 -3.23
N MET A 698 -8.18 -16.05 -2.12
CA MET A 698 -8.78 -16.00 -0.80
C MET A 698 -9.40 -14.63 -0.51
N ASN A 699 -8.90 -13.57 -1.15
CA ASN A 699 -9.45 -12.25 -0.89
C ASN A 699 -10.85 -12.08 -1.46
N MET A 700 -11.23 -12.88 -2.46
CA MET A 700 -12.62 -12.88 -2.89
C MET A 700 -13.53 -13.44 -1.80
N ALA A 701 -13.06 -14.43 -1.06
CA ALA A 701 -13.81 -14.93 0.10
C ALA A 701 -13.85 -13.90 1.21
N ARG A 702 -12.73 -13.20 1.44
CA ARG A 702 -12.72 -12.16 2.46
C ARG A 702 -13.63 -11.00 2.10
N LEU A 703 -13.73 -10.67 0.82
CA LEU A 703 -14.64 -9.61 0.40
C LEU A 703 -16.09 -10.07 0.43
N ALA A 704 -16.35 -11.34 0.13
CA ALA A 704 -17.69 -11.90 0.29
C ALA A 704 -18.11 -11.96 1.75
N TYR A 705 -17.15 -12.11 2.66
CA TYR A 705 -17.45 -11.96 4.08
C TYR A 705 -17.66 -10.50 4.46
N TYR A 706 -16.86 -9.60 3.89
CA TYR A 706 -16.88 -8.19 4.29
C TYR A 706 -18.19 -7.52 3.91
N LEU A 707 -18.60 -7.69 2.65
CA LEU A 707 -19.84 -7.06 2.18
C LEU A 707 -21.06 -7.65 2.88
N THR A 708 -21.05 -8.96 3.13
CA THR A 708 -22.18 -9.59 3.79
C THR A 708 -22.24 -9.25 5.27
N ARG A 709 -21.08 -9.07 5.91
CA ARG A 709 -21.06 -8.64 7.30
C ARG A 709 -21.50 -7.20 7.44
N LEU A 710 -21.21 -6.36 6.45
CA LEU A 710 -21.72 -4.99 6.48
C LEU A 710 -23.17 -4.90 6.03
N GLU A 711 -23.65 -5.93 5.33
CA GLU A 711 -25.02 -5.91 4.79
C GLU A 711 -26.06 -5.86 5.90
N GLU A 712 -25.89 -6.69 6.93
CA GLU A 712 -26.81 -6.67 8.05
C GLU A 712 -26.41 -5.68 9.14
N LEU A 713 -25.42 -4.84 8.88
CA LEU A 713 -25.01 -3.85 9.86
C LEU A 713 -25.53 -2.44 9.55
N THR A 714 -25.87 -2.16 8.29
CA THR A 714 -26.47 -0.88 7.95
C THR A 714 -27.91 -0.81 8.48
N ARG A 715 -28.39 0.41 8.64
CA ARG A 715 -29.72 0.63 9.19
C ARG A 715 -30.79 0.21 8.19
N GLU A 716 -31.98 -0.14 8.71
CA GLU A 716 -33.00 -0.81 7.92
C GLU A 716 -33.59 0.06 6.82
N THR A 717 -33.57 1.39 7.02
CA THR A 717 -34.11 2.33 6.05
C THR A 717 -33.35 2.28 4.73
N ASP A 718 -32.06 2.65 4.76
CA ASP A 718 -31.21 2.60 3.58
C ASP A 718 -30.37 1.34 3.55
N ARG A 719 -31.01 0.19 3.68
CA ARG A 719 -30.32 -1.10 3.71
C ARG A 719 -30.26 -1.75 2.35
N ASP A 720 -31.33 -1.69 1.57
CA ASP A 720 -31.34 -2.33 0.26
C ASP A 720 -30.50 -1.58 -0.76
N LYS A 721 -30.16 -0.31 -0.50
CA LYS A 721 -29.13 0.35 -1.30
C LYS A 721 -27.79 -0.36 -1.16
N PHE A 722 -27.45 -0.74 0.08
CA PHE A 722 -26.25 -1.54 0.30
C PHE A 722 -26.38 -2.93 -0.29
N LYS A 723 -27.60 -3.50 -0.29
CA LYS A 723 -27.77 -4.85 -0.83
C LYS A 723 -27.60 -4.87 -2.34
N THR A 724 -28.20 -3.92 -3.05
CA THR A 724 -27.95 -3.83 -4.47
C THR A 724 -26.54 -3.35 -4.79
N PHE A 725 -25.89 -2.60 -3.89
CA PHE A 725 -24.51 -2.22 -4.19
C PHE A 725 -23.53 -3.37 -3.98
N LYS A 726 -23.74 -4.22 -2.99
CA LYS A 726 -22.87 -5.38 -2.85
C LYS A 726 -23.17 -6.41 -3.93
N ASN A 727 -24.43 -6.51 -4.39
CA ASN A 727 -24.75 -7.35 -5.53
C ASN A 727 -24.08 -6.83 -6.81
N LEU A 728 -23.99 -5.51 -6.94
CA LEU A 728 -23.38 -4.89 -8.09
C LEU A 728 -21.86 -4.78 -7.95
N PHE A 729 -21.33 -4.99 -6.75
CA PHE A 729 -19.89 -4.91 -6.52
C PHE A 729 -19.24 -6.27 -6.64
N TYR A 730 -19.88 -7.32 -6.10
CA TYR A 730 -19.36 -8.67 -6.23
C TYR A 730 -19.45 -9.17 -7.66
N SER A 731 -20.28 -8.52 -8.49
CA SER A 731 -20.31 -8.73 -9.92
C SER A 731 -18.95 -8.44 -10.56
N TRP A 732 -18.42 -7.23 -10.38
CA TRP A 732 -17.15 -6.92 -11.03
C TRP A 732 -15.94 -7.40 -10.24
N TYR A 733 -16.07 -7.63 -8.93
CA TYR A 733 -14.88 -8.04 -8.19
C TYR A 733 -14.50 -9.48 -8.50
N THR A 734 -15.48 -10.36 -8.64
CA THR A 734 -15.25 -11.77 -8.98
C THR A 734 -15.57 -12.04 -10.44
N ASN A 735 -15.25 -11.10 -11.32
CA ASN A 735 -15.67 -11.15 -12.70
C ASN A 735 -14.78 -12.01 -13.57
N LYS A 736 -13.66 -12.51 -13.03
CA LYS A 736 -12.74 -13.47 -13.66
C LYS A 736 -12.14 -12.97 -14.97
N ASN A 737 -11.94 -11.66 -15.11
CA ASN A 737 -11.47 -11.09 -16.37
C ASN A 737 -10.25 -10.21 -16.17
N ASP A 738 -10.20 -9.54 -15.01
CA ASP A 738 -9.28 -8.46 -14.64
C ASP A 738 -9.38 -7.24 -15.55
N LYS A 739 -10.43 -7.13 -16.35
CA LYS A 739 -10.75 -5.93 -17.10
C LYS A 739 -11.78 -5.07 -16.39
N ASP A 740 -12.43 -5.60 -15.35
CA ASP A 740 -13.47 -4.91 -14.61
C ASP A 740 -13.10 -4.76 -13.14
N ARG A 741 -11.82 -4.90 -12.83
CA ARG A 741 -11.35 -4.91 -11.44
C ARG A 741 -10.42 -3.76 -11.14
N LYS A 742 -9.37 -3.59 -11.95
CA LYS A 742 -8.51 -2.41 -11.81
C LYS A 742 -9.28 -1.15 -12.19
N GLU A 743 -10.29 -1.28 -13.05
CA GLU A 743 -11.25 -0.22 -13.32
C GLU A 743 -11.94 0.23 -12.04
N ALA A 744 -12.43 -0.71 -11.25
CA ALA A 744 -13.13 -0.35 -10.03
C ALA A 744 -12.19 0.20 -8.97
N GLU A 745 -10.97 -0.32 -8.91
CA GLU A 745 -9.97 0.23 -8.00
C GLU A 745 -9.62 1.67 -8.37
N LEU A 746 -9.52 1.97 -9.67
CA LEU A 746 -9.26 3.34 -10.08
C LEU A 746 -10.48 4.24 -9.86
N ALA A 747 -11.69 3.69 -10.01
CA ALA A 747 -12.88 4.47 -9.72
C ALA A 747 -12.94 4.87 -8.26
N LEU A 748 -12.58 3.94 -7.36
CA LEU A 748 -12.54 4.27 -5.94
C LEU A 748 -11.41 5.22 -5.62
N LEU A 749 -10.28 5.12 -6.32
CA LEU A 749 -9.19 6.08 -6.11
C LEU A 749 -9.59 7.48 -6.57
N LEU A 750 -10.30 7.57 -7.68
CA LEU A 750 -10.79 8.86 -8.17
C LEU A 750 -11.81 9.45 -7.20
N TYR A 751 -12.68 8.60 -6.63
CA TYR A 751 -13.65 9.10 -5.68
C TYR A 751 -12.98 9.58 -4.39
N ILE A 752 -12.00 8.83 -3.88
CA ILE A 752 -11.28 9.22 -2.68
C ILE A 752 -10.53 10.53 -2.89
N TYR A 753 -9.88 10.67 -4.05
CA TYR A 753 -9.20 11.92 -4.37
C TYR A 753 -10.18 13.06 -4.58
N GLU A 754 -11.42 12.76 -4.97
CA GLU A 754 -12.43 13.79 -5.09
C GLU A 754 -13.02 14.22 -3.75
N ILE A 755 -12.98 13.37 -2.73
CA ILE A 755 -13.57 13.74 -1.44
C ILE A 755 -12.50 13.93 -0.36
N ARG A 756 -11.27 14.24 -0.74
CA ARG A 756 -10.18 14.38 0.22
C ARG A 756 -10.34 15.65 1.05
N LYS A 757 -10.28 15.51 2.36
CA LYS A 757 -10.46 16.63 3.26
C LYS A 757 -9.12 17.28 3.62
N ILE B 3 2.95 -45.06 25.87
CA ILE B 3 3.56 -43.76 25.63
C ILE B 3 2.76 -43.03 24.55
N LEU B 4 2.86 -41.70 24.54
CA LEU B 4 2.23 -40.87 23.54
C LEU B 4 2.97 -39.54 23.47
N THR B 5 3.07 -39.00 22.27
CA THR B 5 3.76 -37.73 22.07
C THR B 5 2.79 -36.78 21.34
N ASP B 6 3.33 -35.68 20.82
CA ASP B 6 2.49 -34.58 20.38
C ASP B 6 1.78 -34.89 19.07
N GLU B 7 2.35 -35.75 18.23
CA GLU B 7 1.78 -35.94 16.90
C GLU B 7 0.92 -37.20 16.79
N ASN B 8 0.94 -38.08 17.77
CA ASN B 8 0.26 -39.37 17.63
C ASN B 8 -0.91 -39.58 18.57
N TYR B 9 -1.10 -38.71 19.58
CA TYR B 9 -1.98 -39.04 20.69
C TYR B 9 -3.46 -39.01 20.31
N VAL B 10 -3.81 -38.31 19.24
CA VAL B 10 -5.14 -38.48 18.66
C VAL B 10 -5.28 -39.88 18.09
N ASP B 11 -4.31 -40.30 17.27
CA ASP B 11 -4.35 -41.59 16.63
C ASP B 11 -4.22 -42.74 17.62
N ILE B 12 -3.47 -42.52 18.71
CA ILE B 12 -3.44 -43.46 19.84
C ILE B 12 -4.85 -43.67 20.37
N ALA B 13 -5.64 -42.60 20.45
CA ALA B 13 -7.02 -42.69 20.86
C ALA B 13 -7.96 -42.92 19.67
N GLU B 14 -7.44 -42.99 18.45
CA GLU B 14 -8.32 -43.33 17.34
C GLU B 14 -8.46 -44.85 17.19
N LYS B 15 -7.34 -45.52 16.88
CA LYS B 15 -7.34 -46.96 16.62
C LYS B 15 -7.56 -47.78 17.88
N ALA B 16 -7.55 -47.16 19.06
CA ALA B 16 -7.96 -47.87 20.26
C ALA B 16 -9.48 -47.93 20.37
N ILE B 17 -10.16 -46.88 19.90
CA ILE B 17 -11.62 -46.84 20.04
C ILE B 17 -12.31 -47.81 19.08
N LEU B 18 -11.77 -47.99 17.87
CA LEU B 18 -12.28 -49.04 16.99
C LEU B 18 -11.90 -50.43 17.50
N LYS B 19 -10.95 -50.52 18.43
CA LYS B 19 -10.45 -51.79 18.93
C LYS B 19 -11.22 -52.33 20.12
N LEU B 20 -11.96 -51.50 20.84
CA LEU B 20 -12.75 -52.00 21.97
C LEU B 20 -13.93 -52.84 21.48
N GLU B 21 -14.34 -53.77 22.33
CA GLU B 21 -15.49 -54.62 22.06
C GLU B 21 -16.78 -53.81 22.19
N ARG B 22 -17.86 -54.40 21.70
CA ARG B 22 -19.16 -53.75 21.74
C ARG B 22 -20.19 -54.79 22.16
N ASN B 23 -21.46 -54.42 22.11
CA ASN B 23 -22.55 -55.30 22.55
C ASN B 23 -22.88 -56.29 21.44
N THR B 24 -22.27 -57.48 21.54
CA THR B 24 -22.59 -58.54 20.60
C THR B 24 -24.00 -59.05 20.81
N ARG B 25 -24.41 -59.23 22.07
CA ARG B 25 -25.80 -59.44 22.40
C ARG B 25 -26.47 -58.08 22.59
N ASN B 26 -27.72 -58.08 23.06
CA ASN B 26 -28.63 -56.93 23.04
C ASN B 26 -28.71 -56.33 21.63
N ARG B 27 -29.19 -57.15 20.68
CA ARG B 27 -29.06 -56.83 19.27
C ARG B 27 -30.14 -55.88 18.76
N LYS B 28 -30.30 -54.75 19.44
CA LYS B 28 -31.13 -53.65 18.96
C LYS B 28 -30.24 -52.42 18.91
N ASN B 29 -30.09 -51.85 17.71
CA ASN B 29 -28.98 -50.98 17.37
C ASN B 29 -27.65 -51.60 17.80
N PRO B 30 -27.20 -52.69 17.15
CA PRO B 30 -26.09 -53.48 17.68
C PRO B 30 -24.74 -52.80 17.50
N ASP B 31 -23.70 -53.47 18.02
CA ASP B 31 -22.34 -52.95 18.11
C ASP B 31 -22.28 -51.59 18.80
N ALA B 32 -23.05 -51.47 19.88
CA ALA B 32 -23.00 -50.32 20.77
C ALA B 32 -22.01 -50.60 21.90
N PHE B 33 -21.44 -49.54 22.44
CA PHE B 33 -20.39 -49.66 23.43
C PHE B 33 -20.92 -50.17 24.77
N PHE B 34 -20.17 -51.08 25.40
CA PHE B 34 -20.37 -51.34 26.82
C PHE B 34 -20.10 -50.10 27.64
N LEU B 35 -19.12 -49.30 27.23
CA LEU B 35 -18.87 -48.02 27.87
C LEU B 35 -20.04 -47.07 27.61
N THR B 36 -20.47 -46.40 28.66
CA THR B 36 -21.49 -45.36 28.55
C THR B 36 -20.85 -44.02 28.81
N THR B 37 -21.55 -42.96 28.40
CA THR B 37 -20.94 -41.63 28.33
C THR B 37 -20.66 -41.08 29.72
N SER B 38 -21.56 -41.35 30.68
CA SER B 38 -21.33 -40.89 32.04
C SER B 38 -20.13 -41.58 32.67
N LYS B 39 -19.89 -42.85 32.33
CA LYS B 39 -18.75 -43.56 32.88
C LYS B 39 -17.44 -43.17 32.23
N LEU B 40 -17.46 -42.35 31.19
CA LEU B 40 -16.27 -41.74 30.64
C LEU B 40 -16.12 -40.28 31.05
N ARG B 41 -17.22 -39.60 31.33
CA ARG B 41 -17.12 -38.28 31.92
C ARG B 41 -16.64 -38.34 33.35
N ASN B 42 -16.97 -39.43 34.07
CA ASN B 42 -16.36 -39.67 35.38
C ASN B 42 -14.84 -39.87 35.28
N LEU B 43 -14.37 -40.34 34.12
CA LEU B 43 -12.93 -40.46 33.92
C LEU B 43 -12.31 -39.10 33.59
N LEU B 44 -12.97 -38.34 32.71
CA LEU B 44 -12.35 -37.08 32.25
C LEU B 44 -12.40 -35.99 33.31
N SER B 45 -13.47 -35.94 34.11
CA SER B 45 -13.66 -34.87 35.09
C SER B 45 -12.60 -34.85 36.18
N LEU B 46 -11.92 -35.99 36.40
CA LEU B 46 -10.75 -35.98 37.27
C LEU B 46 -9.59 -35.25 36.62
N THR B 47 -9.42 -35.45 35.31
CA THR B 47 -8.23 -34.95 34.63
C THR B 47 -8.36 -33.47 34.31
N SER B 48 -9.57 -33.02 33.97
CA SER B 48 -9.74 -31.71 33.39
C SER B 48 -9.61 -30.57 34.40
N THR B 49 -9.72 -30.86 35.69
CA THR B 49 -9.43 -29.84 36.69
C THR B 49 -7.93 -29.65 36.85
N LEU B 50 -7.17 -30.74 36.85
CA LEU B 50 -5.72 -30.66 36.94
C LEU B 50 -5.12 -30.08 35.66
N PHE B 51 -5.80 -30.25 34.53
CA PHE B 51 -5.35 -29.69 33.26
C PHE B 51 -5.24 -28.17 33.32
N ASP B 52 -6.16 -27.52 34.03
CA ASP B 52 -6.12 -26.07 34.20
C ASP B 52 -5.43 -25.63 35.48
N GLU B 53 -5.31 -26.52 36.47
CA GLU B 53 -4.46 -26.21 37.62
C GLU B 53 -2.99 -26.24 37.23
N SER B 54 -2.64 -26.99 36.18
CA SER B 54 -1.26 -27.09 35.73
C SER B 54 -0.74 -25.78 35.17
N LYS B 55 -1.62 -25.00 34.52
CA LYS B 55 -1.18 -23.77 33.89
C LYS B 55 -0.87 -22.69 34.92
N VAL B 56 -1.69 -22.57 35.96
CA VAL B 56 -1.45 -21.57 36.99
C VAL B 56 -0.30 -21.99 37.89
N LYS B 57 -0.36 -23.20 38.45
CA LYS B 57 0.68 -23.71 39.32
C LYS B 57 1.86 -24.27 38.52
N GLU B 58 2.73 -25.01 39.19
CA GLU B 58 3.80 -25.75 38.54
C GLU B 58 3.64 -27.23 38.86
N TYR B 59 4.25 -28.07 38.00
CA TYR B 59 4.05 -29.52 38.08
C TYR B 59 4.69 -30.10 39.33
N ASP B 60 5.85 -29.58 39.73
CA ASP B 60 6.47 -29.98 40.97
C ASP B 60 5.70 -29.54 42.21
N ALA B 61 4.76 -28.60 42.06
CA ALA B 61 3.77 -28.31 43.09
C ALA B 61 2.44 -28.95 42.78
N LEU B 62 2.42 -29.96 41.91
CA LEU B 62 1.18 -30.59 41.49
C LEU B 62 1.20 -32.11 41.47
N LEU B 63 2.38 -32.75 41.57
CA LEU B 63 2.54 -34.18 41.27
C LEU B 63 1.70 -35.11 42.16
N ASP B 64 1.34 -34.65 43.36
CA ASP B 64 0.60 -35.49 44.31
C ASP B 64 -0.78 -35.82 43.80
N ARG B 65 -1.44 -34.87 43.13
CA ARG B 65 -2.79 -35.09 42.65
C ARG B 65 -2.83 -36.01 41.44
N ILE B 66 -1.78 -36.01 40.61
CA ILE B 66 -1.74 -36.98 39.52
C ILE B 66 -1.37 -38.36 40.07
N ALA B 67 -0.54 -38.40 41.12
CA ALA B 67 -0.23 -39.66 41.77
C ALA B 67 -1.46 -40.29 42.40
N TYR B 68 -2.36 -39.47 42.91
CA TYR B 68 -3.64 -39.98 43.39
C TYR B 68 -4.61 -40.26 42.24
N LEU B 69 -4.47 -39.53 41.13
CA LEU B 69 -5.30 -39.78 39.95
C LEU B 69 -5.00 -41.14 39.32
N ARG B 70 -3.79 -41.65 39.51
CA ARG B 70 -3.47 -43.04 39.22
C ARG B 70 -4.44 -43.99 39.92
N VAL B 71 -4.60 -43.80 41.23
CA VAL B 71 -5.50 -44.62 42.03
C VAL B 71 -6.96 -44.37 41.64
N GLN B 72 -7.28 -43.15 41.20
CA GLN B 72 -8.63 -42.87 40.71
C GLN B 72 -8.96 -43.64 39.44
N PHE B 73 -8.03 -43.69 38.48
CA PHE B 73 -8.28 -44.51 37.29
C PHE B 73 -8.31 -45.99 37.61
N VAL B 74 -7.52 -46.43 38.59
CA VAL B 74 -7.63 -47.82 39.07
C VAL B 74 -9.02 -48.08 39.66
N TYR B 75 -9.53 -47.13 40.45
CA TYR B 75 -10.80 -47.30 41.16
C TYR B 75 -11.98 -47.29 40.20
N GLN B 76 -11.98 -46.37 39.25
CA GLN B 76 -13.04 -46.37 38.24
C GLN B 76 -12.92 -47.58 37.33
N ALA B 77 -11.70 -48.06 37.10
CA ALA B 77 -11.54 -49.35 36.42
C ALA B 77 -12.03 -50.49 37.31
N GLY B 78 -11.89 -50.36 38.61
CA GLY B 78 -12.31 -51.43 39.51
C GLY B 78 -13.81 -51.50 39.76
N ARG B 79 -14.62 -50.67 39.11
CA ARG B 79 -16.05 -50.63 39.36
C ARG B 79 -16.89 -51.08 38.17
N GLU B 80 -16.28 -51.52 37.08
CA GLU B 80 -17.06 -51.90 35.91
C GLU B 80 -16.26 -52.87 35.05
N ILE B 81 -16.97 -53.54 34.14
CA ILE B 81 -16.35 -54.41 33.15
C ILE B 81 -15.92 -53.66 31.90
N ALA B 82 -16.33 -52.40 31.74
CA ALA B 82 -15.93 -51.60 30.58
C ALA B 82 -14.75 -50.69 30.86
N VAL B 83 -14.72 -50.04 32.03
CA VAL B 83 -13.61 -49.17 32.38
C VAL B 83 -12.38 -49.98 32.80
N LYS B 84 -12.57 -51.19 33.33
CA LYS B 84 -11.44 -52.12 33.47
C LYS B 84 -10.91 -52.52 32.09
N ASP B 85 -11.76 -52.55 31.07
CA ASP B 85 -11.31 -52.86 29.73
C ASP B 85 -10.71 -51.65 29.04
N LEU B 86 -11.24 -50.45 29.33
CA LEU B 86 -10.86 -49.26 28.57
C LEU B 86 -9.42 -48.84 28.85
N ILE B 87 -9.00 -48.91 30.11
CA ILE B 87 -7.71 -48.39 30.57
C ILE B 87 -6.52 -49.15 29.98
N GLU B 88 -6.76 -50.33 29.42
CA GLU B 88 -5.69 -51.09 28.80
C GLU B 88 -5.90 -51.33 27.31
N LYS B 89 -7.15 -51.37 26.84
CA LYS B 89 -7.38 -51.34 25.39
C LYS B 89 -7.04 -49.99 24.82
N ALA B 90 -7.18 -48.93 25.62
CA ALA B 90 -6.56 -47.64 25.38
C ALA B 90 -5.68 -47.37 26.60
N GLN B 91 -4.36 -47.45 26.41
CA GLN B 91 -3.43 -47.58 27.53
C GLN B 91 -3.28 -46.27 28.31
N ILE B 92 -4.31 -46.00 29.11
CA ILE B 92 -4.29 -44.83 29.98
C ILE B 92 -3.39 -45.06 31.19
N LEU B 93 -3.45 -46.27 31.76
CA LEU B 93 -2.59 -46.60 32.90
C LEU B 93 -1.12 -46.70 32.49
N GLU B 94 -0.84 -46.97 31.22
CA GLU B 94 0.53 -46.91 30.75
C GLU B 94 1.01 -45.46 30.65
N ALA B 95 0.13 -44.58 30.15
CA ALA B 95 0.48 -43.17 30.00
C ALA B 95 0.57 -42.48 31.35
N LEU B 96 -0.09 -43.02 32.37
CA LEU B 96 -0.08 -42.38 33.68
C LEU B 96 1.24 -42.56 34.42
N LYS B 97 2.12 -43.43 33.93
CA LYS B 97 3.41 -43.60 34.60
C LYS B 97 4.41 -42.56 34.15
N GLU B 98 4.13 -41.86 33.05
CA GLU B 98 5.05 -40.87 32.48
C GLU B 98 4.38 -39.50 32.56
N ILE B 99 4.71 -38.75 33.61
CA ILE B 99 4.11 -37.46 33.89
C ILE B 99 5.17 -36.36 33.87
N LYS B 100 6.31 -36.64 33.24
CA LYS B 100 7.67 -36.07 33.44
C LYS B 100 7.65 -34.54 33.57
N ASP B 101 6.86 -33.82 32.78
CA ASP B 101 6.70 -32.40 33.02
C ASP B 101 5.25 -31.98 32.82
N ARG B 102 4.99 -30.68 33.04
CA ARG B 102 3.63 -30.15 32.92
C ARG B 102 3.12 -30.22 31.49
N GLU B 103 4.02 -30.14 30.51
CA GLU B 103 3.60 -30.24 29.12
C GLU B 103 3.12 -31.65 28.79
N THR B 104 3.78 -32.66 29.35
CA THR B 104 3.32 -34.03 29.14
C THR B 104 2.01 -34.29 29.90
N LEU B 105 1.83 -33.60 31.03
CA LEU B 105 0.59 -33.69 31.78
C LEU B 105 -0.58 -33.12 30.98
N GLN B 106 -0.38 -31.94 30.39
CA GLN B 106 -1.41 -31.36 29.55
C GLN B 106 -1.63 -32.19 28.29
N ARG B 107 -0.57 -32.82 27.78
CA ARG B 107 -0.70 -33.70 26.62
C ARG B 107 -1.54 -34.93 26.96
N PHE B 108 -1.37 -35.49 28.16
CA PHE B 108 -2.19 -36.61 28.58
C PHE B 108 -3.64 -36.19 28.78
N CYS B 109 -3.86 -34.96 29.28
CA CYS B 109 -5.22 -34.48 29.43
C CYS B 109 -5.91 -34.27 28.09
N ARG B 110 -5.17 -33.75 27.10
CA ARG B 110 -5.71 -33.65 25.75
C ARG B 110 -5.94 -35.02 25.13
N TYR B 111 -5.13 -36.00 25.51
CA TYR B 111 -5.36 -37.38 25.04
C TYR B 111 -6.64 -37.95 25.61
N MET B 112 -6.93 -37.67 26.88
CA MET B 112 -8.21 -38.06 27.47
C MET B 112 -9.38 -37.35 26.79
N GLU B 113 -9.20 -36.07 26.46
CA GLU B 113 -10.21 -35.34 25.71
C GLU B 113 -10.42 -35.93 24.32
N ALA B 114 -9.35 -36.42 23.69
CA ALA B 114 -9.47 -37.09 22.40
C ALA B 114 -10.23 -38.40 22.53
N LEU B 115 -10.03 -39.11 23.64
CA LEU B 115 -10.78 -40.33 23.89
C LEU B 115 -12.27 -40.05 24.01
N VAL B 116 -12.62 -39.01 24.77
CA VAL B 116 -14.03 -38.63 24.94
C VAL B 116 -14.63 -38.18 23.61
N ALA B 117 -13.83 -37.46 22.81
CA ALA B 117 -14.29 -36.96 21.53
C ALA B 117 -14.55 -38.10 20.54
N TYR B 118 -13.63 -39.06 20.48
CA TYR B 118 -13.82 -40.16 19.55
C TYR B 118 -14.84 -41.17 20.04
N PHE B 119 -15.14 -41.20 21.34
CA PHE B 119 -16.28 -41.99 21.78
C PHE B 119 -17.59 -41.30 21.42
N LYS B 120 -17.64 -39.97 21.55
CA LYS B 120 -18.84 -39.23 21.15
C LYS B 120 -19.03 -39.23 19.64
N PHE B 121 -17.96 -39.47 18.89
CA PHE B 121 -18.07 -39.55 17.43
C PHE B 121 -18.78 -40.82 16.96
N TYR B 122 -18.92 -41.83 17.81
CA TYR B 122 -19.51 -43.11 17.41
C TYR B 122 -20.58 -43.51 18.40
N GLY B 123 -21.82 -43.60 17.93
CA GLY B 123 -22.92 -44.05 18.77
C GLY B 123 -23.37 -43.02 19.80
N ILE C 3 -8.21 -32.88 0.28
CA ILE C 3 -6.87 -32.38 0.00
C ILE C 3 -6.93 -30.85 -0.05
N LEU C 4 -5.76 -30.21 0.09
CA LEU C 4 -5.67 -28.72 0.05
C LEU C 4 -4.25 -28.29 -0.35
N THR C 5 -4.16 -27.51 -1.43
CA THR C 5 -2.87 -27.00 -1.93
C THR C 5 -2.76 -25.51 -1.59
N ASP C 6 -2.03 -24.74 -2.41
CA ASP C 6 -1.92 -23.31 -2.17
C ASP C 6 -2.98 -22.52 -2.93
N GLU C 7 -3.60 -23.10 -3.96
CA GLU C 7 -4.48 -22.33 -4.83
C GLU C 7 -5.89 -22.89 -4.95
N ASN C 8 -6.13 -24.14 -4.56
CA ASN C 8 -7.39 -24.80 -4.88
C ASN C 8 -8.40 -24.80 -3.73
N TYR C 9 -8.00 -24.35 -2.54
CA TYR C 9 -8.78 -24.59 -1.34
C TYR C 9 -10.00 -23.70 -1.19
N VAL C 10 -10.01 -22.52 -1.83
CA VAL C 10 -11.11 -21.60 -1.66
C VAL C 10 -12.37 -22.12 -2.35
N ASP C 11 -12.22 -22.69 -3.55
CA ASP C 11 -13.35 -23.31 -4.22
C ASP C 11 -13.83 -24.56 -3.50
N ILE C 12 -12.88 -25.23 -2.85
CA ILE C 12 -13.20 -26.43 -2.03
C ILE C 12 -14.15 -25.96 -0.94
N ALA C 13 -13.74 -24.94 -0.18
CA ALA C 13 -14.58 -24.42 0.90
C ALA C 13 -15.89 -23.84 0.37
N GLU C 14 -15.87 -23.29 -0.85
CA GLU C 14 -17.07 -22.75 -1.47
C GLU C 14 -18.13 -23.83 -1.67
N LYS C 15 -17.80 -24.87 -2.44
CA LYS C 15 -18.78 -25.92 -2.65
C LYS C 15 -18.74 -27.00 -1.57
N ALA C 16 -18.05 -26.75 -0.46
CA ALA C 16 -18.34 -27.44 0.79
C ALA C 16 -19.29 -26.65 1.66
N ILE C 17 -19.48 -25.36 1.38
CA ILE C 17 -20.60 -24.62 1.94
C ILE C 17 -21.87 -24.85 1.12
N LEU C 18 -21.76 -24.93 -0.22
CA LEU C 18 -22.92 -25.16 -1.07
C LEU C 18 -23.51 -26.55 -0.84
N LYS C 19 -22.65 -27.57 -0.74
CA LYS C 19 -23.10 -28.95 -0.68
C LYS C 19 -23.83 -29.27 0.63
N LEU C 20 -23.66 -28.43 1.64
CA LEU C 20 -24.33 -28.62 2.92
C LEU C 20 -25.84 -28.42 2.76
N GLU C 21 -26.61 -29.28 3.42
CA GLU C 21 -28.06 -29.30 3.29
C GLU C 21 -28.70 -28.39 4.33
N ARG C 22 -29.85 -27.86 3.97
CA ARG C 22 -30.41 -26.68 4.63
C ARG C 22 -31.82 -26.97 5.16
N ASN C 23 -32.51 -25.91 5.56
CA ASN C 23 -33.84 -26.00 6.15
C ASN C 23 -34.89 -26.32 5.10
N THR C 24 -35.07 -27.61 4.80
CA THR C 24 -36.07 -28.05 3.83
C THR C 24 -37.47 -28.07 4.43
N ARG C 25 -37.64 -28.77 5.54
CA ARG C 25 -38.86 -28.64 6.33
C ARG C 25 -38.91 -27.25 6.96
N ASN C 26 -40.14 -26.79 7.25
CA ASN C 26 -40.42 -25.53 7.94
C ASN C 26 -39.85 -24.33 7.17
N ARG C 27 -40.45 -24.06 6.02
CA ARG C 27 -39.96 -23.02 5.13
C ARG C 27 -40.21 -21.62 5.67
N LYS C 28 -39.54 -21.28 6.78
CA LYS C 28 -39.52 -19.95 7.36
C LYS C 28 -38.11 -19.43 7.14
N ASN C 29 -37.98 -18.56 6.13
CA ASN C 29 -36.70 -18.21 5.50
C ASN C 29 -35.92 -19.48 5.12
N PRO C 30 -36.36 -20.20 4.07
CA PRO C 30 -35.71 -21.48 3.74
C PRO C 30 -34.38 -21.27 3.02
N ASP C 31 -33.77 -22.39 2.62
CA ASP C 31 -32.36 -22.45 2.21
C ASP C 31 -31.45 -21.81 3.25
N ALA C 32 -31.68 -22.18 4.51
CA ALA C 32 -30.89 -21.72 5.64
C ALA C 32 -30.32 -22.95 6.33
N PHE C 33 -29.08 -22.83 6.81
CA PHE C 33 -28.34 -24.00 7.29
C PHE C 33 -28.90 -24.49 8.61
N PHE C 34 -28.99 -25.83 8.74
CA PHE C 34 -29.21 -26.43 10.05
C PHE C 34 -28.05 -26.15 10.97
N LEU C 35 -26.84 -26.12 10.42
CA LEU C 35 -25.66 -25.78 11.21
C LEU C 35 -25.71 -24.29 11.53
N THR C 36 -25.48 -23.96 12.79
CA THR C 36 -25.51 -22.58 13.22
C THR C 36 -24.12 -21.96 13.13
N THR C 37 -24.08 -20.64 12.94
CA THR C 37 -22.81 -19.94 12.78
C THR C 37 -21.97 -19.99 14.05
N SER C 38 -22.61 -20.04 15.21
CA SER C 38 -21.87 -20.24 16.45
C SER C 38 -21.40 -21.68 16.63
N LYS C 39 -21.82 -22.60 15.77
CA LYS C 39 -21.19 -23.92 15.68
C LYS C 39 -20.13 -23.95 14.58
N LEU C 40 -19.66 -22.78 14.15
CA LEU C 40 -18.57 -22.69 13.20
C LEU C 40 -17.50 -21.74 13.72
N ARG C 41 -17.94 -20.67 14.38
CA ARG C 41 -17.00 -19.71 14.92
C ARG C 41 -16.28 -20.24 16.15
N ASN C 42 -16.92 -21.13 16.92
CA ASN C 42 -16.24 -21.80 18.02
C ASN C 42 -15.17 -22.77 17.52
N LEU C 43 -15.25 -23.19 16.26
CA LEU C 43 -14.18 -23.98 15.66
C LEU C 43 -13.09 -23.09 15.09
N LEU C 44 -13.49 -22.02 14.39
CA LEU C 44 -12.50 -21.14 13.76
C LEU C 44 -11.74 -20.30 14.78
N SER C 45 -12.24 -20.17 16.01
CA SER C 45 -11.45 -19.49 17.03
C SER C 45 -10.26 -20.32 17.50
N LEU C 46 -10.17 -21.59 17.12
CA LEU C 46 -8.95 -22.37 17.27
C LEU C 46 -7.98 -22.07 16.14
N THR C 47 -8.48 -22.07 14.90
CA THR C 47 -7.62 -21.88 13.75
C THR C 47 -7.07 -20.47 13.68
N SER C 48 -7.78 -19.49 14.23
CA SER C 48 -7.27 -18.12 14.21
C SER C 48 -6.15 -17.93 15.21
N THR C 49 -6.28 -18.49 16.41
CA THR C 49 -5.22 -18.50 17.40
C THR C 49 -4.09 -19.46 17.02
N LEU C 50 -4.26 -20.29 16.01
CA LEU C 50 -3.08 -20.88 15.39
C LEU C 50 -2.47 -19.95 14.33
N PHE C 51 -3.31 -19.46 13.41
CA PHE C 51 -2.89 -18.73 12.22
C PHE C 51 -2.15 -17.44 12.53
N ASP C 52 -2.46 -16.79 13.65
CA ASP C 52 -1.70 -15.60 14.01
C ASP C 52 -0.59 -15.86 15.01
N GLU C 53 -0.63 -16.97 15.73
CA GLU C 53 0.53 -17.40 16.49
C GLU C 53 1.39 -18.38 15.73
N SER C 54 1.13 -18.58 14.44
CA SER C 54 2.05 -19.32 13.59
C SER C 54 3.12 -18.42 13.01
N LYS C 55 2.77 -17.16 12.73
CA LYS C 55 3.73 -16.21 12.18
C LYS C 55 4.77 -15.78 13.21
N VAL C 56 4.55 -16.06 14.49
CA VAL C 56 5.55 -15.75 15.50
C VAL C 56 6.49 -16.93 15.70
N LYS C 57 5.98 -18.15 15.61
CA LYS C 57 6.67 -19.33 16.09
C LYS C 57 7.06 -20.28 14.95
N GLU C 58 7.71 -21.37 15.34
CA GLU C 58 8.04 -22.46 14.46
C GLU C 58 6.79 -23.25 14.11
N TYR C 59 6.95 -24.22 13.20
CA TYR C 59 5.93 -25.25 13.08
C TYR C 59 6.05 -26.24 14.23
N ASP C 60 7.27 -26.72 14.50
CA ASP C 60 7.55 -27.73 15.50
C ASP C 60 7.46 -27.21 16.93
N ALA C 61 7.02 -25.98 17.19
CA ALA C 61 6.59 -25.60 18.52
C ALA C 61 5.07 -25.62 18.65
N LEU C 62 4.37 -25.64 17.52
CA LEU C 62 2.91 -25.56 17.49
C LEU C 62 2.23 -26.91 17.51
N LEU C 63 2.97 -28.01 17.40
CA LEU C 63 2.38 -29.31 17.07
C LEU C 63 1.66 -29.96 18.25
N ASP C 64 1.53 -29.27 19.39
CA ASP C 64 0.64 -29.72 20.45
C ASP C 64 -0.80 -29.29 20.15
N ARG C 65 -1.00 -28.03 19.76
CA ARG C 65 -2.33 -27.54 19.45
C ARG C 65 -2.86 -28.07 18.13
N ILE C 66 -1.96 -28.53 17.24
CA ILE C 66 -2.36 -28.93 15.90
C ILE C 66 -3.18 -30.20 15.94
N ALA C 67 -2.78 -31.17 16.77
CA ALA C 67 -3.61 -32.34 16.98
C ALA C 67 -4.81 -32.05 17.85
N TYR C 68 -4.75 -31.00 18.68
CA TYR C 68 -5.93 -30.63 19.47
C TYR C 68 -7.03 -30.06 18.59
N LEU C 69 -6.65 -29.47 17.45
CA LEU C 69 -7.64 -29.16 16.42
C LEU C 69 -8.38 -30.42 15.97
N ARG C 70 -7.65 -31.50 15.73
CA ARG C 70 -8.30 -32.75 15.35
C ARG C 70 -9.09 -33.36 16.50
N VAL C 71 -8.75 -33.03 17.74
CA VAL C 71 -9.60 -33.40 18.87
C VAL C 71 -10.92 -32.65 18.80
N GLN C 72 -10.86 -31.33 18.69
CA GLN C 72 -12.06 -30.50 18.83
C GLN C 72 -12.97 -30.60 17.62
N PHE C 73 -12.42 -30.83 16.44
CA PHE C 73 -13.27 -31.02 15.25
C PHE C 73 -14.05 -32.32 15.35
N VAL C 74 -13.40 -33.38 15.84
CA VAL C 74 -14.07 -34.66 16.10
C VAL C 74 -15.14 -34.47 17.17
N TYR C 75 -14.81 -33.70 18.21
CA TYR C 75 -15.74 -33.52 19.33
C TYR C 75 -16.98 -32.74 18.93
N GLN C 76 -16.79 -31.55 18.37
CA GLN C 76 -17.92 -30.74 17.94
C GLN C 76 -18.66 -31.36 16.76
N ALA C 77 -18.01 -32.23 15.98
CA ALA C 77 -18.76 -33.04 15.02
C ALA C 77 -19.60 -34.09 15.73
N GLY C 78 -19.20 -34.52 16.92
CA GLY C 78 -19.93 -35.54 17.62
C GLY C 78 -21.13 -35.06 18.40
N ARG C 79 -21.23 -33.75 18.63
CA ARG C 79 -22.35 -33.22 19.40
C ARG C 79 -23.58 -33.03 18.52
N GLU C 80 -23.49 -32.18 17.51
CA GLU C 80 -24.59 -32.03 16.58
C GLU C 80 -24.35 -32.89 15.35
N ILE C 81 -25.45 -33.32 14.72
CA ILE C 81 -25.36 -34.02 13.45
C ILE C 81 -24.97 -33.07 12.32
N ALA C 82 -25.16 -31.77 12.51
CA ALA C 82 -24.84 -30.80 11.48
C ALA C 82 -23.34 -30.66 11.28
N VAL C 83 -22.56 -30.68 12.37
CA VAL C 83 -21.13 -30.52 12.21
C VAL C 83 -20.49 -31.82 11.71
N LYS C 84 -21.09 -32.97 12.03
CA LYS C 84 -20.67 -34.23 11.42
C LYS C 84 -20.95 -34.23 9.92
N ASP C 85 -22.12 -33.70 9.53
CA ASP C 85 -22.41 -33.47 8.11
C ASP C 85 -21.39 -32.53 7.48
N LEU C 86 -20.97 -31.49 8.23
CA LEU C 86 -20.01 -30.52 7.73
C LEU C 86 -18.65 -31.15 7.48
N ILE C 87 -18.14 -31.91 8.45
CA ILE C 87 -16.85 -32.57 8.26
C ILE C 87 -16.93 -33.73 7.29
N GLU C 88 -18.13 -34.20 6.95
CA GLU C 88 -18.25 -35.13 5.83
C GLU C 88 -18.19 -34.39 4.49
N LYS C 89 -18.90 -33.27 4.36
CA LYS C 89 -18.81 -32.47 3.14
C LYS C 89 -17.44 -31.82 3.02
N ALA C 90 -17.06 -31.02 4.02
CA ALA C 90 -15.78 -30.35 4.05
C ALA C 90 -14.77 -31.29 4.69
N GLN C 91 -13.79 -31.76 3.91
CA GLN C 91 -12.85 -32.78 4.36
C GLN C 91 -11.85 -32.18 5.35
N ILE C 92 -12.33 -31.96 6.58
CA ILE C 92 -11.53 -31.28 7.58
C ILE C 92 -10.53 -32.24 8.22
N LEU C 93 -11.01 -33.38 8.72
CA LEU C 93 -10.12 -34.35 9.37
C LEU C 93 -9.18 -35.03 8.39
N GLU C 94 -9.55 -35.12 7.12
CA GLU C 94 -8.66 -35.65 6.10
C GLU C 94 -7.60 -34.65 5.67
N ALA C 95 -7.82 -33.36 5.93
CA ALA C 95 -6.83 -32.34 5.66
C ALA C 95 -5.99 -32.00 6.87
N LEU C 96 -6.37 -32.46 8.07
CA LEU C 96 -5.53 -32.28 9.24
C LEU C 96 -4.34 -33.23 9.26
N LYS C 97 -4.38 -34.30 8.47
CA LYS C 97 -3.17 -35.07 8.25
C LYS C 97 -2.18 -34.30 7.39
N GLU C 98 -2.67 -33.38 6.57
CA GLU C 98 -1.82 -32.58 5.68
C GLU C 98 -1.37 -31.31 6.39
N ILE C 99 -0.72 -31.50 7.54
CA ILE C 99 -0.05 -30.40 8.22
C ILE C 99 1.39 -30.84 8.49
N LYS C 100 2.31 -30.32 7.68
CA LYS C 100 3.70 -30.75 7.71
C LYS C 100 4.66 -29.61 8.01
N ASP C 101 4.18 -28.38 8.05
CA ASP C 101 5.02 -27.20 8.20
C ASP C 101 4.15 -26.03 8.63
N ARG C 102 4.78 -24.86 8.74
CA ARG C 102 4.07 -23.63 9.06
C ARG C 102 3.18 -23.22 7.90
N GLU C 103 3.67 -23.45 6.68
CA GLU C 103 3.02 -22.93 5.48
C GLU C 103 1.69 -23.62 5.21
N THR C 104 1.66 -24.95 5.26
CA THR C 104 0.41 -25.65 4.98
C THR C 104 -0.57 -25.49 6.14
N LEU C 105 -0.07 -25.26 7.35
CA LEU C 105 -0.96 -24.95 8.48
C LEU C 105 -1.66 -23.61 8.26
N GLN C 106 -0.90 -22.59 7.86
CA GLN C 106 -1.51 -21.30 7.55
C GLN C 106 -2.45 -21.38 6.36
N ARG C 107 -2.12 -22.25 5.40
CA ARG C 107 -2.98 -22.49 4.25
C ARG C 107 -4.29 -23.16 4.65
N PHE C 108 -4.22 -24.12 5.58
CA PHE C 108 -5.44 -24.75 6.08
C PHE C 108 -6.27 -23.78 6.89
N CYS C 109 -5.62 -22.87 7.62
CA CYS C 109 -6.37 -21.86 8.36
C CYS C 109 -7.04 -20.86 7.42
N ARG C 110 -6.40 -20.55 6.29
CA ARG C 110 -7.06 -19.76 5.26
C ARG C 110 -8.23 -20.51 4.65
N TYR C 111 -8.14 -21.84 4.56
CA TYR C 111 -9.26 -22.64 4.09
C TYR C 111 -10.43 -22.60 5.08
N MET C 112 -10.12 -22.64 6.38
CA MET C 112 -11.16 -22.52 7.40
C MET C 112 -11.81 -21.14 7.36
N GLU C 113 -11.02 -20.10 7.12
CA GLU C 113 -11.56 -18.75 6.96
C GLU C 113 -12.44 -18.66 5.72
N ALA C 114 -12.07 -19.34 4.63
CA ALA C 114 -12.92 -19.38 3.45
C ALA C 114 -14.22 -20.11 3.73
N LEU C 115 -14.17 -21.15 4.55
CA LEU C 115 -15.37 -21.88 4.96
C LEU C 115 -16.34 -20.97 5.70
N VAL C 116 -15.83 -20.24 6.71
CA VAL C 116 -16.69 -19.35 7.49
C VAL C 116 -17.16 -18.16 6.65
N ALA C 117 -16.31 -17.67 5.74
CA ALA C 117 -16.70 -16.56 4.87
C ALA C 117 -17.85 -16.93 3.96
N TYR C 118 -17.75 -18.08 3.28
CA TYR C 118 -18.86 -18.48 2.44
C TYR C 118 -20.05 -18.99 3.24
N PHE C 119 -19.85 -19.41 4.49
CA PHE C 119 -20.99 -19.74 5.34
C PHE C 119 -21.77 -18.49 5.72
N LYS C 120 -21.08 -17.38 5.96
CA LYS C 120 -21.76 -16.13 6.23
C LYS C 120 -22.35 -15.53 4.96
N PHE C 121 -21.79 -15.87 3.80
CA PHE C 121 -22.23 -15.27 2.53
C PHE C 121 -23.66 -15.64 2.17
N TYR C 122 -24.04 -16.90 2.38
CA TYR C 122 -25.37 -17.35 1.97
C TYR C 122 -26.35 -17.20 3.12
N GLY C 123 -26.92 -16.00 3.21
CA GLY C 123 -27.93 -15.72 4.22
C GLY C 123 -27.40 -15.55 5.63
N THR D 2 0.18 26.15 33.32
CA THR D 2 1.06 25.02 33.59
C THR D 2 0.41 23.71 33.14
N PHE D 3 1.04 22.59 33.51
CA PHE D 3 0.55 21.27 33.11
C PHE D 3 0.84 20.30 34.25
N ALA D 4 -0.21 19.86 34.93
CA ALA D 4 -0.12 18.87 35.99
C ALA D 4 -0.87 17.61 35.58
N LYS D 5 -0.72 16.57 36.39
CA LYS D 5 -1.27 15.26 36.07
C LYS D 5 -1.40 14.49 37.37
N ILE D 6 -2.63 14.15 37.74
CA ILE D 6 -2.91 13.62 39.07
C ILE D 6 -3.33 12.16 38.95
N LYS D 7 -3.29 11.47 40.09
CA LYS D 7 -3.47 10.02 40.14
C LYS D 7 -4.58 9.68 41.11
N PHE D 8 -5.51 8.82 40.68
CA PHE D 8 -6.60 8.32 41.53
C PHE D 8 -6.37 6.83 41.72
N SER D 9 -5.97 6.44 42.92
CA SER D 9 -5.71 5.04 43.24
C SER D 9 -6.87 4.49 44.06
N ALA D 10 -7.43 3.37 43.62
CA ALA D 10 -8.49 2.71 44.36
C ALA D 10 -8.20 1.22 44.42
N GLN D 11 -8.81 0.55 45.38
CA GLN D 11 -8.75 -0.89 45.49
C GLN D 11 -10.12 -1.46 45.17
N ILE D 12 -10.23 -2.09 44.00
CA ILE D 12 -11.45 -2.80 43.65
C ILE D 12 -11.46 -4.07 44.49
N ARG D 13 -12.22 -4.06 45.58
CA ARG D 13 -12.43 -5.25 46.37
C ARG D 13 -13.73 -5.89 45.87
N LEU D 14 -13.60 -7.13 45.39
CA LEU D 14 -14.75 -7.82 44.84
C LEU D 14 -15.68 -8.29 45.94
N GLU D 15 -16.94 -8.50 45.55
CA GLU D 15 -17.87 -9.36 46.27
C GLU D 15 -18.49 -10.23 45.19
N THR D 16 -18.17 -11.53 45.22
CA THR D 16 -18.63 -12.53 44.24
C THR D 16 -18.21 -12.14 42.82
N GLY D 17 -16.90 -12.25 42.60
CA GLY D 17 -16.17 -11.63 41.49
C GLY D 17 -16.57 -11.91 40.06
N LEU D 18 -15.80 -11.34 39.13
CA LEU D 18 -16.27 -10.94 37.81
C LEU D 18 -15.66 -11.79 36.72
N HIS D 19 -16.49 -12.27 35.80
CA HIS D 19 -16.01 -13.01 34.64
C HIS D 19 -15.95 -12.08 33.44
N ILE D 20 -14.74 -11.73 33.02
CA ILE D 20 -14.51 -10.94 31.81
C ILE D 20 -13.85 -11.89 30.82
N GLY D 21 -14.58 -12.26 29.75
CA GLY D 21 -14.27 -13.35 28.84
C GLY D 21 -12.86 -13.57 28.38
N GLY D 22 -12.32 -14.75 28.68
CA GLY D 22 -10.92 -15.04 28.47
C GLY D 22 -10.58 -15.27 27.02
N SER D 23 -9.30 -15.52 26.78
CA SER D 23 -8.72 -15.44 25.45
C SER D 23 -8.68 -16.79 24.74
N ASP D 24 -8.06 -17.80 25.34
CA ASP D 24 -7.71 -19.02 24.60
C ASP D 24 -8.94 -19.86 24.29
N ALA D 25 -9.05 -20.27 23.03
CA ALA D 25 -10.15 -21.11 22.59
C ALA D 25 -9.85 -22.59 22.72
N PHE D 26 -8.58 -22.95 22.95
CA PHE D 26 -8.20 -24.34 23.16
C PHE D 26 -8.60 -24.78 24.57
N ALA D 27 -9.89 -24.83 24.84
CA ALA D 27 -10.34 -24.74 26.22
C ALA D 27 -10.33 -26.08 26.94
N ALA D 28 -11.24 -26.97 26.54
CA ALA D 28 -11.61 -28.10 27.38
C ALA D 28 -12.56 -29.06 26.70
N ILE D 29 -13.01 -30.06 27.46
CA ILE D 29 -14.26 -30.75 27.18
C ILE D 29 -15.14 -30.60 28.41
N GLY D 30 -14.67 -31.14 29.53
CA GLY D 30 -15.39 -31.08 30.79
C GLY D 30 -14.71 -30.17 31.81
N ALA D 31 -14.21 -29.04 31.34
CA ALA D 31 -13.61 -28.02 32.19
C ALA D 31 -14.06 -26.68 31.65
N ILE D 32 -13.30 -25.64 31.99
CA ILE D 32 -13.57 -24.25 31.64
C ILE D 32 -13.77 -24.08 30.14
N ASN D 33 -14.96 -23.63 29.76
CA ASN D 33 -15.27 -23.30 28.37
C ASN D 33 -15.70 -21.84 28.26
N SER D 34 -15.35 -21.03 29.26
CA SER D 34 -15.54 -19.59 29.27
C SER D 34 -14.62 -18.99 30.32
N PRO D 35 -13.34 -18.79 30.02
CA PRO D 35 -12.42 -18.31 31.05
C PRO D 35 -12.51 -16.82 31.28
N VAL D 36 -11.76 -16.35 32.27
CA VAL D 36 -11.68 -14.94 32.61
C VAL D 36 -10.45 -14.39 31.91
N ILE D 37 -10.41 -13.07 31.71
CA ILE D 37 -9.25 -12.47 31.06
C ILE D 37 -8.08 -12.53 32.03
N LYS D 38 -6.87 -12.62 31.49
CA LYS D 38 -5.77 -13.10 32.30
C LYS D 38 -4.45 -12.47 31.86
N ASP D 39 -3.63 -12.11 32.84
CA ASP D 39 -2.28 -11.65 32.59
C ASP D 39 -1.42 -12.85 32.25
N PRO D 40 -0.98 -12.99 31.00
CA PRO D 40 -0.49 -14.30 30.52
C PRO D 40 0.88 -14.69 31.04
N ILE D 41 1.59 -13.82 31.75
CA ILE D 41 2.87 -14.24 32.31
C ILE D 41 2.67 -14.93 33.66
N THR D 42 1.63 -14.56 34.41
CA THR D 42 1.34 -15.18 35.70
C THR D 42 -0.02 -15.85 35.76
N ASN D 43 -0.83 -15.77 34.69
CA ASN D 43 -2.18 -16.32 34.59
C ASN D 43 -3.12 -15.77 35.66
N LEU D 44 -2.84 -14.58 36.16
CA LEU D 44 -3.70 -13.92 37.13
C LEU D 44 -4.92 -13.33 36.43
N PRO D 45 -6.12 -13.51 36.98
CA PRO D 45 -7.26 -12.69 36.55
C PRO D 45 -7.02 -11.24 36.93
N ILE D 46 -6.98 -10.37 35.93
CA ILE D 46 -6.84 -8.95 36.15
C ILE D 46 -8.08 -8.27 35.58
N ILE D 47 -8.33 -7.06 36.04
CA ILE D 47 -9.41 -6.22 35.51
C ILE D 47 -8.79 -5.23 34.53
N PRO D 48 -9.08 -5.33 33.24
CA PRO D 48 -8.55 -4.36 32.30
C PRO D 48 -9.25 -3.02 32.43
N GLY D 49 -8.54 -1.96 32.04
CA GLY D 49 -9.11 -0.63 32.08
C GLY D 49 -10.16 -0.40 31.02
N SER D 50 -10.21 -1.26 30.00
CA SER D 50 -11.16 -1.07 28.91
C SER D 50 -12.59 -1.37 29.35
N SER D 51 -12.77 -2.43 30.15
CA SER D 51 -14.10 -2.71 30.71
C SER D 51 -14.52 -1.64 31.70
N LEU D 52 -13.56 -1.08 32.44
CA LEU D 52 -13.86 0.02 33.35
C LEU D 52 -14.33 1.26 32.60
N LYS D 53 -13.63 1.62 31.52
CA LYS D 53 -14.01 2.77 30.71
C LYS D 53 -15.36 2.56 30.04
N GLY D 54 -15.58 1.39 29.44
CA GLY D 54 -16.84 1.16 28.79
C GLY D 54 -18.02 0.95 29.71
N LYS D 55 -17.77 0.50 30.94
CA LYS D 55 -18.85 0.44 31.91
C LYS D 55 -19.20 1.82 32.41
N MET D 56 -18.19 2.62 32.78
CA MET D 56 -18.43 3.97 33.26
C MET D 56 -19.01 4.88 32.21
N ARG D 57 -18.77 4.59 30.92
CA ARG D 57 -19.38 5.35 29.83
C ARG D 57 -20.90 5.28 29.88
N THR D 58 -21.46 4.06 29.89
CA THR D 58 -22.91 3.94 29.96
C THR D 58 -23.45 4.30 31.34
N LEU D 59 -22.68 4.02 32.41
CA LEU D 59 -23.15 4.33 33.75
C LEU D 59 -23.24 5.82 34.02
N LEU D 60 -22.36 6.62 33.42
CA LEU D 60 -22.45 8.06 33.53
C LEU D 60 -23.25 8.68 32.39
N ALA D 61 -23.54 7.92 31.33
CA ALA D 61 -24.45 8.42 30.33
C ALA D 61 -25.91 8.19 30.73
N LYS D 62 -26.15 7.29 31.67
CA LYS D 62 -27.48 7.20 32.26
C LYS D 62 -27.83 8.40 33.12
N VAL D 63 -26.85 9.20 33.52
CA VAL D 63 -27.03 10.32 34.44
C VAL D 63 -26.90 11.66 33.75
N TYR D 64 -25.84 11.85 32.97
CA TYR D 64 -25.47 13.17 32.49
C TYR D 64 -25.90 13.45 31.05
N ASN D 65 -26.41 12.45 30.34
CA ASN D 65 -26.99 12.72 29.03
C ASN D 65 -28.35 13.37 29.17
N GLU D 66 -28.52 14.53 28.55
CA GLU D 66 -29.86 15.06 28.36
C GLU D 66 -30.49 14.52 27.08
N LYS D 67 -29.67 14.27 26.06
CA LYS D 67 -30.12 13.70 24.81
C LYS D 67 -29.92 12.19 24.83
N VAL D 68 -30.76 11.49 24.07
CA VAL D 68 -30.57 10.05 23.86
C VAL D 68 -29.35 9.87 22.96
N ALA D 69 -28.65 8.74 23.13
CA ALA D 69 -27.33 8.60 22.52
C ALA D 69 -27.41 8.21 21.05
N GLU D 70 -27.96 7.01 20.79
CA GLU D 70 -28.12 6.34 19.48
C GLU D 70 -26.79 5.85 18.90
N LYS D 71 -25.68 6.22 19.55
CA LYS D 71 -24.32 6.09 19.05
C LYS D 71 -23.37 6.54 20.16
N PRO D 72 -22.09 6.19 20.08
CA PRO D 72 -21.09 7.00 20.79
C PRO D 72 -20.76 8.24 19.98
N SER D 73 -19.82 9.07 20.49
CA SER D 73 -19.51 10.40 19.95
C SER D 73 -20.75 11.29 19.86
N ASP D 74 -21.66 11.12 20.81
CA ASP D 74 -22.81 11.99 20.99
C ASP D 74 -23.10 12.24 22.46
N ASP D 75 -22.11 12.03 23.33
CA ASP D 75 -22.26 12.29 24.75
C ASP D 75 -22.35 13.79 25.01
N SER D 76 -22.78 14.13 26.22
CA SER D 76 -23.23 15.49 26.52
C SER D 76 -22.10 16.42 26.95
N ASP D 77 -20.86 16.12 26.54
CA ASP D 77 -19.67 17.00 26.61
C ASP D 77 -19.19 17.30 28.03
N ILE D 78 -19.91 16.82 29.04
CA ILE D 78 -19.37 16.67 30.37
C ILE D 78 -18.65 15.33 30.48
N LEU D 79 -19.08 14.34 29.69
CA LEU D 79 -18.41 13.06 29.56
C LEU D 79 -17.44 13.03 28.40
N SER D 80 -17.71 13.79 27.35
CA SER D 80 -16.91 13.74 26.14
C SER D 80 -15.56 14.42 26.29
N ARG D 81 -15.31 15.10 27.40
CA ARG D 81 -13.95 15.49 27.76
C ARG D 81 -13.33 14.55 28.77
N LEU D 82 -14.11 13.62 29.32
CA LEU D 82 -13.59 12.60 30.21
C LEU D 82 -13.37 11.27 29.49
N PHE D 83 -14.22 10.94 28.53
CA PHE D 83 -14.10 9.68 27.81
C PHE D 83 -13.81 9.88 26.33
N GLY D 84 -13.70 11.13 25.88
CA GLY D 84 -13.31 11.45 24.52
C GLY D 84 -14.42 11.28 23.50
N ASN D 85 -14.45 12.16 22.50
CA ASN D 85 -15.26 11.91 21.33
C ASN D 85 -14.40 11.31 20.23
N SER D 86 -15.07 10.73 19.25
CA SER D 86 -14.46 10.35 18.00
C SER D 86 -14.69 11.39 16.91
N LYS D 87 -15.47 12.42 17.18
CA LYS D 87 -15.91 13.33 16.13
C LYS D 87 -15.65 14.79 16.45
N ASP D 88 -15.76 15.20 17.71
CA ASP D 88 -15.64 16.61 18.06
C ASP D 88 -14.20 17.09 17.92
N LYS D 89 -14.04 18.28 17.34
CA LYS D 89 -12.77 18.70 16.76
C LYS D 89 -11.68 18.90 17.81
N ARG D 90 -12.03 19.48 18.96
CA ARG D 90 -11.06 19.65 20.03
C ARG D 90 -11.13 18.53 21.06
N PHE D 91 -12.10 17.62 20.95
CA PHE D 91 -12.32 16.56 21.93
C PHE D 91 -12.10 15.19 21.33
N LYS D 92 -11.04 15.05 20.52
CA LYS D 92 -10.62 13.72 20.09
C LYS D 92 -9.95 12.98 21.24
N MET D 93 -9.24 13.68 22.11
CA MET D 93 -8.62 13.07 23.28
C MET D 93 -9.64 13.02 24.42
N GLY D 94 -9.26 12.37 25.53
CA GLY D 94 -10.20 12.20 26.61
C GLY D 94 -9.68 12.46 28.00
N ARG D 95 -8.37 12.70 28.15
CA ARG D 95 -7.67 13.17 29.37
C ARG D 95 -7.78 12.24 30.59
N LEU D 96 -8.47 11.10 30.45
CA LEU D 96 -8.57 10.10 31.50
C LEU D 96 -7.86 8.83 31.04
N ILE D 97 -6.88 8.40 31.80
CA ILE D 97 -6.18 7.15 31.53
C ILE D 97 -6.58 6.14 32.61
N PHE D 98 -7.07 4.98 32.18
CA PHE D 98 -7.62 3.96 33.06
C PHE D 98 -6.71 2.75 33.00
N ARG D 99 -5.68 2.71 33.85
CA ARG D 99 -4.72 1.63 33.83
C ARG D 99 -5.36 0.32 34.30
N ASP D 100 -4.81 -0.79 33.81
CA ASP D 100 -5.39 -2.10 34.07
C ASP D 100 -5.13 -2.50 35.51
N ALA D 101 -6.19 -2.87 36.22
CA ALA D 101 -6.09 -3.19 37.65
C ALA D 101 -5.54 -4.59 37.82
N PHE D 102 -4.47 -4.72 38.61
CA PHE D 102 -3.82 -5.99 38.85
C PHE D 102 -4.21 -6.53 40.22
N LEU D 103 -4.32 -7.85 40.32
CA LEU D 103 -4.68 -8.51 41.56
C LEU D 103 -3.53 -8.38 42.55
N SER D 104 -3.76 -7.67 43.65
CA SER D 104 -2.67 -7.26 44.52
C SER D 104 -2.42 -8.27 45.64
N ASN D 105 -3.45 -8.60 46.42
CA ASN D 105 -3.26 -9.35 47.66
C ASN D 105 -3.09 -10.85 47.38
N ALA D 106 -1.96 -11.18 46.74
CA ALA D 106 -1.59 -12.58 46.61
C ALA D 106 -1.08 -13.14 47.93
N ASP D 107 -0.62 -12.25 48.83
CA ASP D 107 -0.01 -12.70 50.08
C ASP D 107 -1.07 -13.08 51.10
N GLU D 108 -2.08 -12.23 51.28
CA GLU D 108 -3.12 -12.52 52.27
C GLU D 108 -4.08 -13.61 51.81
N LEU D 109 -4.26 -13.78 50.50
CA LEU D 109 -5.17 -14.79 49.98
C LEU D 109 -4.51 -16.16 49.84
N ASP D 110 -3.23 -16.27 50.14
CA ASP D 110 -2.63 -17.56 50.40
C ASP D 110 -2.77 -17.98 51.85
N SER D 111 -2.92 -17.02 52.76
CA SER D 111 -3.27 -17.35 54.14
C SER D 111 -4.67 -17.92 54.22
N LEU D 112 -5.60 -17.35 53.44
CA LEU D 112 -6.89 -17.98 53.22
C LEU D 112 -6.69 -19.20 52.35
N GLY D 113 -7.37 -20.30 52.68
CA GLY D 113 -7.08 -21.60 52.09
C GLY D 113 -7.47 -21.75 50.63
N VAL D 114 -6.90 -20.93 49.77
CA VAL D 114 -7.28 -20.88 48.36
C VAL D 114 -6.24 -21.63 47.55
N ARG D 115 -6.70 -22.62 46.79
CA ARG D 115 -5.83 -23.40 45.90
C ARG D 115 -5.25 -22.53 44.80
N SER D 116 -6.10 -22.00 43.93
CA SER D 116 -5.68 -21.10 42.87
C SER D 116 -6.65 -19.93 42.82
N TYR D 117 -6.19 -18.82 42.23
CA TYR D 117 -6.86 -17.54 42.35
C TYR D 117 -8.08 -17.40 41.44
N THR D 118 -8.58 -18.50 40.86
CA THR D 118 -9.82 -18.50 40.10
C THR D 118 -10.80 -19.47 40.74
N GLU D 119 -11.92 -19.72 40.06
CA GLU D 119 -12.84 -20.77 40.48
C GLU D 119 -13.59 -21.26 39.25
N VAL D 120 -14.24 -22.41 39.37
CA VAL D 120 -15.06 -22.96 38.30
C VAL D 120 -16.48 -23.08 38.84
N LYS D 121 -17.40 -22.30 38.28
CA LYS D 121 -18.75 -22.15 38.80
C LYS D 121 -19.70 -22.72 37.77
N PHE D 122 -20.23 -23.91 38.05
CA PHE D 122 -21.14 -24.57 37.12
C PHE D 122 -22.45 -23.78 37.06
N GLU D 123 -22.91 -23.47 35.85
CA GLU D 123 -24.01 -22.52 35.70
C GLU D 123 -24.99 -22.92 34.61
N ASN D 124 -25.52 -24.15 34.68
CA ASN D 124 -26.22 -24.82 33.58
C ASN D 124 -27.48 -24.08 33.12
N THR D 125 -27.96 -24.46 31.95
CA THR D 125 -29.19 -23.92 31.38
C THR D 125 -30.25 -25.02 31.44
N ILE D 126 -31.09 -24.97 32.46
CA ILE D 126 -32.20 -25.93 32.54
C ILE D 126 -33.23 -25.57 31.50
N ASP D 127 -33.53 -26.53 30.62
CA ASP D 127 -34.54 -26.34 29.59
C ASP D 127 -35.91 -26.22 30.23
N ARG D 128 -36.64 -25.17 29.85
CA ARG D 128 -37.90 -24.85 30.52
C ARG D 128 -39.01 -25.83 30.18
N ILE D 129 -38.86 -26.60 29.11
CA ILE D 129 -39.66 -27.79 28.91
C ILE D 129 -38.68 -28.94 28.73
N THR D 130 -39.14 -30.15 29.08
CA THR D 130 -38.40 -31.42 29.13
C THR D 130 -37.24 -31.46 30.13
N ALA D 131 -37.02 -30.37 30.89
CA ALA D 131 -36.14 -30.29 32.05
C ALA D 131 -34.69 -30.69 31.83
N GLU D 132 -34.24 -30.77 30.58
CA GLU D 132 -32.89 -31.24 30.34
C GLU D 132 -31.88 -30.14 30.64
N ALA D 133 -30.65 -30.56 30.93
CA ALA D 133 -29.62 -29.65 31.38
C ALA D 133 -28.66 -29.33 30.26
N ASN D 134 -27.99 -28.19 30.39
CA ASN D 134 -27.03 -27.71 29.39
C ASN D 134 -25.95 -26.94 30.12
N PRO D 135 -24.92 -27.63 30.60
CA PRO D 135 -23.99 -27.01 31.55
C PRO D 135 -23.01 -26.06 30.89
N ARG D 136 -22.60 -25.09 31.69
CA ARG D 136 -21.49 -24.23 31.36
C ARG D 136 -20.66 -24.06 32.62
N GLN D 137 -19.37 -23.85 32.44
CA GLN D 137 -18.45 -23.66 33.55
C GLN D 137 -17.80 -22.30 33.33
N ILE D 138 -18.45 -21.24 33.75
CA ILE D 138 -17.93 -19.90 33.54
C ILE D 138 -17.05 -19.54 34.73
N GLU D 139 -15.82 -19.16 34.43
CA GLU D 139 -14.79 -18.97 35.44
C GLU D 139 -14.76 -17.52 35.89
N ARG D 140 -14.70 -17.33 37.20
CA ARG D 140 -14.71 -15.98 37.75
C ARG D 140 -13.56 -15.83 38.74
N ALA D 141 -13.19 -14.59 39.00
CA ALA D 141 -12.27 -14.31 40.07
C ALA D 141 -12.94 -14.57 41.41
N ILE D 142 -12.15 -14.92 42.40
CA ILE D 142 -12.67 -15.38 43.69
C ILE D 142 -13.26 -14.20 44.46
N ARG D 143 -13.95 -14.51 45.56
CA ARG D 143 -14.97 -13.62 46.11
C ARG D 143 -14.38 -12.33 46.67
N ASN D 144 -13.20 -12.39 47.28
CA ASN D 144 -12.68 -11.24 48.01
C ASN D 144 -11.25 -10.92 47.60
N SER D 145 -11.00 -10.83 46.30
CA SER D 145 -9.73 -10.32 45.82
C SER D 145 -9.78 -8.80 45.71
N THR D 146 -8.61 -8.17 45.75
CA THR D 146 -8.51 -6.74 45.52
C THR D 146 -7.72 -6.49 44.24
N PHE D 147 -7.95 -5.32 43.67
CA PHE D 147 -7.32 -4.91 42.43
C PHE D 147 -6.87 -3.47 42.54
N ASP D 148 -5.70 -3.17 41.97
CA ASP D 148 -5.14 -1.82 42.05
C ASP D 148 -5.65 -1.01 40.86
N PHE D 149 -6.84 -0.45 41.00
CA PHE D 149 -7.41 0.40 39.96
C PHE D 149 -6.67 1.73 39.98
N GLU D 150 -5.71 1.87 39.08
CA GLU D 150 -5.09 3.16 38.87
C GLU D 150 -5.98 4.03 37.99
N LEU D 151 -5.69 5.32 38.00
CA LEU D 151 -6.39 6.29 37.18
C LEU D 151 -5.50 7.52 37.09
N ILE D 152 -5.53 8.19 35.95
CA ILE D 152 -4.68 9.36 35.73
C ILE D 152 -5.51 10.43 35.03
N TYR D 153 -5.55 11.62 35.64
CA TYR D 153 -6.31 12.76 35.15
C TYR D 153 -5.35 13.88 34.78
N GLU D 154 -5.77 14.70 33.82
CA GLU D 154 -4.95 15.76 33.25
C GLU D 154 -5.29 17.12 33.85
N ILE D 155 -4.32 18.03 33.79
CA ILE D 155 -4.48 19.43 34.15
C ILE D 155 -3.60 20.20 33.19
N THR D 156 -4.17 21.13 32.45
CA THR D 156 -3.44 21.94 31.49
C THR D 156 -3.69 23.41 31.75
N ASP D 157 -3.28 24.25 30.80
CA ASP D 157 -3.77 25.63 30.74
C ASP D 157 -5.01 25.71 29.86
N GLU D 158 -5.95 24.80 30.12
CA GLU D 158 -7.28 24.82 29.52
C GLU D 158 -8.31 24.32 30.50
N ASN D 159 -7.92 24.06 31.75
CA ASN D 159 -8.80 23.55 32.80
C ASN D 159 -8.67 24.51 33.97
N GLU D 160 -9.48 25.57 33.96
CA GLU D 160 -9.43 26.55 35.05
C GLU D 160 -10.19 26.02 36.27
N ASN D 161 -11.49 25.78 36.12
CA ASN D 161 -12.30 25.24 37.19
C ASN D 161 -12.90 23.88 36.87
N GLN D 162 -12.71 23.37 35.65
CA GLN D 162 -13.29 22.10 35.26
C GLN D 162 -12.48 20.90 35.77
N VAL D 163 -11.42 21.14 36.54
CA VAL D 163 -10.77 20.05 37.27
C VAL D 163 -11.73 19.50 38.31
N GLU D 164 -12.42 20.38 39.04
CA GLU D 164 -13.37 19.99 40.08
C GLU D 164 -14.79 19.83 39.57
N GLU D 165 -15.07 20.24 38.32
CA GLU D 165 -16.38 20.00 37.74
C GLU D 165 -16.59 18.52 37.44
N ASP D 166 -15.56 17.85 36.96
CA ASP D 166 -15.66 16.46 36.55
C ASP D 166 -15.38 15.47 37.68
N PHE D 167 -14.99 15.96 38.86
CA PHE D 167 -14.67 15.04 39.96
C PHE D 167 -15.93 14.42 40.54
N LYS D 168 -16.97 15.20 40.77
CA LYS D 168 -18.25 14.65 41.17
C LYS D 168 -18.99 13.97 40.01
N VAL D 169 -18.49 14.12 38.80
CA VAL D 169 -18.87 13.25 37.69
C VAL D 169 -18.09 11.95 37.72
N ILE D 170 -16.81 12.01 38.09
CA ILE D 170 -16.02 10.79 38.22
C ILE D 170 -16.44 10.01 39.46
N ARG D 171 -16.67 10.71 40.59
CA ARG D 171 -17.11 10.04 41.80
C ARG D 171 -18.52 9.46 41.66
N ASP D 172 -19.33 10.06 40.77
CA ASP D 172 -20.58 9.43 40.37
C ASP D 172 -20.34 8.07 39.75
N GLY D 173 -19.27 7.92 38.98
CA GLY D 173 -18.90 6.61 38.47
C GLY D 173 -18.40 5.68 39.56
N LEU D 174 -17.72 6.24 40.57
CA LEU D 174 -17.15 5.39 41.61
C LEU D 174 -18.22 4.85 42.55
N LYS D 175 -19.28 5.62 42.80
CA LYS D 175 -20.37 5.12 43.64
C LYS D 175 -21.61 4.75 42.84
N LEU D 176 -21.49 4.65 41.51
CA LEU D 176 -22.44 3.91 40.70
C LEU D 176 -21.86 2.64 40.11
N LEU D 177 -20.55 2.43 40.24
CA LEU D 177 -20.00 1.11 39.91
C LEU D 177 -20.42 0.07 40.93
N GLU D 178 -20.74 0.51 42.15
CA GLU D 178 -21.37 -0.34 43.16
C GLU D 178 -22.89 -0.35 43.02
N LEU D 179 -23.42 0.21 41.92
CA LEU D 179 -24.79 0.01 41.49
C LEU D 179 -24.91 -0.91 40.30
N ASP D 180 -23.79 -1.29 39.69
CA ASP D 180 -23.79 -2.10 38.47
C ASP D 180 -22.69 -3.13 38.63
N TYR D 181 -22.29 -3.77 37.53
CA TYR D 181 -21.63 -5.06 37.70
C TYR D 181 -20.30 -5.25 36.97
N LEU D 182 -19.66 -4.17 36.50
CA LEU D 182 -18.29 -4.20 35.94
C LEU D 182 -18.09 -5.15 34.77
N GLY D 183 -19.16 -5.49 34.05
CA GLY D 183 -19.02 -6.50 33.02
C GLY D 183 -19.03 -7.91 33.56
N GLY D 184 -19.61 -8.82 32.79
CA GLY D 184 -19.80 -10.17 33.25
C GLY D 184 -21.09 -10.74 32.72
N SER D 185 -21.88 -11.38 33.59
CA SER D 185 -23.25 -11.73 33.24
C SER D 185 -24.27 -10.83 33.89
N GLY D 186 -23.89 -10.10 34.93
CA GLY D 186 -24.73 -9.08 35.50
C GLY D 186 -25.77 -9.59 36.47
N SER D 187 -26.77 -10.28 35.92
CA SER D 187 -27.93 -10.69 36.70
C SER D 187 -27.71 -11.97 37.48
N ARG D 188 -26.47 -12.41 37.62
CA ARG D 188 -26.12 -13.51 38.50
C ARG D 188 -25.04 -13.07 39.48
N GLY D 189 -25.13 -11.82 39.92
CA GLY D 189 -24.13 -11.24 40.79
C GLY D 189 -23.01 -10.64 39.97
N TYR D 190 -21.81 -11.21 40.11
CA TYR D 190 -20.66 -11.05 39.23
C TYR D 190 -20.06 -9.65 39.17
N GLY D 191 -20.58 -8.68 39.91
CA GLY D 191 -19.90 -7.40 39.85
C GLY D 191 -19.89 -6.51 41.07
N LYS D 192 -20.49 -6.95 42.16
CA LYS D 192 -20.63 -6.09 43.32
C LYS D 192 -19.27 -5.87 43.96
N VAL D 193 -18.86 -4.61 44.05
CA VAL D 193 -17.48 -4.26 44.41
C VAL D 193 -17.49 -3.07 45.35
N ALA D 194 -16.31 -2.80 45.92
CA ALA D 194 -16.06 -1.58 46.68
C ALA D 194 -14.70 -1.04 46.26
N PHE D 195 -14.43 0.21 46.64
CA PHE D 195 -13.22 0.91 46.21
C PHE D 195 -12.51 1.44 47.45
N GLU D 196 -11.67 0.60 48.03
CA GLU D 196 -11.00 0.90 49.28
C GLU D 196 -9.78 1.78 49.07
N ASN D 197 -9.48 2.58 50.09
CA ASN D 197 -8.20 3.29 50.27
C ASN D 197 -7.91 4.27 49.13
N LEU D 198 -8.78 5.26 49.00
CA LEU D 198 -8.56 6.32 48.03
C LEU D 198 -7.45 7.24 48.49
N LYS D 199 -6.43 7.40 47.64
CA LYS D 199 -5.26 8.22 47.97
C LYS D 199 -4.90 8.98 46.70
N ALA D 200 -5.46 10.17 46.56
CA ALA D 200 -5.37 10.96 45.33
C ALA D 200 -4.29 12.01 45.48
N THR D 201 -3.31 11.99 44.58
CA THR D 201 -2.21 12.93 44.63
C THR D 201 -1.79 13.29 43.22
N THR D 202 -1.00 14.35 43.10
CA THR D 202 -0.52 14.84 41.81
C THR D 202 0.84 14.20 41.54
N VAL D 203 0.86 13.22 40.63
CA VAL D 203 2.12 12.58 40.30
C VAL D 203 2.98 13.43 39.38
N PHE D 204 2.41 14.46 38.75
CA PHE D 204 3.18 15.38 37.92
C PHE D 204 2.62 16.78 38.10
N GLY D 205 3.49 17.78 38.06
CA GLY D 205 3.07 19.16 38.02
C GLY D 205 2.63 19.68 39.38
N ASN D 206 2.59 21.01 39.48
CA ASN D 206 2.27 21.69 40.74
C ASN D 206 0.76 21.83 40.86
N TYR D 207 0.16 21.02 41.73
CA TYR D 207 -1.23 21.19 42.12
C TYR D 207 -1.38 20.73 43.56
N ASP D 208 -2.38 21.28 44.24
CA ASP D 208 -2.54 21.04 45.66
C ASP D 208 -3.17 19.67 45.92
N VAL D 209 -2.70 19.01 46.97
CA VAL D 209 -3.23 17.70 47.34
C VAL D 209 -4.15 17.78 48.56
N LYS D 210 -4.02 18.80 49.39
CA LYS D 210 -4.72 18.87 50.67
C LYS D 210 -6.11 19.49 50.58
N THR D 211 -6.27 20.57 49.80
CA THR D 211 -7.60 21.06 49.51
C THR D 211 -8.30 20.20 48.46
N LEU D 212 -7.55 19.33 47.78
CA LEU D 212 -8.13 18.40 46.83
C LEU D 212 -8.84 17.25 47.52
N ASN D 213 -8.47 16.96 48.77
CA ASN D 213 -8.84 15.71 49.44
C ASN D 213 -10.12 15.81 50.25
N GLU D 214 -11.07 16.64 49.82
CA GLU D 214 -12.29 16.82 50.59
C GLU D 214 -13.48 16.07 49.99
N LEU D 215 -13.62 16.08 48.66
CA LEU D 215 -14.83 15.57 48.03
C LEU D 215 -14.70 14.13 47.56
N LEU D 216 -13.55 13.50 47.76
CA LEU D 216 -13.30 12.19 47.16
C LEU D 216 -14.03 11.09 47.92
N THR D 217 -13.70 10.91 49.19
CA THR D 217 -14.25 9.84 50.00
C THR D 217 -15.54 10.22 50.72
N ALA D 218 -15.80 11.52 50.89
CA ALA D 218 -17.00 11.97 51.59
C ALA D 218 -18.23 11.84 50.70
N THR E 2 35.43 19.66 20.85
CA THR E 2 35.22 18.23 20.75
C THR E 2 33.96 17.89 19.98
N PHE E 3 33.64 16.61 19.92
CA PHE E 3 32.36 16.12 19.43
C PHE E 3 31.90 15.01 20.36
N ALA E 4 30.78 15.25 21.04
CA ALA E 4 30.36 14.40 22.15
C ALA E 4 29.01 13.76 21.82
N LYS E 5 29.04 12.56 21.26
CA LYS E 5 27.87 11.69 21.17
C LYS E 5 27.74 10.92 22.48
N ILE E 6 26.54 10.92 23.04
CA ILE E 6 26.26 10.34 24.35
C ILE E 6 25.07 9.40 24.21
N LYS E 7 25.24 8.16 24.68
CA LYS E 7 24.24 7.11 24.55
C LYS E 7 23.51 6.93 25.87
N PHE E 8 22.19 7.02 25.84
CA PHE E 8 21.34 6.95 27.02
C PHE E 8 20.72 5.55 27.13
N SER E 9 21.49 4.60 27.63
CA SER E 9 20.99 3.24 27.83
C SER E 9 19.88 3.23 28.87
N ALA E 10 18.79 2.54 28.58
CA ALA E 10 17.62 2.55 29.44
C ALA E 10 16.81 1.28 29.21
N GLN E 11 16.05 0.91 30.24
CA GLN E 11 15.23 -0.29 30.22
C GLN E 11 13.77 0.11 30.24
N ILE E 12 13.13 0.08 29.09
CA ILE E 12 11.68 0.20 29.05
C ILE E 12 11.12 -1.12 29.54
N ARG E 13 10.61 -1.13 30.78
CA ARG E 13 9.88 -2.27 31.28
C ARG E 13 8.39 -1.96 31.17
N LEU E 14 7.68 -2.83 30.48
CA LEU E 14 6.24 -2.68 30.40
C LEU E 14 5.57 -3.07 31.71
N GLU E 15 4.47 -2.40 32.02
CA GLU E 15 3.45 -2.85 32.94
C GLU E 15 2.14 -2.40 32.34
N THR E 16 1.08 -3.19 32.52
CA THR E 16 -0.19 -3.05 31.78
C THR E 16 0.09 -3.04 30.27
N GLY E 17 0.52 -4.22 29.80
CA GLY E 17 1.20 -4.47 28.54
C GLY E 17 0.82 -3.70 27.29
N LEU E 18 1.83 -3.34 26.52
CA LEU E 18 1.77 -2.33 25.48
C LEU E 18 1.29 -2.89 24.15
N HIS E 19 0.58 -2.04 23.42
CA HIS E 19 0.21 -2.29 22.03
C HIS E 19 0.55 -1.05 21.24
N ILE E 20 1.41 -1.19 20.24
CA ILE E 20 1.57 -0.20 19.21
C ILE E 20 0.89 -0.73 17.97
N GLY E 21 0.26 0.16 17.20
CA GLY E 21 -0.44 -0.29 16.02
C GLY E 21 0.50 -0.70 14.91
N GLY E 22 -0.08 -1.32 13.91
CA GLY E 22 0.68 -1.86 12.81
C GLY E 22 -0.15 -1.96 11.58
N SER E 23 -0.03 -3.09 10.90
CA SER E 23 -0.67 -3.31 9.61
C SER E 23 -2.17 -3.46 9.79
N ASP E 24 -2.91 -2.35 9.63
CA ASP E 24 -4.36 -2.45 9.54
C ASP E 24 -4.84 -2.80 8.14
N ALA E 25 -3.91 -3.20 7.26
CA ALA E 25 -4.27 -3.94 6.05
C ALA E 25 -5.06 -5.17 6.44
N PHE E 26 -6.01 -5.54 5.57
CA PHE E 26 -7.11 -6.40 5.95
C PHE E 26 -6.64 -7.82 6.27
N ALA E 27 -6.55 -8.11 7.55
CA ALA E 27 -6.07 -9.37 8.10
C ALA E 27 -7.16 -10.44 7.97
N ALA E 28 -6.87 -11.60 8.55
CA ALA E 28 -7.80 -12.72 8.47
C ALA E 28 -9.05 -12.46 9.29
N ILE E 29 -10.04 -13.34 9.11
CA ILE E 29 -11.39 -13.10 9.61
C ILE E 29 -11.44 -13.19 11.13
N GLY E 30 -11.16 -14.37 11.67
CA GLY E 30 -11.19 -14.50 13.10
C GLY E 30 -9.95 -14.03 13.81
N ALA E 31 -8.93 -13.62 13.07
CA ALA E 31 -7.62 -13.35 13.64
C ALA E 31 -7.59 -11.97 14.29
N ILE E 32 -6.37 -11.50 14.58
CA ILE E 32 -6.19 -10.21 15.21
C ILE E 32 -6.57 -9.11 14.23
N ASN E 33 -7.38 -8.16 14.69
CA ASN E 33 -7.83 -7.08 13.83
C ASN E 33 -6.78 -5.98 13.76
N SER E 34 -6.21 -5.59 14.90
CA SER E 34 -5.19 -4.56 14.95
C SER E 34 -3.89 -5.18 15.47
N PRO E 35 -3.06 -5.72 14.59
CA PRO E 35 -1.85 -6.41 15.06
C PRO E 35 -0.76 -5.42 15.46
N VAL E 36 0.10 -5.88 16.36
CA VAL E 36 1.24 -5.07 16.76
C VAL E 36 2.31 -5.11 15.67
N ILE E 37 3.15 -4.09 15.62
CA ILE E 37 4.28 -4.07 14.70
C ILE E 37 5.41 -4.87 15.33
N LYS E 38 5.92 -5.84 14.59
CA LYS E 38 6.98 -6.71 15.07
C LYS E 38 8.15 -6.66 14.10
N ASP E 39 9.35 -6.82 14.63
CA ASP E 39 10.56 -6.86 13.83
C ASP E 39 10.55 -8.11 12.95
N PRO E 40 10.69 -7.98 11.62
CA PRO E 40 10.41 -9.12 10.73
C PRO E 40 11.43 -10.23 10.80
N ILE E 41 12.61 -10.01 11.39
CA ILE E 41 13.57 -11.08 11.57
C ILE E 41 13.09 -12.03 12.66
N THR E 42 12.79 -11.48 13.83
CA THR E 42 12.59 -12.25 15.05
C THR E 42 11.13 -12.42 15.44
N ASN E 43 10.24 -11.58 14.90
CA ASN E 43 8.81 -11.50 15.24
C ASN E 43 8.57 -11.20 16.72
N LEU E 44 9.54 -10.58 17.40
CA LEU E 44 9.30 -10.03 18.70
C LEU E 44 8.70 -8.64 18.56
N PRO E 45 7.96 -8.17 19.58
CA PRO E 45 7.48 -6.78 19.54
C PRO E 45 8.61 -5.77 19.50
N ILE E 46 8.40 -4.73 18.72
CA ILE E 46 9.37 -3.64 18.57
C ILE E 46 8.67 -2.33 18.91
N ILE E 47 9.27 -1.56 19.81
CA ILE E 47 8.82 -0.19 20.07
C ILE E 47 9.70 0.72 19.23
N PRO E 48 9.21 1.22 18.11
CA PRO E 48 10.05 2.02 17.23
C PRO E 48 10.31 3.41 17.78
N GLY E 49 11.35 4.04 17.25
CA GLY E 49 11.77 5.32 17.77
C GLY E 49 10.84 6.45 17.39
N SER E 50 10.00 6.25 16.36
CA SER E 50 9.07 7.30 15.99
C SER E 50 7.98 7.48 17.03
N SER E 51 7.52 6.36 17.63
CA SER E 51 6.54 6.45 18.71
C SER E 51 7.12 7.17 19.91
N LEU E 52 8.35 6.83 20.29
CA LEU E 52 9.02 7.46 21.42
C LEU E 52 9.25 8.94 21.17
N LYS E 53 9.81 9.29 20.01
CA LYS E 53 10.19 10.67 19.73
C LYS E 53 8.96 11.55 19.51
N GLY E 54 7.99 11.09 18.72
CA GLY E 54 6.80 11.89 18.51
C GLY E 54 5.89 11.96 19.72
N LYS E 55 5.89 10.91 20.54
CA LYS E 55 5.09 10.94 21.76
C LYS E 55 5.72 11.85 22.80
N MET E 56 7.06 11.81 22.93
CA MET E 56 7.72 12.75 23.81
C MET E 56 7.64 14.18 23.28
N ARG E 57 7.54 14.34 21.96
CA ARG E 57 7.28 15.64 21.35
C ARG E 57 5.92 16.18 21.77
N THR E 58 4.86 15.38 21.57
CA THR E 58 3.51 15.81 21.93
C THR E 58 3.28 15.88 23.43
N LEU E 59 4.15 15.30 24.24
CA LEU E 59 4.00 15.46 25.69
C LEU E 59 4.88 16.54 26.27
N LEU E 60 6.04 16.84 25.67
CA LEU E 60 6.81 18.00 26.07
C LEU E 60 6.27 19.28 25.46
N ALA E 61 5.30 19.17 24.55
CA ALA E 61 4.49 20.32 24.14
C ALA E 61 3.85 20.99 25.34
N LYS E 62 3.27 20.21 26.25
CA LYS E 62 2.59 20.79 27.39
C LYS E 62 3.53 21.27 28.47
N VAL E 63 4.82 20.95 28.40
CA VAL E 63 5.73 21.19 29.51
C VAL E 63 6.68 22.35 29.23
N TYR E 64 7.24 22.41 28.02
CA TYR E 64 8.30 23.38 27.74
C TYR E 64 7.93 24.38 26.66
N ASN E 65 6.83 24.19 25.94
CA ASN E 65 6.30 25.26 25.09
C ASN E 65 5.55 26.23 25.99
N GLU E 66 6.18 27.38 26.26
CA GLU E 66 5.54 28.42 27.05
C GLU E 66 4.34 29.01 26.31
N LYS E 67 4.45 29.14 24.99
CA LYS E 67 3.29 29.47 24.18
C LYS E 67 2.56 28.19 23.78
N VAL E 68 1.29 28.35 23.42
CA VAL E 68 0.55 27.24 22.83
C VAL E 68 1.07 26.99 21.42
N ALA E 69 1.31 25.73 21.09
CA ALA E 69 1.90 25.35 19.82
C ALA E 69 0.83 24.77 18.91
N GLU E 70 0.63 25.42 17.76
CA GLU E 70 -0.39 24.97 16.83
C GLU E 70 0.02 23.72 16.08
N LYS E 71 1.33 23.50 15.93
CA LYS E 71 1.88 22.39 15.18
C LYS E 71 3.32 22.19 15.64
N PRO E 72 3.91 21.01 15.41
CA PRO E 72 5.29 20.77 15.90
C PRO E 72 6.36 21.64 15.25
N SER E 73 6.05 22.37 14.18
CA SER E 73 6.99 23.40 13.70
C SER E 73 7.06 24.57 14.68
N ASP E 74 6.00 24.81 15.44
CA ASP E 74 5.92 25.94 16.35
C ASP E 74 6.39 25.58 17.75
N ASP E 75 7.29 24.61 17.87
CA ASP E 75 7.90 24.36 19.17
C ASP E 75 8.95 25.42 19.47
N SER E 76 9.19 25.62 20.77
CA SER E 76 10.14 26.65 21.18
C SER E 76 11.57 26.21 20.90
N ASP E 77 12.52 27.12 21.18
CA ASP E 77 13.93 26.85 20.95
C ASP E 77 14.58 26.18 22.16
N ILE E 78 13.77 25.47 22.94
CA ILE E 78 14.24 24.54 23.96
C ILE E 78 13.96 23.14 23.44
N LEU E 79 12.93 23.01 22.59
CA LEU E 79 12.54 21.74 22.01
C LEU E 79 12.87 21.62 20.52
N SER E 80 13.03 22.73 19.81
CA SER E 80 13.38 22.63 18.40
C SER E 80 14.81 22.14 18.22
N ARG E 81 15.70 22.49 19.16
CA ARG E 81 17.06 21.98 19.12
C ARG E 81 17.15 20.55 19.64
N LEU E 82 16.15 20.07 20.36
CA LEU E 82 16.18 18.77 21.00
C LEU E 82 15.47 17.70 20.19
N PHE E 83 14.37 18.02 19.53
CA PHE E 83 13.60 17.07 18.77
C PHE E 83 13.58 17.38 17.29
N GLY E 84 14.35 18.37 16.85
CA GLY E 84 14.37 18.76 15.46
C GLY E 84 13.24 19.72 15.12
N ASN E 85 13.46 20.47 14.04
CA ASN E 85 12.44 21.38 13.53
C ASN E 85 12.62 21.51 12.03
N SER E 86 11.49 21.62 11.32
CA SER E 86 11.51 21.64 9.87
C SER E 86 11.71 23.03 9.28
N LYS E 87 11.27 24.08 9.97
CA LYS E 87 11.34 25.43 9.44
C LYS E 87 12.34 26.33 10.15
N ASP E 88 12.88 25.91 11.28
CA ASP E 88 13.87 26.71 11.99
C ASP E 88 15.19 26.70 11.25
N LYS E 89 15.98 27.75 11.47
CA LYS E 89 17.22 27.95 10.71
C LYS E 89 18.31 27.00 11.14
N ARG E 90 18.55 26.87 12.45
CA ARG E 90 19.64 26.07 12.96
C ARG E 90 19.19 24.85 13.74
N PHE E 91 17.89 24.54 13.73
CA PHE E 91 17.36 23.46 14.56
C PHE E 91 16.93 22.25 13.74
N LYS E 92 17.17 22.25 12.44
CA LYS E 92 17.10 21.02 11.67
C LYS E 92 18.24 20.09 12.08
N MET E 93 18.03 18.78 11.88
CA MET E 93 18.94 17.71 12.31
C MET E 93 19.17 17.81 13.82
N GLY E 94 18.09 17.54 14.56
CA GLY E 94 17.99 17.97 15.94
C GLY E 94 18.46 17.01 17.02
N ARG E 95 19.69 16.50 16.89
CA ARG E 95 20.52 16.06 18.02
C ARG E 95 20.04 14.84 18.82
N LEU E 96 18.88 14.27 18.51
CA LEU E 96 18.38 13.13 19.28
C LEU E 96 17.97 12.02 18.31
N ILE E 97 18.71 10.93 18.32
CA ILE E 97 18.40 9.75 17.53
C ILE E 97 17.76 8.75 18.48
N PHE E 98 16.43 8.66 18.43
CA PHE E 98 15.67 7.79 19.31
C PHE E 98 15.79 6.37 18.78
N ARG E 99 16.68 5.58 19.37
CA ARG E 99 16.83 4.23 18.87
C ARG E 99 15.72 3.33 19.42
N ASP E 100 15.47 2.23 18.70
CA ASP E 100 14.34 1.36 18.99
C ASP E 100 14.73 0.37 20.09
N ALA E 101 13.88 -0.63 20.28
CA ALA E 101 14.16 -1.75 21.18
C ALA E 101 13.38 -2.95 20.71
N PHE E 102 14.01 -4.11 20.71
CA PHE E 102 13.52 -5.27 19.98
C PHE E 102 13.20 -6.45 20.87
N LEU E 103 12.63 -6.18 22.06
CA LEU E 103 12.32 -7.19 23.09
C LEU E 103 13.58 -7.95 23.48
N SER E 104 14.44 -7.22 24.22
CA SER E 104 15.77 -7.68 24.62
C SER E 104 15.76 -9.06 25.26
N ASN E 105 14.93 -9.26 26.28
CA ASN E 105 14.87 -10.56 26.95
C ASN E 105 13.86 -11.45 26.24
N ALA E 106 14.33 -12.57 25.73
CA ALA E 106 13.48 -13.67 25.33
C ALA E 106 13.91 -14.98 25.99
N ASP E 107 15.17 -15.09 26.39
CA ASP E 107 15.60 -16.26 27.17
C ASP E 107 15.08 -16.18 28.60
N GLU E 108 14.83 -14.97 29.10
CA GLU E 108 14.15 -14.84 30.38
C GLU E 108 12.65 -15.07 30.24
N LEU E 109 12.03 -14.45 29.23
CA LEU E 109 10.58 -14.51 29.08
C LEU E 109 10.08 -15.86 28.59
N ASP E 110 10.96 -16.69 28.02
CA ASP E 110 10.59 -18.07 27.77
C ASP E 110 11.01 -18.99 28.90
N SER E 111 11.85 -18.52 29.83
CA SER E 111 12.13 -19.30 31.03
C SER E 111 10.92 -19.30 31.95
N LEU E 112 10.27 -18.15 32.11
CA LEU E 112 8.91 -18.14 32.60
C LEU E 112 8.01 -18.81 31.56
N GLY E 113 7.02 -19.55 32.02
CA GLY E 113 6.21 -20.36 31.13
C GLY E 113 5.25 -19.57 30.26
N VAL E 114 5.80 -18.80 29.33
CA VAL E 114 5.01 -17.96 28.44
C VAL E 114 5.01 -18.60 27.05
N ARG E 115 3.81 -18.84 26.52
CA ARG E 115 3.66 -19.44 25.20
C ARG E 115 4.12 -18.46 24.13
N SER E 116 3.44 -17.33 24.00
CA SER E 116 3.78 -16.31 23.03
C SER E 116 3.94 -14.96 23.72
N TYR E 117 4.88 -14.16 23.21
CA TYR E 117 5.20 -12.87 23.81
C TYR E 117 4.17 -11.79 23.50
N THR E 118 3.20 -12.06 22.63
CA THR E 118 2.14 -11.12 22.30
C THR E 118 0.81 -11.77 22.66
N GLU E 119 0.16 -11.27 23.69
CA GLU E 119 -1.17 -11.78 23.99
C GLU E 119 -2.19 -11.17 23.05
N VAL E 120 -3.31 -11.86 22.90
CA VAL E 120 -4.40 -11.40 22.06
C VAL E 120 -5.56 -11.13 23.00
N LYS E 121 -5.68 -9.91 23.49
CA LYS E 121 -6.73 -9.63 24.44
C LYS E 121 -8.02 -9.30 23.70
N PHE E 122 -9.12 -9.77 24.24
CA PHE E 122 -10.41 -9.57 23.61
C PHE E 122 -11.00 -8.25 24.08
N GLU E 123 -11.90 -7.71 23.26
CA GLU E 123 -12.53 -6.43 23.54
C GLU E 123 -13.76 -6.37 22.67
N ASN E 124 -14.69 -5.48 22.99
CA ASN E 124 -15.84 -5.25 22.14
C ASN E 124 -16.36 -3.85 22.38
N THR E 125 -17.56 -3.58 21.89
CA THR E 125 -18.27 -2.36 22.26
C THR E 125 -19.75 -2.65 22.34
N ILE E 126 -20.40 -1.98 23.29
CA ILE E 126 -21.84 -2.05 23.50
C ILE E 126 -22.37 -0.65 23.32
N ASP E 127 -23.18 -0.45 22.28
CA ASP E 127 -23.88 0.82 22.13
C ASP E 127 -24.88 1.00 23.27
N ARG E 128 -25.10 2.26 23.63
CA ARG E 128 -26.02 2.53 24.74
C ARG E 128 -27.46 2.32 24.33
N ILE E 129 -27.76 2.54 23.05
CA ILE E 129 -29.05 2.18 22.47
C ILE E 129 -28.86 0.87 21.72
N THR E 130 -29.83 -0.05 21.91
CA THR E 130 -30.01 -1.38 21.29
C THR E 130 -29.00 -2.40 21.82
N ALA E 131 -27.99 -1.95 22.57
CA ALA E 131 -26.97 -2.76 23.24
C ALA E 131 -26.34 -3.87 22.39
N GLU E 132 -26.14 -3.61 21.11
CA GLU E 132 -25.53 -4.61 20.25
C GLU E 132 -24.03 -4.69 20.54
N ALA E 133 -23.53 -5.92 20.57
CA ALA E 133 -22.11 -6.17 20.79
C ALA E 133 -21.37 -6.19 19.46
N ASN E 134 -20.07 -5.96 19.52
CA ASN E 134 -19.26 -5.82 18.33
C ASN E 134 -17.81 -6.16 18.68
N PRO E 135 -17.40 -7.40 18.51
CA PRO E 135 -16.17 -7.87 19.14
C PRO E 135 -14.92 -7.68 18.31
N ARG E 136 -13.78 -7.74 18.99
CA ARG E 136 -12.49 -7.49 18.40
C ARG E 136 -11.43 -8.21 19.22
N GLN E 137 -10.33 -8.53 18.57
CA GLN E 137 -9.19 -9.20 19.19
C GLN E 137 -7.98 -8.33 18.90
N ILE E 138 -7.45 -7.65 19.89
CA ILE E 138 -6.30 -6.79 19.62
C ILE E 138 -5.07 -7.38 20.28
N GLU E 139 -3.95 -7.23 19.58
CA GLU E 139 -2.68 -7.77 20.03
C GLU E 139 -1.99 -6.79 20.95
N ARG E 140 -1.36 -7.32 21.99
CA ARG E 140 -0.52 -6.53 22.88
C ARG E 140 0.73 -7.33 23.19
N ALA E 141 1.77 -6.62 23.63
CA ALA E 141 2.89 -7.32 24.23
C ALA E 141 2.54 -7.73 25.65
N ILE E 142 3.21 -8.77 26.14
CA ILE E 142 2.95 -9.30 27.47
C ILE E 142 3.45 -8.33 28.53
N ARG E 143 3.10 -8.60 29.80
CA ARG E 143 3.17 -7.58 30.84
C ARG E 143 4.60 -7.23 31.21
N ASN E 144 5.36 -8.20 31.73
CA ASN E 144 6.62 -7.89 32.40
C ASN E 144 7.82 -7.89 31.45
N SER E 145 7.62 -7.49 30.20
CA SER E 145 8.69 -7.43 29.22
C SER E 145 9.66 -6.30 29.51
N THR E 146 10.88 -6.44 28.98
CA THR E 146 11.85 -5.36 28.97
C THR E 146 12.07 -4.91 27.54
N PHE E 147 12.72 -3.76 27.40
CA PHE E 147 13.03 -3.22 26.08
C PHE E 147 14.30 -2.40 26.20
N ASP E 148 15.39 -2.87 25.62
CA ASP E 148 16.68 -2.18 25.70
C ASP E 148 16.63 -0.97 24.79
N PHE E 149 16.16 0.14 25.34
CA PHE E 149 15.98 1.37 24.57
C PHE E 149 17.18 2.28 24.81
N GLU E 150 17.55 3.04 23.80
CA GLU E 150 18.65 3.97 24.00
C GLU E 150 18.44 5.23 23.16
N LEU E 151 18.96 6.34 23.66
CA LEU E 151 19.02 7.59 22.93
C LEU E 151 20.44 7.83 22.43
N ILE E 152 20.56 8.79 21.51
CA ILE E 152 21.86 9.29 21.07
C ILE E 152 21.74 10.80 21.10
N TYR E 153 22.35 11.43 22.10
CA TYR E 153 22.44 12.88 22.16
C TYR E 153 23.84 13.28 21.73
N GLU E 154 23.93 14.17 20.75
CA GLU E 154 25.20 14.56 20.17
C GLU E 154 25.48 16.02 20.48
N ILE E 155 26.69 16.27 20.99
CA ILE E 155 27.14 17.60 21.36
C ILE E 155 28.33 17.92 20.47
N THR E 156 28.14 18.85 19.53
CA THR E 156 29.12 19.11 18.49
C THR E 156 29.89 20.40 18.74
N ASP E 157 29.92 20.86 20.01
CA ASP E 157 30.30 22.22 20.39
C ASP E 157 29.49 23.28 19.64
N GLU E 158 28.24 22.96 19.31
CA GLU E 158 27.32 23.96 18.78
C GLU E 158 26.50 24.60 19.88
N ASN E 159 26.35 23.94 21.02
CA ASN E 159 25.57 24.49 22.13
C ASN E 159 26.44 25.25 23.13
N GLU E 160 27.35 24.54 23.81
CA GLU E 160 28.27 25.04 24.84
C GLU E 160 27.60 25.67 26.07
N ASN E 161 26.26 25.68 26.12
CA ASN E 161 25.53 26.09 27.31
C ASN E 161 24.33 25.21 27.59
N GLN E 162 23.96 24.30 26.70
CA GLN E 162 22.81 23.41 26.87
C GLN E 162 23.24 22.04 27.39
N VAL E 163 24.22 22.03 28.28
CA VAL E 163 24.71 20.79 28.87
C VAL E 163 23.62 20.16 29.75
N GLU E 164 23.09 20.93 30.69
CA GLU E 164 22.01 20.47 31.55
C GLU E 164 20.72 21.25 31.32
N GLU E 165 20.68 22.07 30.29
CA GLU E 165 19.44 22.74 29.92
C GLU E 165 18.53 21.83 29.10
N ASP E 166 19.04 20.67 28.68
CA ASP E 166 18.26 19.71 27.91
C ASP E 166 17.95 18.43 28.69
N PHE E 167 18.72 18.10 29.72
CA PHE E 167 18.49 16.85 30.43
C PHE E 167 17.46 16.98 31.55
N LYS E 168 17.25 18.17 32.09
CA LYS E 168 16.06 18.42 32.89
C LYS E 168 14.79 18.30 32.07
N VAL E 169 14.88 18.51 30.76
CA VAL E 169 13.77 18.36 29.83
C VAL E 169 13.52 16.88 29.53
N ILE E 170 14.58 16.18 29.11
CA ILE E 170 14.41 14.78 28.70
C ILE E 170 14.13 13.86 29.89
N ARG E 171 14.72 14.13 31.07
CA ARG E 171 14.46 13.29 32.24
C ARG E 171 13.03 13.43 32.72
N ASP E 172 12.50 14.65 32.73
CA ASP E 172 11.10 14.82 33.07
C ASP E 172 10.17 14.33 31.97
N GLY E 173 10.62 14.31 30.71
CA GLY E 173 9.86 13.63 29.68
C GLY E 173 9.80 12.13 29.92
N LEU E 174 10.90 11.55 30.41
CA LEU E 174 10.90 10.14 30.79
C LEU E 174 10.00 9.90 32.00
N LYS E 175 9.92 10.86 32.91
CA LYS E 175 8.95 10.76 34.00
C LYS E 175 7.51 10.82 33.51
N LEU E 176 7.26 11.69 32.51
CA LEU E 176 5.96 11.74 31.85
C LEU E 176 5.60 10.40 31.24
N LEU E 177 6.54 9.75 30.58
CA LEU E 177 6.26 8.46 29.98
C LEU E 177 6.17 7.35 31.01
N GLU E 178 6.82 7.51 32.16
CA GLU E 178 6.54 6.63 33.29
C GLU E 178 5.13 6.84 33.84
N LEU E 179 4.54 8.01 33.60
CA LEU E 179 3.15 8.26 33.95
C LEU E 179 2.19 8.07 32.79
N ASP E 180 2.46 8.67 31.63
CA ASP E 180 1.55 8.60 30.50
C ASP E 180 1.76 7.27 29.77
N TYR E 181 1.01 7.04 28.69
CA TYR E 181 0.83 5.67 28.23
C TYR E 181 1.93 5.21 27.27
N LEU E 182 2.35 6.06 26.33
CA LEU E 182 3.34 5.74 25.28
C LEU E 182 2.86 4.57 24.42
N GLY E 183 1.85 4.85 23.61
CA GLY E 183 1.55 3.96 22.51
C GLY E 183 0.18 3.33 22.50
N GLY E 184 -0.52 3.44 21.38
CA GLY E 184 -1.74 2.70 21.17
C GLY E 184 -2.92 3.28 21.92
N SER E 185 -3.89 2.40 22.20
CA SER E 185 -5.12 2.78 22.89
C SER E 185 -4.82 3.07 24.36
N GLY E 186 -4.26 4.24 24.64
CA GLY E 186 -3.70 4.48 25.96
C GLY E 186 -4.73 4.74 27.03
N SER E 187 -5.82 5.41 26.67
CA SER E 187 -6.85 5.77 27.63
C SER E 187 -7.71 4.60 28.06
N ARG E 188 -7.55 3.44 27.44
CA ARG E 188 -8.04 2.19 27.99
C ARG E 188 -7.02 1.49 28.86
N GLY E 189 -5.80 2.03 28.94
CA GLY E 189 -4.82 1.51 29.87
C GLY E 189 -3.82 0.55 29.28
N TYR E 190 -3.26 0.89 28.13
CA TYR E 190 -2.19 0.12 27.54
C TYR E 190 -0.90 0.89 27.70
N GLY E 191 0.18 0.34 27.14
CA GLY E 191 1.46 0.99 27.26
C GLY E 191 1.98 0.98 28.68
N LYS E 192 2.02 2.16 29.31
CA LYS E 192 2.54 2.39 30.66
C LYS E 192 3.96 1.81 30.80
N VAL E 193 4.88 2.42 30.07
CA VAL E 193 6.27 2.02 30.17
C VAL E 193 6.84 2.53 31.48
N ALA E 194 7.90 1.88 31.95
CA ALA E 194 8.62 2.30 33.14
C ALA E 194 10.11 2.32 32.81
N PHE E 195 10.75 3.45 33.01
CA PHE E 195 12.14 3.63 32.61
C PHE E 195 13.06 3.30 33.76
N GLU E 196 13.88 2.27 33.56
CA GLU E 196 14.81 1.79 34.57
C GLU E 196 16.23 1.92 34.07
N ASN E 197 17.13 2.31 34.98
CA ASN E 197 18.58 2.36 34.76
C ASN E 197 18.94 3.26 33.58
N LEU E 198 18.68 4.56 33.75
CA LEU E 198 18.88 5.52 32.69
C LEU E 198 20.35 5.82 32.46
N LYS E 199 21.11 4.82 32.02
CA LYS E 199 22.57 4.83 32.07
C LYS E 199 23.10 5.61 30.89
N ALA E 200 23.61 6.81 31.15
CA ALA E 200 24.33 7.55 30.14
C ALA E 200 25.79 7.13 30.11
N THR E 201 26.35 7.03 28.91
CA THR E 201 27.78 6.78 28.76
C THR E 201 28.26 7.53 27.52
N THR E 202 29.34 8.29 27.70
CA THR E 202 29.87 9.12 26.63
C THR E 202 30.60 8.23 25.64
N VAL E 203 29.91 7.87 24.55
CA VAL E 203 30.52 7.02 23.53
C VAL E 203 31.43 7.79 22.60
N PHE E 204 31.40 9.13 22.63
CA PHE E 204 32.42 9.93 21.93
C PHE E 204 32.52 11.30 22.59
N GLY E 205 33.63 11.58 23.24
CA GLY E 205 33.92 12.93 23.67
C GLY E 205 34.52 13.00 25.06
N ASN E 206 35.15 14.15 25.34
CA ASN E 206 35.71 14.45 26.66
C ASN E 206 34.58 14.98 27.54
N TYR E 207 34.08 14.12 28.43
CA TYR E 207 32.81 14.38 29.11
C TYR E 207 32.70 13.41 30.27
N ASP E 208 31.98 13.83 31.30
CA ASP E 208 31.71 12.97 32.45
C ASP E 208 30.22 12.97 32.76
N VAL E 209 29.75 11.84 33.27
CA VAL E 209 28.37 11.67 33.69
C VAL E 209 28.18 11.96 35.16
N LYS E 210 29.23 12.40 35.86
CA LYS E 210 29.16 12.66 37.29
C LYS E 210 28.29 13.88 37.61
N THR E 211 28.07 14.77 36.64
CA THR E 211 27.10 15.83 36.76
C THR E 211 25.80 15.50 36.04
N LEU E 212 25.70 14.31 35.46
CA LEU E 212 24.52 13.90 34.71
C LEU E 212 23.66 12.91 35.48
N ASN E 213 24.26 11.81 35.95
CA ASN E 213 23.49 10.79 36.64
C ASN E 213 23.23 11.14 38.10
N GLU E 214 23.71 12.28 38.57
CA GLU E 214 23.26 12.79 39.85
C GLU E 214 21.92 13.50 39.74
N LEU E 215 21.47 13.82 38.52
CA LEU E 215 20.12 14.30 38.27
C LEU E 215 19.24 13.21 37.67
N LEU E 216 19.80 12.37 36.80
CA LEU E 216 19.02 11.31 36.17
C LEU E 216 18.81 10.10 37.08
N THR E 217 19.40 10.11 38.27
CA THR E 217 19.27 9.05 39.30
C THR E 217 19.67 7.67 38.79
N THR F 2 55.47 6.77 -3.91
CA THR F 2 55.05 5.38 -4.03
C THR F 2 53.61 5.28 -4.54
N PHE F 3 53.27 4.14 -5.12
CA PHE F 3 51.94 3.88 -5.65
C PHE F 3 51.31 2.75 -4.84
N ALA F 4 50.08 2.98 -4.36
CA ALA F 4 49.40 2.00 -3.53
C ALA F 4 47.90 2.21 -3.61
N LYS F 5 47.15 1.12 -3.67
CA LYS F 5 45.68 1.14 -3.63
C LYS F 5 45.24 0.03 -2.69
N ILE F 6 44.70 0.40 -1.54
CA ILE F 6 44.14 -0.59 -0.63
C ILE F 6 42.66 -0.30 -0.43
N LYS F 7 41.90 -1.34 -0.12
CA LYS F 7 40.46 -1.22 0.02
C LYS F 7 40.01 -1.72 1.38
N PHE F 8 38.87 -1.22 1.82
CA PHE F 8 38.34 -1.46 3.17
C PHE F 8 37.15 -2.40 3.02
N SER F 9 37.41 -3.70 3.06
CA SER F 9 36.34 -4.68 2.96
C SER F 9 35.54 -4.72 4.25
N ALA F 10 34.21 -4.72 4.13
CA ALA F 10 33.34 -4.76 5.29
C ALA F 10 31.97 -5.28 4.90
N GLN F 11 31.29 -5.86 5.87
CA GLN F 11 29.87 -6.17 5.78
C GLN F 11 29.13 -5.22 6.71
N ILE F 12 28.23 -4.44 6.16
CA ILE F 12 27.49 -3.48 6.95
C ILE F 12 26.27 -4.20 7.48
N ARG F 13 25.79 -3.83 8.67
CA ARG F 13 24.68 -4.51 9.30
C ARG F 13 23.63 -3.50 9.72
N LEU F 14 22.38 -3.82 9.43
CA LEU F 14 21.26 -2.91 9.64
C LEU F 14 20.58 -3.31 10.94
N GLU F 15 20.92 -2.63 12.03
CA GLU F 15 20.30 -2.96 13.31
C GLU F 15 18.88 -2.43 13.44
N THR F 16 18.44 -1.59 12.52
CA THR F 16 17.05 -1.15 12.42
C THR F 16 16.69 -1.16 10.94
N GLY F 17 15.61 -0.48 10.58
CA GLY F 17 15.31 -0.31 9.17
C GLY F 17 16.24 0.69 8.51
N LEU F 18 16.03 0.89 7.21
CA LEU F 18 16.69 1.97 6.49
C LEU F 18 15.72 2.63 5.53
N HIS F 19 15.62 3.95 5.63
CA HIS F 19 14.93 4.73 4.61
C HIS F 19 15.98 5.55 3.87
N ILE F 20 16.25 5.17 2.63
CA ILE F 20 17.04 5.95 1.69
C ILE F 20 16.15 6.13 0.48
N GLY F 21 15.56 7.31 0.35
CA GLY F 21 14.45 7.49 -0.58
C GLY F 21 14.89 7.52 -2.03
N GLY F 22 13.99 7.08 -2.90
CA GLY F 22 14.18 7.12 -4.33
C GLY F 22 13.21 8.06 -5.02
N SER F 23 13.11 7.88 -6.34
CA SER F 23 12.19 8.68 -7.12
C SER F 23 10.75 8.27 -6.82
N ASP F 24 9.97 9.22 -6.32
CA ASP F 24 8.56 8.97 -6.03
C ASP F 24 7.78 8.83 -7.32
N ALA F 25 6.77 7.96 -7.31
CA ALA F 25 5.97 7.74 -8.51
C ALA F 25 4.51 8.13 -8.30
N PHE F 26 3.84 7.41 -7.40
CA PHE F 26 2.42 7.65 -7.17
C PHE F 26 2.01 7.20 -5.77
N ALA F 27 1.05 7.90 -5.19
CA ALA F 27 0.54 7.53 -3.88
C ALA F 27 -0.21 6.20 -3.94
N ALA F 28 -1.00 6.06 -5.00
CA ALA F 28 -1.82 4.87 -5.29
C ALA F 28 -2.87 4.53 -4.22
N ILE F 29 -3.35 5.56 -3.53
CA ILE F 29 -4.40 5.49 -2.48
C ILE F 29 -4.01 4.76 -1.18
N GLY F 30 -3.73 3.47 -1.27
CA GLY F 30 -3.35 2.68 -0.12
C GLY F 30 -1.93 2.11 -0.19
N ALA F 31 -1.24 2.46 -1.27
CA ALA F 31 0.13 1.98 -1.51
C ALA F 31 1.17 2.67 -0.64
N ILE F 32 2.39 2.14 -0.64
CA ILE F 32 3.46 2.70 0.14
C ILE F 32 3.66 4.14 -0.27
N ASN F 33 3.82 5.01 0.71
CA ASN F 33 3.95 6.44 0.47
C ASN F 33 5.36 6.80 0.07
N SER F 34 6.35 6.42 0.87
CA SER F 34 7.75 6.76 0.61
C SER F 34 8.56 5.49 0.46
N PRO F 35 9.00 5.14 -0.73
CA PRO F 35 9.79 3.91 -0.91
C PRO F 35 11.27 4.15 -0.62
N VAL F 36 11.98 3.04 -0.44
CA VAL F 36 13.43 3.06 -0.29
C VAL F 36 14.01 2.93 -1.69
N ILE F 37 15.27 3.30 -1.87
CA ILE F 37 15.90 3.22 -3.19
C ILE F 37 16.27 1.76 -3.46
N LYS F 38 16.14 1.35 -4.72
CA LYS F 38 16.32 -0.03 -5.11
C LYS F 38 17.19 -0.14 -6.35
N ASP F 39 17.88 -1.26 -6.45
CA ASP F 39 18.50 -1.65 -7.71
C ASP F 39 17.41 -1.93 -8.75
N PRO F 40 17.54 -1.42 -9.97
CA PRO F 40 16.47 -1.64 -10.96
C PRO F 40 16.44 -3.04 -11.53
N ILE F 41 17.50 -3.83 -11.39
CA ILE F 41 17.51 -5.17 -11.95
C ILE F 41 16.83 -6.15 -11.01
N THR F 42 17.21 -6.14 -9.73
CA THR F 42 16.77 -7.14 -8.78
C THR F 42 15.68 -6.67 -7.84
N ASN F 43 15.39 -5.36 -7.81
CA ASN F 43 14.43 -4.72 -6.90
C ASN F 43 14.75 -5.03 -5.44
N LEU F 44 15.99 -4.97 -5.11
CA LEU F 44 16.57 -5.21 -3.81
C LEU F 44 16.98 -3.90 -3.16
N PRO F 45 16.92 -3.78 -1.83
CA PRO F 45 17.37 -2.54 -1.19
C PRO F 45 18.88 -2.44 -1.20
N ILE F 46 19.38 -1.32 -1.74
CA ILE F 46 20.81 -1.04 -1.86
C ILE F 46 21.07 0.37 -1.36
N ILE F 47 21.99 0.50 -0.41
CA ILE F 47 22.53 1.80 -0.04
C ILE F 47 23.36 2.31 -1.21
N PRO F 48 23.00 3.43 -1.82
CA PRO F 48 23.85 3.97 -2.89
C PRO F 48 25.13 4.54 -2.31
N GLY F 49 26.18 4.60 -3.14
CA GLY F 49 27.48 5.02 -2.66
C GLY F 49 27.54 6.50 -2.32
N SER F 50 26.72 7.31 -2.98
CA SER F 50 26.66 8.74 -2.66
C SER F 50 26.09 8.95 -1.26
N SER F 51 25.11 8.13 -0.88
CA SER F 51 24.61 8.16 0.49
C SER F 51 25.67 7.74 1.49
N LEU F 52 26.55 6.83 1.10
CA LEU F 52 27.63 6.45 2.00
C LEU F 52 28.72 7.52 2.06
N LYS F 53 28.89 8.29 0.99
CA LYS F 53 30.02 9.22 0.92
C LYS F 53 29.81 10.43 1.80
N GLY F 54 28.76 11.20 1.54
CA GLY F 54 28.56 12.44 2.26
C GLY F 54 28.14 12.24 3.70
N LYS F 55 27.59 11.07 4.04
CA LYS F 55 27.20 10.82 5.42
C LYS F 55 28.42 10.69 6.30
N MET F 56 29.51 10.12 5.77
CA MET F 56 30.79 10.17 6.46
C MET F 56 31.31 11.60 6.52
N ARG F 57 31.09 12.38 5.45
CA ARG F 57 31.59 13.75 5.40
C ARG F 57 30.84 14.64 6.38
N THR F 58 29.55 14.41 6.57
CA THR F 58 28.79 15.17 7.56
C THR F 58 29.17 14.82 8.99
N LEU F 59 29.90 13.74 9.20
CA LEU F 59 30.41 13.38 10.52
C LEU F 59 31.89 13.70 10.70
N LEU F 60 32.69 13.60 9.65
CA LEU F 60 34.10 13.95 9.78
C LEU F 60 34.31 15.46 9.90
N ALA F 61 33.37 16.25 9.33
CA ALA F 61 33.46 17.69 9.49
C ALA F 61 33.13 18.12 10.91
N LYS F 62 32.35 17.30 11.64
CA LYS F 62 31.97 17.65 12.99
C LYS F 62 33.08 17.36 14.00
N VAL F 63 34.15 16.69 13.59
CA VAL F 63 35.28 16.42 14.47
C VAL F 63 36.53 17.15 13.99
N TYR F 64 36.84 17.04 12.70
CA TYR F 64 38.14 17.44 12.17
C TYR F 64 38.07 18.86 11.61
N ASN F 65 37.71 19.79 12.48
CA ASN F 65 37.69 21.20 12.14
C ASN F 65 38.27 22.05 13.27
N SER F 76 39.67 24.45 7.05
CA SER F 76 40.48 23.27 7.36
C SER F 76 41.12 22.68 6.11
N ASP F 77 41.87 21.60 6.28
CA ASP F 77 42.54 20.94 5.15
C ASP F 77 42.36 19.43 5.12
N ILE F 78 42.03 18.79 6.25
CA ILE F 78 41.97 17.34 6.28
C ILE F 78 40.69 16.82 5.61
N LEU F 79 39.56 17.53 5.76
CA LEU F 79 38.36 17.19 5.01
C LEU F 79 38.57 17.40 3.52
N SER F 80 39.32 18.45 3.17
CA SER F 80 39.65 18.72 1.78
C SER F 80 40.47 17.60 1.17
N ARG F 81 41.46 17.09 1.91
CA ARG F 81 42.25 16.00 1.36
C ARG F 81 41.53 14.66 1.44
N LEU F 82 40.53 14.53 2.32
CA LEU F 82 39.85 13.24 2.45
C LEU F 82 38.67 13.08 1.50
N PHE F 83 38.04 14.16 1.07
CA PHE F 83 36.91 13.94 0.17
C PHE F 83 37.05 14.63 -1.17
N GLY F 84 37.53 15.87 -1.17
CA GLY F 84 37.62 16.65 -2.38
C GLY F 84 37.02 18.02 -2.19
N ASN F 85 37.11 18.82 -3.24
CA ASN F 85 36.66 20.21 -3.17
C ASN F 85 36.47 20.73 -4.58
N SER F 86 35.79 21.86 -4.69
CA SER F 86 35.70 22.57 -5.97
C SER F 86 36.90 23.49 -6.18
N LYS F 87 37.27 24.23 -5.14
CA LYS F 87 38.51 24.99 -5.07
C LYS F 87 39.65 24.08 -4.63
N ASP F 88 40.79 24.67 -4.21
CA ASP F 88 41.91 23.96 -3.58
C ASP F 88 42.53 22.93 -4.52
N LYS F 89 43.27 23.46 -5.51
CA LYS F 89 43.90 22.78 -6.63
C LYS F 89 44.59 21.45 -6.32
N ARG F 90 45.12 21.30 -5.10
CA ARG F 90 45.69 20.02 -4.70
C ARG F 90 44.61 18.96 -4.51
N PHE F 91 43.43 19.36 -4.05
CA PHE F 91 42.47 18.41 -3.53
C PHE F 91 41.17 18.38 -4.31
N LYS F 92 41.26 18.35 -5.63
CA LYS F 92 40.20 17.81 -6.47
C LYS F 92 40.40 16.30 -6.47
N MET F 93 39.29 15.55 -6.43
CA MET F 93 39.27 14.09 -6.36
C MET F 93 40.03 13.61 -5.13
N GLY F 94 39.49 13.91 -3.94
CA GLY F 94 40.23 13.76 -2.70
C GLY F 94 40.46 12.35 -2.16
N ARG F 95 41.05 11.48 -2.99
CA ARG F 95 41.68 10.22 -2.58
C ARG F 95 40.71 9.22 -1.94
N LEU F 96 39.43 9.22 -2.33
CA LEU F 96 38.51 8.19 -1.89
C LEU F 96 37.53 7.84 -3.01
N ILE F 97 37.28 6.55 -3.15
CA ILE F 97 36.27 6.03 -4.07
C ILE F 97 35.45 4.98 -3.32
N PHE F 98 34.13 5.16 -3.30
CA PHE F 98 33.23 4.28 -2.57
C PHE F 98 32.66 3.25 -3.54
N ARG F 99 31.73 2.43 -3.03
CA ARG F 99 30.81 1.67 -3.88
C ARG F 99 29.48 1.51 -3.15
N ASP F 100 28.57 0.83 -3.80
CA ASP F 100 27.22 0.60 -3.29
C ASP F 100 27.22 -0.59 -2.32
N ALA F 101 26.04 -1.08 -1.99
CA ALA F 101 25.90 -2.05 -0.91
C ALA F 101 24.83 -3.06 -1.33
N PHE F 102 25.26 -4.16 -1.95
CA PHE F 102 24.39 -4.99 -2.78
C PHE F 102 23.70 -6.13 -2.03
N LEU F 103 23.57 -6.07 -0.71
CA LEU F 103 22.83 -7.04 0.11
C LEU F 103 23.38 -8.46 -0.05
N SER F 104 24.54 -8.70 0.57
CA SER F 104 25.23 -9.99 0.45
C SER F 104 24.40 -11.17 0.95
N ASN F 105 23.64 -10.99 2.02
CA ASN F 105 22.91 -12.12 2.61
C ASN F 105 21.46 -12.14 2.13
N ALA F 106 21.29 -12.57 0.88
CA ALA F 106 20.00 -13.03 0.39
C ALA F 106 19.89 -14.54 0.42
N ASP F 107 21.02 -15.25 0.34
CA ASP F 107 21.02 -16.69 0.53
C ASP F 107 20.72 -17.06 1.97
N GLU F 108 21.15 -16.23 2.91
CA GLU F 108 20.96 -16.50 4.33
C GLU F 108 19.58 -16.11 4.81
N LEU F 109 19.01 -15.02 4.28
CA LEU F 109 17.76 -14.47 4.80
C LEU F 109 16.54 -15.28 4.40
N ASP F 110 16.68 -16.26 3.51
CA ASP F 110 15.60 -17.20 3.30
C ASP F 110 15.56 -18.26 4.40
N SER F 111 16.66 -18.42 5.13
CA SER F 111 16.77 -19.41 6.19
C SER F 111 16.41 -18.88 7.58
N LEU F 112 16.56 -17.59 7.81
CA LEU F 112 15.99 -16.99 9.01
C LEU F 112 14.47 -17.01 8.95
N GLY F 113 13.92 -16.84 7.74
CA GLY F 113 12.50 -16.96 7.50
C GLY F 113 11.86 -15.60 7.43
N VAL F 114 11.70 -15.08 6.22
CA VAL F 114 11.11 -13.76 5.99
C VAL F 114 10.64 -13.72 4.55
N ARG F 115 9.55 -13.00 4.30
CA ARG F 115 8.91 -13.06 2.99
C ARG F 115 9.62 -12.16 1.99
N SER F 116 9.67 -10.87 2.27
CA SER F 116 10.45 -9.93 1.49
C SER F 116 11.31 -9.10 2.42
N TYR F 117 12.48 -8.70 1.94
CA TYR F 117 13.46 -8.00 2.76
C TYR F 117 13.12 -6.54 2.98
N THR F 118 11.99 -6.07 2.48
CA THR F 118 11.52 -4.72 2.71
C THR F 118 10.23 -4.78 3.52
N GLU F 119 10.27 -4.21 4.72
CA GLU F 119 9.09 -4.09 5.55
C GLU F 119 8.44 -2.73 5.33
N VAL F 120 7.21 -2.59 5.82
CA VAL F 120 6.47 -1.34 5.72
C VAL F 120 6.16 -0.89 7.15
N LYS F 121 6.99 0.00 7.68
CA LYS F 121 6.71 0.60 8.97
C LYS F 121 5.58 1.60 8.80
N PHE F 122 4.46 1.35 9.47
CA PHE F 122 3.37 2.30 9.42
C PHE F 122 3.62 3.42 10.42
N GLU F 123 3.09 4.59 10.10
CA GLU F 123 3.40 5.77 10.87
C GLU F 123 2.20 6.71 10.77
N ASN F 124 2.25 7.85 11.46
CA ASN F 124 1.20 8.86 11.30
C ASN F 124 1.73 10.22 11.74
N THR F 125 0.82 11.18 11.87
CA THR F 125 1.12 12.55 12.28
C THR F 125 -0.09 13.06 13.07
N ILE F 126 -0.02 12.93 14.40
CA ILE F 126 -1.09 13.46 15.24
C ILE F 126 -0.93 14.98 15.28
N ASP F 127 -1.98 15.70 14.89
CA ASP F 127 -1.95 17.15 14.96
C ASP F 127 -1.97 17.60 16.41
N ARG F 128 -1.33 18.74 16.69
CA ARG F 128 -1.09 19.12 18.08
C ARG F 128 -2.35 19.66 18.75
N ILE F 129 -3.24 20.29 18.00
CA ILE F 129 -4.48 20.83 18.52
C ILE F 129 -5.69 20.11 17.95
N THR F 130 -5.69 19.85 16.64
CA THR F 130 -6.81 19.17 16.00
C THR F 130 -6.90 17.71 16.43
N ALA F 131 -5.77 17.11 16.82
CA ALA F 131 -5.65 15.73 17.28
C ALA F 131 -6.18 14.75 16.23
N GLU F 132 -5.86 15.02 14.97
CA GLU F 132 -6.19 14.13 13.86
C GLU F 132 -4.90 13.52 13.33
N ALA F 133 -4.91 12.20 13.14
CA ALA F 133 -3.73 11.51 12.65
C ALA F 133 -3.60 11.71 11.14
N ASN F 134 -2.52 11.17 10.58
CA ASN F 134 -2.19 11.31 9.17
C ASN F 134 -1.22 10.21 8.77
N PRO F 135 -1.70 9.03 8.40
CA PRO F 135 -0.82 7.86 8.35
C PRO F 135 0.12 7.78 7.15
N ARG F 136 1.25 7.13 7.37
CA ARG F 136 2.30 6.95 6.39
C ARG F 136 2.62 5.47 6.25
N GLN F 137 3.11 5.08 5.08
CA GLN F 137 3.64 3.74 4.85
C GLN F 137 5.10 3.89 4.45
N ILE F 138 5.98 3.95 5.45
CA ILE F 138 7.40 4.15 5.20
C ILE F 138 8.05 2.78 4.98
N GLU F 139 8.59 2.57 3.79
CA GLU F 139 9.22 1.29 3.48
C GLU F 139 10.66 1.29 3.93
N ARG F 140 11.06 0.22 4.64
CA ARG F 140 12.40 0.06 5.15
C ARG F 140 12.97 -1.27 4.70
N ALA F 141 14.28 -1.43 4.81
CA ALA F 141 14.92 -2.72 4.67
C ALA F 141 15.11 -3.35 6.04
N ILE F 142 14.81 -4.64 6.15
CA ILE F 142 14.64 -5.31 7.44
C ILE F 142 15.95 -5.46 8.19
N ARG F 143 15.85 -5.88 9.45
CA ARG F 143 16.98 -5.91 10.39
C ARG F 143 18.04 -6.92 9.98
N ASN F 144 19.24 -6.72 10.55
CA ASN F 144 20.49 -7.48 10.40
C ASN F 144 20.78 -7.99 9.00
N SER F 145 20.54 -7.16 7.99
CA SER F 145 20.99 -7.47 6.64
C SER F 145 22.42 -6.99 6.47
N THR F 146 23.29 -7.85 5.96
CA THR F 146 24.70 -7.55 5.83
C THR F 146 25.02 -7.25 4.38
N PHE F 147 25.62 -6.09 4.16
CA PHE F 147 25.81 -5.51 2.83
C PHE F 147 27.29 -5.49 2.50
N ASP F 148 27.62 -5.66 1.22
CA ASP F 148 29.00 -5.52 0.78
C ASP F 148 29.40 -4.05 0.79
N PHE F 149 30.48 -3.72 1.48
CA PHE F 149 30.94 -2.34 1.59
C PHE F 149 32.44 -2.31 1.34
N GLU F 150 32.86 -1.56 0.33
CA GLU F 150 34.27 -1.45 -0.02
C GLU F 150 34.61 0.01 -0.28
N LEU F 151 35.74 0.44 0.27
CA LEU F 151 36.18 1.83 0.25
C LEU F 151 37.61 1.86 -0.28
N ILE F 152 37.80 2.36 -1.50
CA ILE F 152 39.12 2.38 -2.11
C ILE F 152 39.85 3.65 -1.65
N TYR F 153 40.79 3.49 -0.74
CA TYR F 153 41.77 4.55 -0.49
C TYR F 153 42.94 4.38 -1.46
N GLU F 154 43.46 5.50 -1.95
CA GLU F 154 44.59 5.48 -2.87
C GLU F 154 45.71 6.33 -2.28
N ILE F 155 46.94 5.82 -2.38
CA ILE F 155 48.10 6.42 -1.74
C ILE F 155 49.05 6.92 -2.82
N THR F 156 49.35 8.22 -2.79
CA THR F 156 50.36 8.83 -3.63
C THR F 156 51.60 9.14 -2.79
N ASP F 157 52.65 9.61 -3.47
CA ASP F 157 53.90 9.90 -2.78
C ASP F 157 53.79 11.12 -1.87
N GLU F 158 52.95 12.08 -2.24
CA GLU F 158 52.79 13.28 -1.42
C GLU F 158 51.98 12.97 -0.16
N ASN F 159 51.09 11.97 -0.23
CA ASN F 159 50.23 11.68 0.90
C ASN F 159 50.95 10.82 1.92
N GLU F 160 52.12 10.28 1.56
CA GLU F 160 52.83 9.19 2.26
C GLU F 160 53.29 9.65 3.65
N ASN F 161 53.27 10.95 3.96
CA ASN F 161 53.48 11.37 5.34
C ASN F 161 52.31 10.99 6.23
N GLN F 162 51.09 11.33 5.83
CA GLN F 162 49.96 11.21 6.74
C GLN F 162 48.94 10.18 6.27
N VAL F 163 49.40 9.13 5.57
CA VAL F 163 48.50 8.05 5.17
C VAL F 163 48.01 7.28 6.38
N GLU F 164 48.91 6.97 7.31
CA GLU F 164 48.52 6.25 8.52
C GLU F 164 47.70 7.13 9.44
N GLU F 165 47.88 8.45 9.35
CA GLU F 165 47.01 9.37 10.08
C GLU F 165 45.58 9.34 9.54
N ASP F 166 45.44 9.35 8.20
CA ASP F 166 44.12 9.32 7.57
C ASP F 166 43.41 8.00 7.82
N PHE F 167 44.16 6.92 8.03
CA PHE F 167 43.55 5.64 8.34
C PHE F 167 43.05 5.57 9.78
N LYS F 168 43.39 6.55 10.62
CA LYS F 168 42.73 6.73 11.91
C LYS F 168 41.64 7.79 11.82
N VAL F 169 41.23 8.15 10.60
CA VAL F 169 40.09 9.01 10.37
C VAL F 169 38.95 8.25 9.71
N ILE F 170 39.26 7.40 8.73
CA ILE F 170 38.24 6.57 8.10
C ILE F 170 37.71 5.55 9.10
N ARG F 171 38.60 4.97 9.92
CA ARG F 171 38.17 4.10 11.02
C ARG F 171 37.36 4.89 12.04
N ASP F 172 37.81 6.11 12.35
CA ASP F 172 37.02 7.01 13.20
C ASP F 172 35.79 7.51 12.49
N GLY F 173 35.77 7.50 11.15
CA GLY F 173 34.56 7.80 10.40
C GLY F 173 33.54 6.70 10.39
N LEU F 174 33.94 5.46 10.64
CA LEU F 174 33.01 4.36 10.81
C LEU F 174 32.72 4.03 12.25
N LYS F 175 33.55 4.48 13.19
CA LYS F 175 33.19 4.39 14.61
C LYS F 175 32.07 5.34 14.95
N LEU F 176 31.95 6.44 14.22
CA LEU F 176 30.85 7.38 14.43
C LEU F 176 29.60 7.02 13.64
N LEU F 177 29.76 6.35 12.48
CA LEU F 177 28.60 5.92 11.71
C LEU F 177 27.85 4.78 12.37
N GLU F 178 28.46 4.08 13.32
CA GLU F 178 27.74 3.15 14.17
C GLU F 178 27.09 3.86 15.35
N LEU F 179 27.27 5.17 15.46
CA LEU F 179 26.58 5.98 16.46
C LEU F 179 25.63 6.99 15.81
N ASP F 180 25.47 6.93 14.49
CA ASP F 180 24.57 7.82 13.78
C ASP F 180 23.83 6.96 12.75
N TYR F 181 22.88 7.56 12.03
CA TYR F 181 21.89 6.69 11.40
C TYR F 181 22.37 6.09 10.09
N LEU F 182 23.10 6.85 9.26
CA LEU F 182 23.51 6.44 7.90
C LEU F 182 22.31 6.06 7.06
N GLY F 183 21.48 7.05 6.78
CA GLY F 183 20.26 6.86 6.02
C GLY F 183 19.45 8.13 5.99
N GLY F 184 18.12 8.00 6.03
CA GLY F 184 17.26 9.16 6.12
C GLY F 184 16.11 8.87 7.05
N SER F 185 15.49 9.95 7.53
CA SER F 185 14.52 9.95 8.65
C SER F 185 15.07 9.18 9.84
N GLY F 186 16.36 9.34 10.09
CA GLY F 186 17.07 8.54 11.03
C GLY F 186 17.16 9.10 12.42
N SER F 187 16.40 10.15 12.74
CA SER F 187 16.33 10.64 14.10
C SER F 187 15.25 9.93 14.90
N ARG F 188 14.49 9.06 14.24
CA ARG F 188 13.48 8.23 14.89
C ARG F 188 13.84 6.77 14.84
N GLY F 189 15.13 6.46 14.93
CA GLY F 189 15.60 5.11 14.69
C GLY F 189 16.24 5.01 13.34
N TYR F 190 15.96 3.91 12.63
CA TYR F 190 16.33 3.67 11.23
C TYR F 190 17.84 3.68 11.01
N GLY F 191 18.61 3.44 12.07
CA GLY F 191 20.05 3.54 12.01
C GLY F 191 20.73 2.42 12.77
N LYS F 192 21.63 2.81 13.70
CA LYS F 192 22.47 1.90 14.50
C LYS F 192 23.26 0.96 13.60
N VAL F 193 23.69 1.48 12.46
CA VAL F 193 24.23 0.63 11.40
C VAL F 193 25.66 0.24 11.77
N ALA F 194 25.86 -1.04 12.05
CA ALA F 194 27.10 -1.53 12.65
C ALA F 194 27.91 -2.26 11.61
N PHE F 195 29.17 -1.89 11.48
CA PHE F 195 30.03 -2.58 10.54
C PHE F 195 30.55 -3.87 11.16
N GLU F 196 30.99 -4.78 10.31
CA GLU F 196 31.65 -6.00 10.76
C GLU F 196 32.56 -6.48 9.64
N ASN F 197 33.49 -7.37 10.02
CA ASN F 197 34.56 -7.86 9.14
C ASN F 197 35.37 -6.70 8.57
N LEU F 198 35.60 -5.67 9.38
CA LEU F 198 36.19 -4.42 8.90
C LEU F 198 37.70 -4.61 8.80
N LYS F 199 38.10 -5.30 7.74
CA LYS F 199 39.50 -5.63 7.52
C LYS F 199 40.15 -4.54 6.66
N ALA F 200 41.35 -4.83 6.16
CA ALA F 200 42.01 -3.96 5.19
C ALA F 200 42.91 -4.82 4.33
N THR F 201 42.44 -5.18 3.15
CA THR F 201 43.26 -5.90 2.19
C THR F 201 44.03 -4.88 1.34
N THR F 202 44.82 -5.37 0.39
CA THR F 202 45.47 -4.51 -0.59
C THR F 202 45.11 -4.98 -1.99
N VAL F 203 44.97 -4.03 -2.90
CA VAL F 203 44.50 -4.32 -4.24
C VAL F 203 45.28 -3.53 -5.28
N PHE F 204 46.26 -4.20 -5.92
CA PHE F 204 47.19 -3.62 -6.88
C PHE F 204 47.93 -2.43 -6.28
N GLY F 205 48.74 -2.73 -5.28
CA GLY F 205 49.60 -1.74 -4.65
C GLY F 205 50.51 -2.43 -3.64
N ASN F 206 51.81 -2.14 -3.71
CA ASN F 206 52.77 -2.85 -2.89
C ASN F 206 53.10 -2.05 -1.63
N TYR F 207 52.05 -1.86 -0.83
CA TYR F 207 52.18 -1.27 0.50
C TYR F 207 51.51 -2.22 1.48
N ASP F 208 52.26 -2.61 2.51
CA ASP F 208 51.82 -3.64 3.43
C ASP F 208 50.69 -3.15 4.33
N VAL F 209 49.64 -3.94 4.43
CA VAL F 209 48.47 -3.59 5.25
C VAL F 209 48.58 -4.14 6.66
N LYS F 210 49.71 -4.74 7.03
CA LYS F 210 49.91 -5.25 8.37
C LYS F 210 50.12 -4.15 9.39
N THR F 211 50.34 -2.90 8.95
CA THR F 211 50.37 -1.77 9.87
C THR F 211 48.98 -1.27 10.21
N LEU F 212 47.95 -1.82 9.60
CA LEU F 212 46.59 -1.28 9.70
C LEU F 212 45.59 -2.28 10.29
N ASN F 213 45.75 -3.56 10.00
CA ASN F 213 44.70 -4.55 10.27
C ASN F 213 44.47 -4.78 11.75
N GLU F 214 45.49 -4.53 12.60
CA GLU F 214 45.27 -4.61 14.03
C GLU F 214 44.59 -3.37 14.57
N LEU F 215 44.59 -2.27 13.82
CA LEU F 215 43.93 -1.05 14.23
C LEU F 215 42.46 -1.04 13.84
N LEU F 216 42.09 -1.74 12.76
CA LEU F 216 40.69 -1.82 12.35
C LEU F 216 39.99 -3.01 13.01
N THR F 217 40.51 -4.20 12.78
CA THR F 217 39.92 -5.41 13.36
C THR F 217 40.26 -5.52 14.85
N THR G 2 44.99 -3.24 -31.64
CA THR G 2 44.73 -4.30 -32.62
C THR G 2 44.65 -5.63 -31.88
N TYR G 3 45.43 -5.76 -30.81
CA TYR G 3 45.52 -7.01 -30.07
C TYR G 3 44.38 -7.15 -29.06
N LYS G 4 44.54 -8.08 -28.12
CA LYS G 4 43.45 -8.62 -27.30
C LYS G 4 42.73 -7.54 -26.49
N LEU G 5 41.48 -7.84 -26.16
CA LEU G 5 40.52 -6.87 -25.66
C LEU G 5 40.18 -7.13 -24.20
N TYR G 6 39.98 -6.05 -23.45
CA TYR G 6 40.01 -6.07 -21.98
C TYR G 6 38.61 -5.87 -21.42
N ILE G 7 37.96 -6.98 -21.06
CA ILE G 7 36.57 -6.97 -20.62
C ILE G 7 36.42 -6.27 -19.27
N MET G 8 35.45 -5.36 -19.21
CA MET G 8 35.22 -4.53 -18.03
C MET G 8 33.72 -4.54 -17.69
N THR G 9 33.36 -5.24 -16.62
CA THR G 9 32.01 -5.28 -16.11
C THR G 9 31.89 -4.35 -14.90
N PHE G 10 31.03 -3.34 -15.02
CA PHE G 10 30.99 -2.21 -14.11
C PHE G 10 29.94 -2.32 -13.01
N GLN G 11 28.69 -2.59 -13.41
CA GLN G 11 27.45 -2.65 -12.62
C GLN G 11 26.96 -1.29 -12.13
N ASN G 12 27.76 -0.23 -12.28
CA ASN G 12 27.34 1.09 -11.80
C ASN G 12 28.12 2.13 -12.60
N ALA G 13 27.48 2.68 -13.63
CA ALA G 13 28.19 3.57 -14.54
C ALA G 13 27.46 4.90 -14.70
N HIS G 14 28.23 5.95 -14.93
CA HIS G 14 27.73 7.31 -15.14
C HIS G 14 28.51 7.89 -16.31
N PHE G 15 27.87 8.02 -17.46
CA PHE G 15 28.60 8.10 -18.73
C PHE G 15 28.26 9.37 -19.51
N GLY G 16 28.16 10.50 -18.83
CA GLY G 16 28.26 11.76 -19.54
C GLY G 16 27.08 12.25 -20.35
N SER G 17 27.18 12.10 -21.68
CA SER G 17 26.21 12.59 -22.68
C SER G 17 26.04 14.11 -22.61
N GLY G 18 27.12 14.81 -22.31
CA GLY G 18 27.12 16.26 -22.29
C GLY G 18 26.51 16.90 -21.06
N THR G 19 25.69 16.16 -20.31
CA THR G 19 24.95 16.66 -19.16
C THR G 19 25.28 15.79 -17.95
N LEU G 20 24.52 15.98 -16.88
CA LEU G 20 24.56 15.14 -15.71
C LEU G 20 23.33 14.27 -15.56
N ASP G 21 22.18 14.73 -16.06
CA ASP G 21 20.92 14.03 -15.94
C ASP G 21 20.76 12.90 -16.95
N SER G 22 21.69 12.75 -17.88
CA SER G 22 21.67 11.67 -18.86
C SER G 22 22.98 10.89 -18.79
N SER G 23 23.00 9.73 -19.44
CA SER G 23 24.16 8.85 -19.39
C SER G 23 24.15 7.92 -20.59
N LYS G 24 25.30 7.76 -21.23
CA LYS G 24 25.45 6.80 -22.31
C LYS G 24 25.65 5.39 -21.77
N LEU G 25 25.84 4.46 -22.70
CA LEU G 25 26.21 3.10 -22.37
C LEU G 25 27.69 2.83 -22.65
N THR G 26 28.23 3.46 -23.70
CA THR G 26 29.63 3.33 -24.09
C THR G 26 30.31 4.69 -23.96
N PHE G 27 31.65 4.70 -23.88
CA PHE G 27 32.30 5.90 -23.38
C PHE G 27 33.32 6.55 -24.31
N SER G 28 33.26 6.29 -25.62
CA SER G 28 33.82 7.18 -26.67
C SER G 28 35.35 7.34 -26.61
N ALA G 29 36.02 6.49 -25.82
CA ALA G 29 37.47 6.25 -25.75
C ALA G 29 38.33 7.47 -25.42
N ASP G 30 37.71 8.57 -25.02
CA ASP G 30 38.43 9.68 -24.42
C ASP G 30 38.51 9.50 -22.92
N ARG G 31 37.47 8.89 -22.34
CA ARG G 31 37.40 8.62 -20.92
C ARG G 31 38.43 7.60 -20.49
N ILE G 32 38.52 6.48 -21.23
CA ILE G 32 39.50 5.47 -20.90
C ILE G 32 40.92 5.98 -21.14
N PHE G 33 41.11 6.80 -22.20
CA PHE G 33 42.43 7.37 -22.43
C PHE G 33 42.85 8.34 -21.33
N SER G 34 41.95 9.24 -20.93
CA SER G 34 42.28 10.19 -19.86
C SER G 34 42.31 9.53 -18.50
N ALA G 35 41.72 8.34 -18.38
CA ALA G 35 41.83 7.60 -17.13
C ALA G 35 43.19 6.92 -17.02
N LEU G 36 43.70 6.38 -18.15
CA LEU G 36 45.07 5.87 -18.15
C LEU G 36 46.07 7.02 -17.98
N VAL G 37 45.74 8.20 -18.49
CA VAL G 37 46.66 9.34 -18.39
C VAL G 37 46.73 9.87 -16.97
N LEU G 38 45.57 10.07 -16.34
CA LEU G 38 45.55 10.57 -14.96
C LEU G 38 46.05 9.51 -13.98
N GLU G 39 45.74 8.24 -14.26
CA GLU G 39 46.24 7.16 -13.41
C GLU G 39 47.76 7.04 -13.48
N ALA G 40 48.33 7.39 -14.63
CA ALA G 40 49.79 7.41 -14.74
C ALA G 40 50.39 8.56 -13.94
N LEU G 41 49.67 9.68 -13.83
CA LEU G 41 50.20 10.83 -13.12
C LEU G 41 50.15 10.66 -11.61
N LYS G 42 49.33 9.73 -11.09
CA LYS G 42 49.34 9.47 -9.66
C LYS G 42 50.59 8.73 -9.23
N MET G 43 51.24 8.04 -10.16
CA MET G 43 52.50 7.36 -9.89
C MET G 43 53.71 8.13 -10.40
N GLY G 44 53.49 9.26 -11.08
CA GLY G 44 54.56 9.93 -11.79
C GLY G 44 54.89 9.33 -13.14
N LYS G 45 54.20 8.27 -13.55
CA LYS G 45 54.41 7.51 -14.77
C LYS G 45 53.79 8.11 -16.00
N LEU G 46 53.49 9.42 -16.00
CA LEU G 46 52.83 10.05 -17.14
C LEU G 46 53.72 10.02 -18.38
N ASP G 47 55.04 10.22 -18.19
CA ASP G 47 55.96 10.33 -19.31
C ASP G 47 56.10 9.02 -20.08
N ALA G 48 56.00 7.89 -19.38
CA ALA G 48 56.10 6.59 -20.05
C ALA G 48 54.90 6.35 -20.95
N PHE G 49 53.69 6.61 -20.45
CA PHE G 49 52.51 6.44 -21.28
C PHE G 49 52.44 7.51 -22.37
N LEU G 50 53.01 8.69 -22.15
CA LEU G 50 53.05 9.67 -23.23
C LEU G 50 54.05 9.26 -24.31
N ALA G 51 55.16 8.64 -23.92
CA ALA G 51 56.10 8.10 -24.90
C ALA G 51 55.49 6.96 -25.68
N GLU G 52 54.63 6.16 -25.04
CA GLU G 52 53.86 5.18 -25.81
C GLU G 52 52.82 5.88 -26.69
N ALA G 53 52.22 6.95 -26.17
CA ALA G 53 51.03 7.54 -26.77
C ALA G 53 51.35 8.27 -28.07
N ASN G 54 52.47 8.98 -28.10
CA ASN G 54 52.84 9.72 -29.31
C ASN G 54 53.46 8.83 -30.38
N GLN G 55 53.42 7.51 -30.24
CA GLN G 55 53.91 6.58 -31.24
C GLN G 55 52.79 5.62 -31.59
N ASP G 56 52.74 5.22 -32.87
CA ASP G 56 51.59 4.54 -33.44
C ASP G 56 51.67 3.03 -33.37
N LYS G 57 52.40 2.46 -32.41
CA LYS G 57 52.36 1.00 -32.26
C LYS G 57 51.03 0.56 -31.65
N PHE G 58 50.57 1.27 -30.62
CA PHE G 58 49.35 0.90 -29.92
C PHE G 58 48.14 1.42 -30.70
N THR G 59 46.96 0.93 -30.30
CA THR G 59 45.68 1.43 -30.80
C THR G 59 44.73 1.54 -29.62
N LEU G 60 43.50 1.97 -29.90
CA LEU G 60 42.40 1.85 -28.95
C LEU G 60 41.10 1.66 -29.71
N THR G 61 40.03 1.47 -28.94
CA THR G 61 38.68 1.24 -29.43
C THR G 61 37.74 1.47 -28.25
N ASP G 62 36.68 2.25 -28.44
CA ASP G 62 35.83 2.53 -27.29
C ASP G 62 34.93 1.34 -26.97
N ALA G 63 34.18 1.49 -25.89
CA ALA G 63 33.36 0.42 -25.33
C ALA G 63 32.26 -0.01 -26.29
N PHE G 64 31.89 -1.28 -26.18
CA PHE G 64 30.72 -1.89 -26.81
C PHE G 64 30.25 -2.99 -25.87
N PRO G 65 28.97 -3.37 -25.94
CA PRO G 65 28.47 -4.40 -25.03
C PRO G 65 29.15 -5.75 -25.20
N PHE G 66 29.41 -6.42 -24.08
CA PHE G 66 30.05 -7.73 -24.06
C PHE G 66 29.12 -8.67 -23.30
N GLN G 67 28.30 -9.42 -24.01
CA GLN G 67 27.44 -10.43 -23.41
C GLN G 67 27.83 -11.77 -24.03
N PHE G 68 28.72 -12.49 -23.35
CA PHE G 68 29.35 -13.74 -23.76
C PHE G 68 30.11 -13.62 -25.07
N GLY G 69 30.51 -12.42 -25.46
CA GLY G 69 31.25 -12.24 -26.69
C GLY G 69 31.02 -10.88 -27.33
N PRO G 70 31.11 -10.84 -28.65
CA PRO G 70 31.28 -9.55 -29.34
C PRO G 70 30.00 -8.87 -29.77
N PHE G 71 29.89 -7.58 -29.44
CA PHE G 71 28.94 -6.68 -30.07
C PHE G 71 29.72 -5.49 -30.62
N LEU G 72 29.22 -4.96 -31.72
CA LEU G 72 29.89 -3.97 -32.55
C LEU G 72 28.86 -2.87 -32.83
N PRO G 73 29.26 -1.71 -33.36
CA PRO G 73 28.23 -0.72 -33.72
C PRO G 73 27.43 -1.18 -34.91
N LYS G 74 26.23 -0.63 -35.00
CA LYS G 74 25.57 -0.56 -36.29
C LYS G 74 26.43 0.29 -37.22
N PRO G 75 26.65 -0.14 -38.46
CA PRO G 75 27.25 0.76 -39.44
C PRO G 75 26.32 1.91 -39.71
N ILE G 76 26.71 3.08 -39.21
CA ILE G 76 25.80 4.22 -39.07
C ILE G 76 25.52 4.75 -40.47
N GLY G 77 24.28 4.52 -40.89
CA GLY G 77 23.77 4.91 -42.18
C GLY G 77 24.06 3.86 -43.23
N TYR G 78 24.61 2.73 -42.80
CA TYR G 78 24.96 1.69 -43.77
C TYR G 78 24.12 0.46 -44.06
N PRO G 79 22.95 0.33 -43.42
CA PRO G 79 22.26 -0.81 -43.98
C PRO G 79 22.00 -0.25 -45.37
N LYS G 80 22.38 -1.01 -46.37
CA LYS G 80 22.28 -0.54 -47.74
C LYS G 80 20.88 -0.57 -48.31
N HIS G 81 20.56 0.46 -49.08
CA HIS G 81 19.25 0.52 -49.71
C HIS G 81 19.21 -0.31 -50.99
N GLN G 86 11.78 -6.46 -51.76
CA GLN G 86 10.36 -6.35 -51.54
C GLN G 86 9.98 -4.98 -50.98
N SER G 87 9.72 -4.04 -51.88
CA SER G 87 9.41 -2.66 -51.52
C SER G 87 7.91 -2.42 -51.33
N VAL G 88 7.16 -3.44 -50.95
CA VAL G 88 5.72 -3.33 -50.77
C VAL G 88 5.38 -3.82 -49.36
N ASP G 89 4.08 -3.96 -49.11
CA ASP G 89 3.49 -4.25 -47.79
C ASP G 89 3.96 -3.21 -46.78
N VAL G 90 3.45 -1.99 -47.00
CA VAL G 90 3.86 -0.76 -46.31
C VAL G 90 3.71 -0.85 -44.79
N LYS G 91 2.83 -1.73 -44.31
CA LYS G 91 2.71 -1.95 -42.87
C LYS G 91 3.93 -2.64 -42.26
N GLU G 92 4.84 -3.18 -43.08
CA GLU G 92 6.09 -3.73 -42.58
C GLU G 92 7.31 -2.91 -43.01
N VAL G 93 7.54 -2.75 -44.32
CA VAL G 93 8.83 -2.22 -44.78
C VAL G 93 8.96 -0.71 -44.58
N ARG G 94 7.87 -0.02 -44.28
CA ARG G 94 8.00 1.36 -43.80
C ARG G 94 8.07 1.38 -42.28
N ARG G 95 7.48 0.37 -41.63
CA ARG G 95 7.38 0.36 -40.18
C ARG G 95 8.69 -0.04 -39.51
N GLN G 96 9.42 -1.00 -40.09
CA GLN G 96 10.60 -1.56 -39.45
C GLN G 96 11.80 -0.62 -39.45
N ALA G 97 11.75 0.49 -40.18
CA ALA G 97 12.83 1.47 -40.13
C ALA G 97 12.90 2.21 -38.80
N LYS G 98 11.76 2.37 -38.11
CA LYS G 98 11.78 2.97 -36.79
C LYS G 98 12.35 2.01 -35.75
N LEU G 99 12.23 0.71 -35.99
CA LEU G 99 12.78 -0.31 -35.11
C LEU G 99 14.14 -0.83 -35.56
N SER G 100 14.74 -0.20 -36.57
CA SER G 100 16.09 -0.55 -37.01
C SER G 100 16.97 0.67 -37.17
N LYS G 101 16.54 1.81 -36.63
CA LYS G 101 17.40 2.99 -36.51
C LYS G 101 17.94 3.18 -35.11
N LYS G 102 17.14 2.88 -34.09
CA LYS G 102 17.60 2.86 -32.71
C LYS G 102 17.91 1.42 -32.31
N LEU G 103 18.90 0.86 -33.00
CA LEU G 103 19.39 -0.49 -32.70
C LEU G 103 20.84 -0.44 -32.22
N GLN G 104 21.74 0.14 -33.01
CA GLN G 104 23.06 0.67 -32.70
C GLN G 104 24.08 -0.31 -32.13
N PHE G 105 23.72 -1.58 -31.90
CA PHE G 105 24.67 -2.59 -31.41
C PHE G 105 24.30 -3.95 -31.99
N LEU G 106 25.31 -4.65 -32.51
CA LEU G 106 25.11 -5.86 -33.31
C LEU G 106 26.02 -6.98 -32.83
N ALA G 107 25.61 -8.22 -33.13
CA ALA G 107 26.43 -9.40 -32.84
C ALA G 107 27.27 -9.78 -34.05
N LEU G 108 28.49 -10.26 -33.80
CA LEU G 108 29.41 -10.62 -34.88
C LEU G 108 28.90 -11.77 -35.73
N GLU G 109 28.27 -12.77 -35.10
CA GLU G 109 27.88 -14.02 -35.76
C GLU G 109 26.85 -13.82 -36.86
N ASN G 110 26.23 -12.65 -36.93
CA ASN G 110 25.45 -12.25 -38.10
C ASN G 110 25.67 -10.78 -38.46
N VAL G 111 26.84 -10.22 -38.13
CA VAL G 111 27.16 -8.85 -38.54
C VAL G 111 27.39 -8.77 -40.05
N ASP G 112 27.71 -9.89 -40.69
CA ASP G 112 27.74 -9.98 -42.14
C ASP G 112 26.40 -10.42 -42.70
N ASP G 113 25.51 -10.93 -41.85
CA ASP G 113 24.11 -11.07 -42.23
C ASP G 113 23.32 -9.81 -41.96
N TYR G 114 23.87 -8.90 -41.15
CA TYR G 114 23.24 -7.60 -40.97
C TYR G 114 23.31 -6.76 -42.24
N LEU G 115 24.49 -6.73 -42.86
CA LEU G 115 24.67 -5.94 -44.07
C LEU G 115 23.88 -6.51 -45.24
N ASN G 116 23.63 -7.82 -45.21
CA ASN G 116 22.72 -8.43 -46.17
C ASN G 116 21.26 -8.28 -45.74
N GLY G 117 21.01 -7.82 -44.51
CA GLY G 117 19.66 -7.63 -44.02
C GLY G 117 19.28 -8.56 -42.89
N GLU G 118 19.32 -8.06 -41.65
CA GLU G 118 18.95 -8.84 -40.49
C GLU G 118 17.96 -8.04 -39.65
N LEU G 119 17.06 -8.77 -38.97
CA LEU G 119 16.04 -8.15 -38.13
C LEU G 119 16.66 -7.38 -36.97
N PHE G 120 17.39 -8.10 -36.10
CA PHE G 120 18.09 -7.55 -34.93
C PHE G 120 17.14 -6.83 -33.97
N GLU G 121 16.28 -7.62 -33.35
CA GLU G 121 15.69 -7.20 -32.08
C GLU G 121 16.83 -6.91 -31.11
N ASN G 122 16.98 -5.64 -30.74
CA ASN G 122 18.02 -5.27 -29.79
C ASN G 122 17.60 -5.71 -28.39
N GLU G 123 18.41 -6.55 -27.77
CA GLU G 123 18.13 -6.98 -26.41
C GLU G 123 18.42 -5.84 -25.44
N GLU G 124 17.72 -5.86 -24.31
CA GLU G 124 17.75 -4.75 -23.36
C GLU G 124 18.86 -4.98 -22.35
N HIS G 125 20.08 -5.08 -22.86
CA HIS G 125 21.24 -5.18 -21.99
C HIS G 125 21.51 -3.82 -21.36
N ALA G 126 21.76 -3.83 -20.05
CA ALA G 126 22.28 -2.68 -19.30
C ALA G 126 21.40 -1.44 -19.39
N VAL G 127 20.21 -1.51 -18.79
CA VAL G 127 19.24 -0.42 -18.87
C VAL G 127 19.78 0.83 -18.17
N ILE G 128 19.68 1.97 -18.86
CA ILE G 128 20.03 3.25 -18.28
C ILE G 128 18.98 3.61 -17.23
N ASP G 129 19.44 3.94 -16.03
CA ASP G 129 18.57 4.33 -14.93
C ASP G 129 18.80 5.78 -14.59
N THR G 130 17.80 6.38 -13.95
CA THR G 130 17.93 7.71 -13.37
C THR G 130 17.44 7.65 -11.93
N VAL G 131 18.27 8.12 -11.01
CA VAL G 131 17.98 8.10 -9.58
C VAL G 131 18.23 9.47 -9.01
N THR G 132 17.26 10.01 -8.29
CA THR G 132 17.38 11.36 -7.79
C THR G 132 18.25 11.38 -6.54
N LYS G 133 18.92 12.51 -6.34
CA LYS G 133 19.81 12.70 -5.20
C LYS G 133 19.76 14.16 -4.79
N ASN G 134 20.33 14.48 -3.63
CA ASN G 134 20.14 15.79 -3.05
C ASN G 134 21.46 16.31 -2.48
N GLN G 135 21.35 17.41 -1.76
CA GLN G 135 22.34 17.97 -0.87
C GLN G 135 21.60 18.62 0.29
N PRO G 136 21.66 18.07 1.49
CA PRO G 136 20.85 18.61 2.59
C PRO G 136 21.35 19.97 3.06
N HIS G 137 20.41 20.79 3.53
CA HIS G 137 20.59 22.15 4.03
C HIS G 137 21.19 23.09 2.98
N LYS G 138 20.97 22.83 1.69
CA LYS G 138 21.46 23.69 0.63
C LYS G 138 20.29 24.22 -0.19
N ASP G 139 20.56 25.25 -1.00
CA ASP G 139 19.50 25.99 -1.67
C ASP G 139 18.88 25.19 -2.81
N ASP G 140 19.69 24.87 -3.83
CA ASP G 140 19.27 23.98 -4.90
C ASP G 140 20.01 22.66 -4.73
N ASN G 141 19.25 21.57 -4.68
CA ASN G 141 19.82 20.28 -4.30
C ASN G 141 19.38 19.15 -5.21
N LEU G 142 18.26 19.30 -5.92
CA LEU G 142 17.73 18.28 -6.81
C LEU G 142 18.60 18.21 -8.05
N TYR G 143 19.73 17.52 -7.94
CA TYR G 143 20.54 17.18 -9.10
C TYR G 143 20.31 15.68 -9.36
N GLN G 144 19.90 15.36 -10.57
CA GLN G 144 19.42 14.01 -10.86
C GLN G 144 20.55 13.20 -11.47
N VAL G 145 21.13 12.32 -10.67
CA VAL G 145 22.24 11.49 -11.14
C VAL G 145 21.68 10.37 -12.00
N ALA G 146 21.93 10.42 -13.30
CA ALA G 146 21.64 9.31 -14.19
C ALA G 146 22.67 8.22 -13.92
N THR G 147 22.28 6.97 -14.15
CA THR G 147 23.12 5.84 -13.80
C THR G 147 22.94 4.72 -14.81
N THR G 148 24.02 4.32 -15.47
CA THR G 148 23.98 3.23 -16.42
C THR G 148 24.21 1.93 -15.65
N ARG G 149 23.14 1.17 -15.44
CA ARG G 149 23.15 0.00 -14.57
C ARG G 149 23.08 -1.25 -15.44
N PHE G 150 24.04 -2.15 -15.25
CA PHE G 150 24.27 -3.26 -16.16
C PHE G 150 23.44 -4.49 -15.78
N SER G 151 23.14 -5.31 -16.78
CA SER G 151 22.26 -6.46 -16.60
C SER G 151 23.01 -7.75 -16.29
N ASN G 152 23.93 -7.68 -15.32
CA ASN G 152 24.62 -8.81 -14.69
C ASN G 152 25.52 -9.66 -15.60
N ASP G 153 25.58 -9.35 -16.90
CA ASP G 153 26.55 -10.00 -17.78
C ASP G 153 27.21 -9.06 -18.78
N THR G 154 26.68 -7.87 -18.98
CA THR G 154 27.21 -6.97 -20.01
C THR G 154 28.51 -6.35 -19.55
N SER G 155 29.48 -6.30 -20.46
CA SER G 155 30.75 -5.65 -20.18
C SER G 155 31.11 -4.79 -21.38
N LEU G 156 32.29 -4.18 -21.38
CA LEU G 156 32.53 -3.08 -22.30
C LEU G 156 33.75 -3.22 -23.22
N TYR G 157 34.84 -3.86 -22.79
CA TYR G 157 35.91 -4.41 -23.64
C TYR G 157 36.57 -3.41 -24.62
N VAL G 158 37.41 -2.52 -24.10
CA VAL G 158 38.29 -1.73 -24.97
C VAL G 158 39.30 -2.65 -25.64
N ILE G 159 39.59 -2.37 -26.92
CA ILE G 159 40.49 -3.20 -27.72
C ILE G 159 41.78 -2.43 -27.94
N ALA G 160 42.92 -2.98 -27.53
CA ALA G 160 44.18 -2.29 -27.67
C ALA G 160 45.33 -3.30 -27.75
N ASN G 161 46.53 -2.76 -28.01
CA ASN G 161 47.75 -3.56 -27.95
C ASN G 161 48.02 -3.97 -26.51
N GLU G 162 48.24 -5.26 -26.31
CA GLU G 162 48.37 -5.83 -24.96
C GLU G 162 49.75 -5.48 -24.42
N SER G 163 49.84 -4.33 -23.77
CA SER G 163 51.08 -3.82 -23.21
C SER G 163 51.05 -3.87 -21.69
N ASP G 164 52.24 -3.97 -21.09
CA ASP G 164 52.38 -4.05 -19.63
C ASP G 164 52.25 -2.69 -18.96
N LEU G 165 52.77 -1.65 -19.61
CA LEU G 165 52.52 -0.28 -19.15
C LEU G 165 51.04 0.06 -19.28
N LEU G 166 50.39 -0.48 -20.30
CA LEU G 166 48.94 -0.37 -20.42
C LEU G 166 48.25 -1.13 -19.29
N ASN G 167 48.72 -2.35 -19.01
CA ASN G 167 47.98 -3.21 -18.09
C ASN G 167 48.17 -2.83 -16.63
N GLU G 168 49.28 -2.19 -16.26
CA GLU G 168 49.39 -1.57 -14.93
C GLU G 168 48.31 -0.51 -14.75
N LEU G 169 48.10 0.32 -15.77
CA LEU G 169 47.07 1.34 -15.72
C LEU G 169 45.68 0.72 -15.70
N MET G 170 45.45 -0.32 -16.52
CA MET G 170 44.14 -0.94 -16.59
C MET G 170 43.79 -1.74 -15.34
N SER G 171 44.79 -2.21 -14.60
CA SER G 171 44.55 -2.89 -13.33
C SER G 171 44.59 -1.92 -12.15
N SER G 172 44.98 -0.66 -12.38
CA SER G 172 44.70 0.38 -11.40
C SER G 172 43.33 1.04 -11.64
N LEU G 173 42.80 0.98 -12.86
CA LEU G 173 41.50 1.56 -13.12
C LEU G 173 40.36 0.71 -12.57
N GLN G 174 40.63 -0.54 -12.20
CA GLN G 174 39.66 -1.37 -11.50
C GLN G 174 39.20 -0.70 -10.22
N TYR G 175 40.13 -0.10 -9.50
CA TYR G 175 39.87 0.54 -8.23
C TYR G 175 39.91 2.05 -8.34
N SER G 176 40.22 2.60 -9.50
CA SER G 176 40.11 4.04 -9.69
C SER G 176 38.69 4.46 -10.08
N GLY G 177 37.95 3.57 -10.74
CA GLY G 177 36.65 3.95 -11.25
C GLY G 177 36.75 4.54 -12.64
N LEU G 178 35.74 4.29 -13.48
CA LEU G 178 35.73 4.78 -14.85
C LEU G 178 34.31 5.22 -15.18
N GLY G 179 34.03 6.50 -14.95
CA GLY G 179 32.70 7.03 -15.19
C GLY G 179 32.63 8.44 -14.66
N GLY G 180 31.40 8.95 -14.58
CA GLY G 180 31.22 10.31 -14.13
C GLY G 180 31.48 10.48 -12.65
N LYS G 181 30.57 10.01 -11.81
CA LYS G 181 30.59 10.29 -10.39
C LYS G 181 31.39 9.20 -9.70
N ARG G 182 32.71 9.21 -9.91
CA ARG G 182 33.58 8.15 -9.42
C ARG G 182 33.69 8.09 -7.91
N SER G 183 33.91 9.21 -7.24
CA SER G 183 34.05 9.19 -5.80
C SER G 183 32.73 9.02 -5.07
N SER G 184 31.61 9.11 -5.78
CA SER G 184 30.31 8.73 -5.26
C SER G 184 30.01 7.25 -5.44
N GLY G 185 30.95 6.49 -6.01
CA GLY G 185 30.80 5.06 -6.08
C GLY G 185 30.30 4.52 -7.40
N PHE G 186 30.78 5.09 -8.51
CA PHE G 186 30.34 4.70 -9.83
C PHE G 186 31.53 4.40 -10.71
N GLY G 187 31.31 3.58 -11.73
CA GLY G 187 32.34 3.32 -12.73
C GLY G 187 33.42 2.36 -12.30
N ARG G 188 33.24 1.67 -11.18
CA ARG G 188 34.24 0.73 -10.68
C ARG G 188 33.99 -0.62 -11.37
N PHE G 189 34.83 -0.93 -12.35
CA PHE G 189 34.64 -2.17 -13.10
C PHE G 189 35.51 -3.28 -12.53
N GLU G 190 35.44 -4.44 -13.17
CA GLU G 190 36.37 -5.54 -12.91
C GLU G 190 36.88 -6.04 -14.25
N LEU G 191 38.17 -6.39 -14.28
CA LEU G 191 38.91 -6.55 -15.52
C LEU G 191 39.34 -8.00 -15.71
N ASP G 192 39.09 -8.53 -16.91
CA ASP G 192 39.41 -9.93 -17.22
C ASP G 192 39.61 -10.04 -18.74
N ILE G 193 40.86 -10.11 -19.17
CA ILE G 193 41.21 -10.03 -20.58
C ILE G 193 40.94 -11.36 -21.27
N GLN G 194 40.33 -11.30 -22.46
CA GLN G 194 40.14 -12.50 -23.28
C GLN G 194 40.87 -12.36 -24.61
N ASN G 195 40.61 -13.31 -25.51
CA ASN G 195 41.15 -13.31 -26.86
C ASN G 195 40.21 -12.55 -27.79
N ILE G 196 40.51 -12.59 -29.08
CA ILE G 196 39.62 -12.05 -30.11
C ILE G 196 39.24 -13.20 -31.03
N PRO G 197 38.02 -13.24 -31.56
CA PRO G 197 37.72 -14.19 -32.64
C PRO G 197 38.48 -13.87 -33.92
N LEU G 198 38.53 -14.87 -34.81
CA LEU G 198 39.21 -14.70 -36.08
C LEU G 198 38.45 -13.75 -37.00
N GLU G 199 37.13 -13.66 -36.85
CA GLU G 199 36.30 -12.80 -37.67
C GLU G 199 36.26 -11.36 -37.18
N LEU G 200 36.99 -11.03 -36.11
CA LEU G 200 37.15 -9.64 -35.67
C LEU G 200 38.58 -9.16 -35.81
N SER G 201 39.56 -9.90 -35.28
CA SER G 201 40.93 -9.46 -35.25
C SER G 201 41.57 -9.42 -36.63
N ASP G 202 41.05 -10.20 -37.58
CA ASP G 202 41.46 -10.05 -38.97
C ASP G 202 40.99 -8.73 -39.53
N ARG G 203 39.78 -8.31 -39.14
CA ARG G 203 39.15 -7.14 -39.73
C ARG G 203 39.52 -5.84 -39.02
N LEU G 204 40.40 -5.87 -38.01
CA LEU G 204 40.81 -4.67 -37.31
C LEU G 204 41.92 -3.93 -38.08
N THR G 205 41.58 -3.52 -39.30
CA THR G 205 42.54 -2.87 -40.17
C THR G 205 42.73 -1.41 -39.77
N LYS G 206 43.73 -0.77 -40.37
CA LYS G 206 43.98 0.64 -40.16
C LYS G 206 44.27 1.40 -41.45
N ASN G 207 44.55 0.72 -42.56
CA ASN G 207 44.89 1.41 -43.80
C ASN G 207 44.28 0.77 -45.04
N HIS G 208 43.27 -0.09 -44.89
CA HIS G 208 42.68 -0.81 -46.01
C HIS G 208 41.75 0.11 -46.79
N SER G 209 42.15 0.49 -48.01
CA SER G 209 41.36 1.39 -48.85
C SER G 209 40.16 0.64 -49.39
N ASP G 210 39.12 0.58 -48.54
CA ASP G 210 37.93 -0.21 -48.84
C ASP G 210 36.79 0.36 -48.01
N LYS G 211 35.59 -0.20 -48.22
CA LYS G 211 34.41 0.19 -47.46
C LYS G 211 34.58 -0.32 -46.03
N VAL G 212 34.91 0.59 -45.12
CA VAL G 212 35.37 0.23 -43.79
C VAL G 212 34.64 1.11 -42.78
N MET G 213 34.53 0.64 -41.54
CA MET G 213 33.76 1.32 -40.51
C MET G 213 34.66 1.57 -39.31
N SER G 214 34.63 2.79 -38.78
CA SER G 214 35.38 3.07 -37.57
C SER G 214 34.74 2.40 -36.37
N LEU G 215 35.58 1.84 -35.49
CA LEU G 215 35.11 1.25 -34.26
C LEU G 215 35.43 2.12 -33.05
N THR G 216 35.85 3.36 -33.27
CA THR G 216 35.99 4.30 -32.16
C THR G 216 35.81 5.70 -32.71
N THR G 217 35.63 6.63 -31.77
CA THR G 217 35.40 8.03 -32.12
C THR G 217 36.70 8.64 -32.65
N ALA G 218 36.67 9.12 -33.89
CA ALA G 218 37.85 9.47 -34.64
C ALA G 218 37.87 10.95 -35.02
N LEU G 219 39.02 11.38 -35.54
CA LEU G 219 39.17 12.70 -36.14
C LEU G 219 40.39 12.61 -37.07
N PRO G 220 40.28 13.07 -38.32
CA PRO G 220 41.36 12.86 -39.28
C PRO G 220 42.41 13.95 -39.27
N VAL G 221 43.42 13.73 -40.12
CA VAL G 221 44.35 14.78 -40.48
C VAL G 221 43.58 15.87 -41.22
N ASP G 222 44.02 17.13 -41.03
CA ASP G 222 43.44 18.26 -41.75
C ASP G 222 43.54 18.14 -43.27
N ALA G 223 44.51 17.36 -43.77
CA ALA G 223 44.49 17.00 -45.18
C ALA G 223 43.48 15.89 -45.45
N ASP G 224 43.40 14.91 -44.54
CA ASP G 224 42.54 13.75 -44.75
C ASP G 224 41.06 14.03 -44.44
N LEU G 225 40.72 15.21 -43.95
CA LEU G 225 39.38 15.44 -43.43
C LEU G 225 38.38 15.57 -44.57
N GLU G 226 38.79 16.17 -45.68
CA GLU G 226 37.90 16.32 -46.83
C GLU G 226 37.58 14.98 -47.47
N GLU G 227 38.59 14.13 -47.67
CA GLU G 227 38.35 12.82 -48.25
C GLU G 227 37.69 11.88 -47.25
N ALA G 228 37.81 12.18 -45.95
CA ALA G 228 37.03 11.45 -44.96
C ALA G 228 35.56 11.80 -45.06
N MET G 229 35.25 13.09 -45.21
CA MET G 229 33.85 13.50 -45.24
C MET G 229 33.18 13.20 -46.57
N GLU G 230 33.97 13.01 -47.62
CA GLU G 230 33.38 12.77 -48.95
C GLU G 230 32.81 11.37 -49.06
N ASP G 231 33.24 10.46 -48.20
CA ASP G 231 32.71 9.11 -48.16
C ASP G 231 32.08 8.73 -46.82
N GLY G 232 32.22 9.58 -45.81
CA GLY G 232 31.84 9.19 -44.45
C GLY G 232 30.34 9.26 -44.20
N HIS G 233 29.83 8.25 -43.50
CA HIS G 233 28.49 8.25 -42.94
C HIS G 233 28.63 8.05 -41.44
N TYR G 234 28.38 9.11 -40.67
CA TYR G 234 28.79 9.10 -39.27
C TYR G 234 27.85 9.96 -38.46
N LEU G 235 28.30 10.36 -37.27
CA LEU G 235 27.74 11.47 -36.53
C LEU G 235 28.90 12.24 -35.91
N LEU G 236 28.61 13.28 -35.13
CA LEU G 236 29.67 14.13 -34.59
C LEU G 236 29.79 13.99 -33.07
N THR G 237 28.72 14.26 -32.33
CA THR G 237 28.51 13.86 -30.94
C THR G 237 29.51 14.51 -29.98
N LYS G 238 30.10 15.65 -30.40
CA LYS G 238 30.59 16.75 -29.56
C LYS G 238 31.42 16.36 -28.33
N SER G 239 32.65 15.88 -28.52
CA SER G 239 33.49 15.61 -27.37
C SER G 239 33.85 16.90 -26.64
N SER G 240 33.26 17.08 -25.46
CA SER G 240 33.32 18.36 -24.75
C SER G 240 33.49 18.08 -23.27
N GLY G 241 33.27 19.11 -22.45
CA GLY G 241 33.35 18.98 -21.01
C GLY G 241 34.49 19.79 -20.43
N PHE G 242 34.62 19.70 -19.11
CA PHE G 242 35.63 20.48 -18.43
C PHE G 242 36.96 19.72 -18.41
N ALA G 243 38.02 20.42 -18.04
CA ALA G 243 39.37 19.88 -18.03
C ALA G 243 39.79 19.61 -16.59
N PHE G 244 40.25 18.39 -16.33
CA PHE G 244 40.59 17.97 -14.98
C PHE G 244 42.11 17.98 -14.83
N SER G 245 42.62 19.02 -14.20
CA SER G 245 44.03 19.19 -13.90
C SER G 245 44.21 19.24 -12.37
N HIS G 246 45.43 19.55 -11.94
CA HIS G 246 45.77 19.49 -10.53
C HIS G 246 46.50 20.74 -10.05
N ALA G 247 46.58 21.78 -10.87
CA ALA G 247 47.29 22.99 -10.50
C ALA G 247 46.53 24.24 -10.92
N THR G 248 45.22 24.26 -10.66
CA THR G 248 44.35 25.28 -11.23
C THR G 248 43.83 26.27 -10.20
N ASN G 249 43.15 25.78 -9.15
CA ASN G 249 42.17 26.50 -8.33
C ASN G 249 41.09 27.14 -9.21
N GLU G 250 40.78 26.48 -10.32
CA GLU G 250 39.89 26.95 -11.37
C GLU G 250 39.33 25.72 -12.04
N ASN G 251 38.41 25.93 -12.98
CA ASN G 251 37.88 24.80 -13.75
C ASN G 251 37.59 25.32 -15.16
N TYR G 252 38.50 25.06 -16.08
CA TYR G 252 38.37 25.58 -17.42
C TYR G 252 37.82 24.52 -18.36
N ARG G 253 37.04 24.98 -19.34
CA ARG G 253 36.47 24.12 -20.35
C ARG G 253 37.52 23.78 -21.41
N LYS G 254 37.35 22.63 -22.05
CA LYS G 254 38.19 22.23 -23.17
C LYS G 254 37.73 22.95 -24.44
N GLN G 255 38.29 22.57 -25.59
CA GLN G 255 38.21 23.39 -26.79
C GLN G 255 37.19 22.89 -27.81
N ASP G 256 36.19 22.11 -27.37
CA ASP G 256 35.03 21.68 -28.16
C ASP G 256 35.47 20.90 -29.40
N LEU G 257 36.07 19.73 -29.15
CA LEU G 257 36.50 18.88 -30.24
C LEU G 257 35.30 18.11 -30.77
N TYR G 258 34.99 18.29 -32.05
CA TYR G 258 33.90 17.56 -32.69
C TYR G 258 34.48 16.31 -33.33
N LYS G 259 34.26 15.16 -32.70
CA LYS G 259 34.82 13.91 -33.16
C LYS G 259 33.97 13.31 -34.28
N PHE G 260 34.38 12.16 -34.77
CA PHE G 260 33.62 11.36 -35.72
C PHE G 260 33.25 10.09 -34.94
N ALA G 261 32.03 10.06 -34.39
CA ALA G 261 31.66 9.09 -33.36
C ALA G 261 31.67 7.66 -33.90
N SER G 262 31.75 6.71 -32.97
CA SER G 262 31.95 5.30 -33.32
C SER G 262 30.74 4.76 -34.08
N GLY G 263 31.02 3.92 -35.07
CA GLY G 263 30.07 3.59 -36.11
C GLY G 263 30.29 4.37 -37.38
N SER G 264 31.33 5.20 -37.43
CA SER G 264 31.64 6.04 -38.59
C SER G 264 32.12 5.16 -39.74
N THR G 265 31.26 4.92 -40.71
CA THR G 265 31.66 4.16 -41.89
C THR G 265 32.37 5.09 -42.87
N PHE G 266 33.27 4.49 -43.66
CA PHE G 266 34.09 5.28 -44.56
C PHE G 266 34.35 4.49 -45.84
N SER G 267 35.22 5.05 -46.68
CA SER G 267 35.86 4.37 -47.79
C SER G 267 37.13 5.18 -48.05
N LYS G 268 38.26 4.47 -48.25
CA LYS G 268 39.61 5.02 -48.13
C LYS G 268 39.79 5.60 -46.74
N THR G 269 39.92 4.72 -45.75
CA THR G 269 40.29 5.04 -44.37
C THR G 269 41.46 5.99 -44.20
N PHE G 270 41.51 6.66 -43.06
CA PHE G 270 42.48 7.74 -42.83
C PHE G 270 43.40 7.47 -41.67
N GLU G 271 44.16 8.49 -41.28
CA GLU G 271 45.08 8.47 -40.15
C GLU G 271 44.55 9.42 -39.07
N GLY G 272 44.16 8.87 -37.93
CA GLY G 272 43.70 9.68 -36.82
C GLY G 272 44.85 10.33 -36.07
N GLN G 273 44.51 11.07 -35.02
CA GLN G 273 45.49 11.89 -34.34
C GLN G 273 45.08 12.14 -32.90
N ILE G 274 46.02 12.68 -32.13
CA ILE G 274 45.77 13.02 -30.73
C ILE G 274 45.60 14.52 -30.67
N VAL G 275 44.37 15.01 -30.80
CA VAL G 275 44.14 16.41 -31.09
C VAL G 275 44.17 17.18 -29.77
N ASP G 276 45.16 18.05 -29.62
CA ASP G 276 45.31 18.83 -28.40
C ASP G 276 44.18 19.85 -28.30
N VAL G 277 43.40 19.76 -27.22
CA VAL G 277 42.35 20.71 -26.92
C VAL G 277 42.67 21.34 -25.58
N ARG G 278 43.97 21.54 -25.34
CA ARG G 278 44.45 22.25 -24.16
C ARG G 278 43.81 23.64 -24.09
N PRO G 279 43.36 24.07 -22.90
CA PRO G 279 42.80 25.42 -22.78
C PRO G 279 43.83 26.48 -23.07
N LEU G 280 43.34 27.64 -23.56
CA LEU G 280 44.21 28.73 -23.96
C LEU G 280 44.96 29.29 -22.76
N ASP G 281 46.29 29.23 -22.84
CA ASP G 281 47.23 29.59 -21.78
C ASP G 281 46.98 28.76 -20.52
N PHE G 282 47.10 27.44 -20.69
CA PHE G 282 47.05 26.46 -19.64
C PHE G 282 48.37 25.68 -19.63
N PRO G 283 48.85 25.23 -18.44
CA PRO G 283 50.18 24.62 -18.35
C PRO G 283 50.45 23.38 -19.19
N HIS G 284 49.70 22.31 -18.99
CA HIS G 284 49.95 21.09 -19.72
C HIS G 284 48.88 20.86 -20.79
N ALA G 285 49.21 20.00 -21.74
CA ALA G 285 48.33 19.71 -22.86
C ALA G 285 47.18 18.82 -22.43
N VAL G 286 46.18 18.74 -23.30
CA VAL G 286 44.98 17.93 -23.08
C VAL G 286 44.81 17.04 -24.30
N LEU G 287 45.02 15.73 -24.13
CA LEU G 287 45.34 14.83 -25.23
C LEU G 287 44.16 14.56 -26.15
N ASN G 288 43.05 14.01 -25.59
CA ASN G 288 41.78 13.79 -26.28
C ASN G 288 41.95 12.89 -27.50
N TYR G 289 42.25 11.63 -27.20
CA TYR G 289 42.54 10.61 -28.20
C TYR G 289 41.43 10.48 -29.23
N ALA G 290 41.81 10.51 -30.51
CA ALA G 290 40.92 10.02 -31.56
C ALA G 290 41.78 9.50 -32.73
N LYS G 291 42.16 8.23 -32.66
CA LYS G 291 42.68 7.58 -33.87
C LYS G 291 41.98 6.24 -33.99
N PRO G 292 41.50 5.90 -35.17
CA PRO G 292 40.51 4.83 -35.29
C PRO G 292 41.05 3.45 -35.60
N LEU G 293 40.67 2.47 -34.79
CA LEU G 293 40.80 1.06 -35.17
C LEU G 293 39.50 0.65 -35.83
N PHE G 294 39.59 -0.06 -36.96
CA PHE G 294 38.46 -0.18 -37.86
C PHE G 294 37.85 -1.58 -37.87
N PHE G 295 36.88 -1.76 -38.76
CA PHE G 295 36.28 -3.05 -39.06
C PHE G 295 35.87 -3.04 -40.52
N LYS G 296 36.39 -3.97 -41.29
CA LYS G 296 35.98 -4.10 -42.68
C LYS G 296 34.53 -4.56 -42.74
N LEU G 297 33.70 -3.83 -43.49
CA LEU G 297 32.28 -4.09 -43.60
C LEU G 297 31.98 -5.46 -44.19
N GLU G 298 32.41 -5.67 -45.44
CA GLU G 298 32.22 -6.93 -46.12
C GLU G 298 33.51 -7.70 -46.31
N VAL G 299 34.65 -7.03 -46.29
CA VAL G 299 35.95 -7.67 -46.49
C VAL G 299 36.48 -8.23 -45.18
N ASN H 3 -32.66 8.37 41.01
CA ASN H 3 -32.01 7.11 40.68
C ASN H 3 -33.05 6.04 40.39
N ASP H 4 -33.01 5.49 39.18
CA ASP H 4 -34.01 4.54 38.72
C ASP H 4 -33.66 3.09 39.06
N TYR H 5 -32.67 2.87 39.91
CA TYR H 5 -32.28 1.52 40.29
C TYR H 5 -33.00 1.16 41.58
N ARG H 6 -34.07 0.39 41.46
CA ARG H 6 -34.98 0.09 42.56
C ARG H 6 -34.59 -1.24 43.18
N THR H 7 -33.78 -1.17 44.24
CA THR H 7 -33.29 -2.37 44.89
C THR H 7 -34.37 -3.05 45.72
N PHE H 8 -34.13 -4.31 46.02
CA PHE H 8 -34.92 -5.08 46.97
C PHE H 8 -33.98 -5.80 47.90
N LYS H 9 -34.54 -6.70 48.70
CA LYS H 9 -33.76 -7.63 49.52
C LYS H 9 -34.61 -8.85 49.80
N LEU H 10 -34.15 -10.00 49.34
CA LEU H 10 -34.84 -11.27 49.53
C LEU H 10 -34.11 -12.06 50.60
N SER H 11 -34.81 -12.45 51.65
CA SER H 11 -34.23 -13.29 52.68
C SER H 11 -34.93 -14.64 52.67
N LEU H 12 -34.12 -15.71 52.77
CA LEU H 12 -34.53 -17.07 52.48
C LEU H 12 -34.26 -17.95 53.69
N LEU H 13 -35.32 -18.29 54.41
CA LEU H 13 -35.27 -19.32 55.44
C LEU H 13 -35.27 -20.70 54.77
N THR H 14 -34.63 -21.66 55.42
CA THR H 14 -34.49 -23.01 54.88
C THR H 14 -35.41 -23.96 55.66
N LEU H 15 -36.64 -24.12 55.16
CA LEU H 15 -37.52 -25.11 55.75
C LEU H 15 -37.07 -26.53 55.44
N ALA H 16 -36.43 -26.72 54.31
CA ALA H 16 -36.14 -28.01 53.73
C ALA H 16 -34.63 -28.22 53.60
N PRO H 17 -34.19 -29.44 53.33
CA PRO H 17 -32.83 -29.63 52.84
C PRO H 17 -32.66 -29.00 51.47
N ILE H 18 -31.62 -28.19 51.32
CA ILE H 18 -31.39 -27.45 50.09
C ILE H 18 -29.96 -27.72 49.63
N HIS H 19 -29.83 -28.47 48.54
CA HIS H 19 -28.55 -28.73 47.90
C HIS H 19 -28.53 -27.96 46.58
N ILE H 20 -27.35 -27.43 46.22
CA ILE H 20 -27.14 -26.77 44.94
C ILE H 20 -25.74 -27.11 44.47
N GLY H 21 -25.65 -27.70 43.29
CA GLY H 21 -24.53 -27.37 42.43
C GLY H 21 -23.24 -28.15 42.61
N ASN H 22 -22.21 -27.59 41.97
CA ASN H 22 -20.79 -27.91 42.05
C ASN H 22 -20.41 -29.25 41.42
N GLY H 23 -21.38 -30.07 41.03
CA GLY H 23 -21.11 -31.21 40.16
C GLY H 23 -20.30 -32.35 40.76
N GLU H 24 -19.08 -32.02 41.19
CA GLU H 24 -18.13 -32.97 41.73
C GLU H 24 -18.63 -33.56 43.04
N LYS H 25 -18.04 -34.69 43.43
CA LYS H 25 -18.54 -35.43 44.57
C LYS H 25 -17.39 -36.16 45.25
N TYR H 26 -17.70 -36.71 46.42
CA TYR H 26 -16.84 -37.68 47.07
C TYR H 26 -17.46 -39.05 46.91
N THR H 27 -16.72 -39.98 46.31
CA THR H 27 -17.28 -41.27 45.92
C THR H 27 -17.38 -42.21 47.13
N SER H 28 -17.57 -43.51 46.86
CA SER H 28 -17.87 -44.48 47.90
C SER H 28 -16.70 -44.65 48.86
N ARG H 29 -15.51 -44.96 48.34
CA ARG H 29 -14.32 -45.12 49.16
C ARG H 29 -13.56 -43.80 49.29
N GLU H 30 -14.27 -42.76 49.74
CA GLU H 30 -13.62 -41.45 49.81
C GLU H 30 -14.01 -40.61 51.03
N PHE H 31 -14.35 -41.22 52.15
CA PHE H 31 -14.63 -40.43 53.35
C PHE H 31 -14.31 -41.25 54.60
N ILE H 32 -14.49 -40.61 55.75
CA ILE H 32 -14.13 -41.15 57.06
C ILE H 32 -15.29 -40.92 58.00
N TYR H 33 -15.74 -41.99 58.66
CA TYR H 33 -16.78 -41.89 59.69
C TYR H 33 -16.33 -42.72 60.90
N GLU H 34 -15.60 -42.08 61.80
CA GLU H 34 -15.16 -42.73 63.02
C GLU H 34 -15.72 -42.11 64.28
N ASN H 35 -15.89 -40.79 64.31
CA ASN H 35 -16.74 -40.14 65.29
C ASN H 35 -18.17 -40.13 64.74
N LYS H 36 -19.04 -39.32 65.34
CA LYS H 36 -20.34 -39.07 64.75
C LYS H 36 -20.31 -38.00 63.66
N LYS H 37 -19.12 -37.62 63.19
CA LYS H 37 -18.96 -36.61 62.17
C LYS H 37 -18.37 -37.25 60.92
N PHE H 38 -18.97 -36.95 59.76
CA PHE H 38 -18.36 -37.32 58.50
C PHE H 38 -17.17 -36.42 58.22
N TYR H 39 -16.15 -36.99 57.59
CA TYR H 39 -14.95 -36.25 57.24
C TYR H 39 -14.64 -36.43 55.77
N PHE H 40 -14.30 -35.32 55.12
CA PHE H 40 -13.83 -35.32 53.74
C PHE H 40 -12.49 -34.61 53.70
N PRO H 41 -11.38 -35.34 53.75
CA PRO H 41 -10.07 -34.70 53.55
C PRO H 41 -9.79 -34.52 52.07
N ASP H 42 -8.62 -33.99 51.72
CA ASP H 42 -8.16 -33.98 50.34
C ASP H 42 -7.56 -35.34 50.05
N MET H 43 -8.21 -36.10 49.17
CA MET H 43 -7.81 -37.46 48.87
C MET H 43 -6.43 -37.54 48.22
N GLY H 44 -6.02 -36.50 47.50
CA GLY H 44 -4.65 -36.45 47.02
C GLY H 44 -3.66 -36.22 48.16
N LYS H 45 -4.01 -35.31 49.08
CA LYS H 45 -3.20 -35.09 50.27
C LYS H 45 -3.18 -36.34 51.16
N PHE H 46 -4.34 -36.99 51.26
CA PHE H 46 -4.44 -38.22 52.05
C PHE H 46 -3.58 -39.33 51.45
N TYR H 47 -3.62 -39.49 50.13
CA TYR H 47 -2.81 -40.53 49.48
C TYR H 47 -1.32 -40.21 49.55
N ASN H 48 -0.96 -38.94 49.41
CA ASN H 48 0.45 -38.57 49.47
C ASN H 48 1.01 -38.59 50.88
N LYS H 49 0.17 -38.47 51.91
CA LYS H 49 0.65 -38.70 53.26
C LYS H 49 0.65 -40.19 53.60
N MET H 50 -0.28 -40.93 52.99
CA MET H 50 -0.39 -42.36 53.25
C MET H 50 0.71 -43.16 52.56
N VAL H 51 1.31 -42.60 51.50
CA VAL H 51 2.42 -43.30 50.86
C VAL H 51 3.67 -43.25 51.74
N GLU H 52 3.74 -42.33 52.71
CA GLU H 52 4.78 -42.41 53.73
C GLU H 52 4.56 -43.59 54.66
N LYS H 53 3.30 -43.99 54.87
CA LYS H 53 3.01 -45.23 55.58
C LYS H 53 3.25 -46.46 54.72
N ARG H 54 3.49 -46.29 53.42
CA ARG H 54 4.00 -47.27 52.46
C ARG H 54 3.05 -48.44 52.20
N LEU H 55 1.84 -48.42 52.74
CA LEU H 55 0.87 -49.49 52.52
C LEU H 55 -0.03 -49.19 51.31
N ALA H 56 0.40 -48.23 50.47
CA ALA H 56 -0.44 -47.71 49.40
C ALA H 56 -0.76 -48.75 48.34
N GLU H 57 0.08 -49.78 48.20
CA GLU H 57 -0.21 -50.87 47.29
C GLU H 57 -1.45 -51.63 47.70
N LYS H 58 -1.63 -51.84 49.01
CA LYS H 58 -2.89 -52.39 49.51
C LYS H 58 -4.04 -51.43 49.26
N PHE H 59 -3.74 -50.12 49.26
CA PHE H 59 -4.71 -49.11 48.87
C PHE H 59 -5.15 -49.27 47.42
N GLU H 60 -4.29 -49.85 46.57
CA GLU H 60 -4.72 -50.17 45.23
C GLU H 60 -5.73 -51.31 45.25
N ALA H 61 -5.51 -52.30 46.12
CA ALA H 61 -6.44 -53.42 46.20
C ALA H 61 -7.65 -53.11 47.06
N PHE H 62 -7.56 -52.10 47.93
CA PHE H 62 -8.71 -51.74 48.77
C PHE H 62 -9.79 -51.06 47.94
N LEU H 63 -9.40 -50.34 46.90
CA LEU H 63 -10.35 -49.52 46.17
C LEU H 63 -11.17 -50.34 45.19
N ILE H 64 -10.60 -51.43 44.65
CA ILE H 64 -11.31 -52.33 43.76
C ILE H 64 -11.96 -53.49 44.50
N GLN H 65 -11.86 -53.50 45.84
CA GLN H 65 -12.29 -54.62 46.67
C GLN H 65 -13.82 -54.70 46.71
N THR H 66 -14.38 -55.63 45.95
CA THR H 66 -15.80 -55.93 46.07
C THR H 66 -16.04 -56.73 47.34
N ARG H 67 -16.43 -56.04 48.41
CA ARG H 67 -16.56 -56.64 49.72
C ARG H 67 -17.97 -56.47 50.25
N PRO H 68 -18.69 -57.55 50.55
CA PRO H 68 -19.98 -57.42 51.23
C PRO H 68 -19.79 -57.01 52.68
N ASN H 69 -20.93 -56.74 53.33
CA ASN H 69 -20.98 -56.10 54.66
C ASN H 69 -20.20 -54.79 54.64
N ALA H 70 -20.79 -53.82 53.94
CA ALA H 70 -20.15 -52.57 53.50
C ALA H 70 -19.67 -51.65 54.63
N ARG H 71 -19.85 -52.04 55.89
CA ARG H 71 -19.19 -51.36 57.01
C ARG H 71 -17.68 -51.42 56.91
N ASN H 72 -17.12 -52.42 56.20
CA ASN H 72 -15.71 -52.49 55.90
C ASN H 72 -15.36 -51.95 54.52
N ASN H 73 -16.33 -51.40 53.78
CA ASN H 73 -16.05 -50.91 52.44
C ASN H 73 -15.61 -49.46 52.39
N ARG H 74 -16.08 -48.62 53.32
CA ARG H 74 -16.05 -47.17 53.13
C ARG H 74 -14.88 -46.51 53.84
N LEU H 75 -13.71 -47.16 53.83
CA LEU H 75 -12.40 -46.61 54.14
C LEU H 75 -12.18 -46.38 55.64
N ILE H 76 -13.22 -46.59 56.46
CA ILE H 76 -12.99 -46.70 57.89
C ILE H 76 -12.18 -47.95 58.19
N SER H 77 -12.46 -49.03 57.45
CA SER H 77 -11.68 -50.26 57.58
C SER H 77 -10.24 -50.07 57.14
N PHE H 78 -10.00 -49.23 56.13
CA PHE H 78 -8.63 -48.93 55.76
C PHE H 78 -7.95 -48.07 56.82
N LEU H 79 -8.73 -47.28 57.54
CA LEU H 79 -8.18 -46.35 58.50
C LEU H 79 -8.36 -46.80 59.95
N ASN H 80 -8.80 -48.03 60.17
CA ASN H 80 -8.80 -48.61 61.51
C ASN H 80 -8.18 -50.00 61.50
N ASP H 81 -8.29 -50.68 60.36
CA ASP H 81 -7.64 -51.98 60.20
C ASP H 81 -6.13 -51.86 60.12
N ASN H 82 -5.61 -50.73 59.63
CA ASN H 82 -4.18 -50.52 59.54
C ASN H 82 -3.76 -49.27 60.32
N ARG H 83 -4.62 -48.83 61.25
CA ARG H 83 -4.39 -47.87 62.32
C ARG H 83 -3.95 -46.47 61.86
N ILE H 84 -4.10 -46.14 60.58
CA ILE H 84 -3.88 -44.77 60.12
C ILE H 84 -5.13 -43.97 60.52
N ALA H 85 -5.06 -43.25 61.62
CA ALA H 85 -6.22 -42.52 62.14
C ALA H 85 -5.83 -41.13 62.60
N GLU H 86 -4.92 -40.52 61.86
CA GLU H 86 -4.42 -39.20 62.18
C GLU H 86 -5.44 -38.08 62.07
N ARG H 87 -6.24 -38.14 61.01
CA ARG H 87 -7.28 -37.14 60.68
C ARG H 87 -6.71 -35.71 60.49
N SER H 88 -5.49 -35.62 59.97
CA SER H 88 -4.84 -34.34 59.74
C SER H 88 -4.96 -33.92 58.28
N PHE H 89 -5.62 -34.76 57.48
CA PHE H 89 -5.77 -34.48 56.07
C PHE H 89 -6.51 -33.18 55.90
N GLY H 90 -6.06 -32.35 54.96
CA GLY H 90 -6.73 -31.08 54.74
C GLY H 90 -8.13 -31.43 54.26
N GLY H 91 -9.12 -30.76 54.82
CA GLY H 91 -10.49 -31.02 54.45
C GLY H 91 -11.45 -30.34 55.41
N TYR H 92 -12.72 -30.64 55.26
CA TYR H 92 -13.73 -30.06 56.12
C TYR H 92 -14.61 -31.14 56.73
N SER H 93 -14.81 -31.08 58.05
CA SER H 93 -15.68 -32.03 58.71
C SER H 93 -17.12 -31.52 58.71
N ILE H 94 -18.08 -32.45 58.67
CA ILE H 94 -19.48 -32.10 58.84
C ILE H 94 -20.11 -33.10 59.80
N SER H 95 -21.26 -32.72 60.36
CA SER H 95 -21.98 -33.59 61.27
C SER H 95 -22.77 -34.64 60.49
N GLU H 96 -23.32 -35.59 61.23
CA GLU H 96 -24.16 -36.60 60.61
C GLU H 96 -25.64 -36.18 60.66
N THR H 97 -26.44 -36.84 59.83
CA THR H 97 -27.89 -36.66 59.91
C THR H 97 -28.45 -37.37 61.12
N GLY H 98 -28.23 -38.68 61.20
CA GLY H 98 -28.82 -39.50 62.24
C GLY H 98 -29.92 -40.36 61.65
N LEU H 99 -30.71 -39.76 60.76
CA LEU H 99 -31.72 -40.53 60.03
C LEU H 99 -31.24 -40.83 58.61
N GLU H 100 -29.93 -40.95 58.44
CA GLU H 100 -29.28 -41.05 57.13
C GLU H 100 -29.58 -42.36 56.41
N SER H 101 -29.65 -43.46 57.16
CA SER H 101 -29.92 -44.77 56.58
C SER H 101 -31.10 -45.43 57.30
N ASP H 102 -31.88 -46.21 56.57
CA ASP H 102 -33.05 -46.88 57.13
C ASP H 102 -32.82 -48.38 57.28
N LYS H 103 -33.07 -48.87 58.49
CA LYS H 103 -32.91 -50.29 58.86
C LYS H 103 -31.50 -50.83 58.63
N ASN H 104 -30.51 -50.00 58.93
CA ASN H 104 -29.12 -50.38 58.77
C ASN H 104 -28.35 -50.10 60.06
N PRO H 105 -28.45 -51.02 61.04
CA PRO H 105 -27.75 -50.84 62.31
C PRO H 105 -26.24 -50.86 62.10
N ASN H 106 -25.55 -49.95 62.78
CA ASN H 106 -24.10 -49.74 62.64
C ASN H 106 -23.66 -49.44 61.20
N SER H 107 -24.47 -48.67 60.48
CA SER H 107 -24.19 -48.30 59.11
C SER H 107 -24.05 -46.78 58.98
N ALA H 108 -23.73 -46.13 60.09
CA ALA H 108 -23.60 -44.68 60.07
C ALA H 108 -22.23 -44.41 59.50
N GLY H 109 -22.14 -44.65 58.20
CA GLY H 109 -20.91 -44.50 57.45
C GLY H 109 -20.81 -45.35 56.21
N ALA H 110 -21.80 -46.21 55.95
CA ALA H 110 -21.85 -47.05 54.77
C ALA H 110 -22.64 -46.42 53.65
N ILE H 111 -22.64 -45.09 53.57
CA ILE H 111 -23.29 -44.35 52.50
C ILE H 111 -22.33 -44.37 51.32
N ASN H 112 -22.78 -43.97 50.14
CA ASN H 112 -21.89 -44.09 48.98
C ASN H 112 -21.53 -42.75 48.34
N GLU H 113 -22.48 -41.96 47.86
CA GLU H 113 -22.14 -40.81 47.02
C GLU H 113 -22.71 -39.55 47.64
N VAL H 114 -21.84 -38.58 47.87
CA VAL H 114 -22.21 -37.28 48.42
C VAL H 114 -21.87 -36.21 47.39
N ASN H 115 -22.90 -35.74 46.68
CA ASN H 115 -22.72 -34.59 45.80
C ASN H 115 -22.38 -33.37 46.64
N LYS H 116 -21.36 -32.64 46.21
CA LYS H 116 -20.93 -31.48 46.97
C LYS H 116 -21.96 -30.36 46.87
N PHE H 117 -22.03 -29.58 47.94
CA PHE H 117 -22.66 -28.27 47.86
C PHE H 117 -21.68 -27.30 47.21
N ILE H 118 -22.20 -26.21 46.66
CA ILE H 118 -21.36 -25.24 46.00
C ILE H 118 -20.55 -24.47 47.03
N ARG H 119 -19.23 -24.44 46.84
CA ARG H 119 -18.32 -23.74 47.72
C ARG H 119 -17.41 -22.87 46.86
N ASP H 120 -17.03 -21.72 47.39
CA ASP H 120 -16.09 -20.86 46.68
C ASP H 120 -14.66 -21.33 46.98
N ALA H 121 -13.67 -20.52 46.60
CA ALA H 121 -12.29 -20.89 46.85
C ALA H 121 -11.90 -20.81 48.32
N PHE H 122 -12.69 -20.15 49.16
CA PHE H 122 -12.36 -20.03 50.57
C PHE H 122 -12.69 -21.31 51.33
N GLY H 123 -13.62 -22.11 50.83
CA GLY H 123 -14.11 -23.26 51.55
C GLY H 123 -15.38 -23.02 52.34
N ASN H 124 -15.99 -21.86 52.19
CA ASN H 124 -17.22 -21.51 52.91
C ASN H 124 -18.39 -21.53 51.96
N PRO H 125 -19.43 -22.34 52.21
CA PRO H 125 -20.50 -22.49 51.23
C PRO H 125 -21.46 -21.33 51.20
N TYR H 126 -21.94 -21.03 50.00
CA TYR H 126 -22.90 -19.97 49.75
C TYR H 126 -23.96 -20.50 48.79
N ILE H 127 -24.90 -19.64 48.43
CA ILE H 127 -25.88 -19.94 47.38
C ILE H 127 -25.73 -18.88 46.30
N PRO H 128 -25.47 -19.26 45.06
CA PRO H 128 -25.29 -18.26 44.01
C PRO H 128 -26.61 -17.70 43.52
N GLY H 129 -26.55 -16.49 42.97
CA GLY H 129 -27.74 -15.83 42.47
C GLY H 129 -28.30 -16.44 41.20
N SER H 130 -27.50 -17.22 40.48
CA SER H 130 -28.03 -17.97 39.34
C SER H 130 -29.03 -19.02 39.79
N SER H 131 -28.84 -19.57 41.01
CA SER H 131 -29.78 -20.53 41.57
C SER H 131 -31.14 -19.88 41.80
N LEU H 132 -31.14 -18.74 42.49
CA LEU H 132 -32.39 -18.04 42.77
C LEU H 132 -33.00 -17.48 41.51
N LYS H 133 -32.20 -17.11 40.51
CA LYS H 133 -32.79 -16.57 39.28
C LYS H 133 -33.42 -17.67 38.44
N GLY H 134 -32.80 -18.86 38.40
CA GLY H 134 -33.44 -20.00 37.75
C GLY H 134 -34.72 -20.43 38.46
N ALA H 135 -34.72 -20.35 39.79
CA ALA H 135 -35.95 -20.61 40.54
C ALA H 135 -37.02 -19.55 40.24
N ILE H 136 -36.61 -18.30 40.08
CA ILE H 136 -37.54 -17.21 39.86
C ILE H 136 -38.14 -17.27 38.46
N ARG H 137 -37.36 -17.73 37.47
CA ARG H 137 -37.84 -17.70 36.09
C ARG H 137 -38.99 -18.66 35.82
N THR H 138 -39.02 -19.82 36.51
CA THR H 138 -40.14 -20.73 36.34
C THR H 138 -41.42 -20.17 36.94
N ILE H 139 -41.31 -19.52 38.11
CA ILE H 139 -42.46 -18.89 38.75
C ILE H 139 -42.99 -17.77 37.87
N LEU H 140 -42.11 -16.88 37.42
CA LEU H 140 -42.52 -15.74 36.62
C LEU H 140 -42.84 -16.12 35.19
N MET H 141 -42.56 -17.34 34.77
CA MET H 141 -43.01 -17.86 33.49
C MET H 141 -44.40 -18.48 33.61
N ASN H 142 -44.63 -19.28 34.65
CA ASN H 142 -45.91 -19.95 34.80
C ASN H 142 -47.01 -19.00 35.26
N THR H 143 -46.65 -17.95 35.99
CA THR H 143 -47.63 -17.03 36.54
C THR H 143 -47.83 -15.80 35.66
N THR H 144 -47.62 -15.94 34.35
CA THR H 144 -47.99 -14.91 33.40
C THR H 144 -48.50 -15.59 32.15
N PRO H 145 -49.78 -15.39 31.79
CA PRO H 145 -50.42 -16.24 30.77
C PRO H 145 -49.95 -16.02 29.36
N LYS H 146 -49.29 -14.88 29.07
CA LYS H 146 -48.79 -14.67 27.72
C LYS H 146 -47.54 -15.48 27.43
N TRP H 147 -46.85 -15.95 28.46
CA TRP H 147 -45.61 -16.70 28.30
C TRP H 147 -45.82 -18.21 28.42
N ASN H 148 -47.06 -18.68 28.49
CA ASN H 148 -47.33 -20.09 28.75
C ASN H 148 -47.92 -20.83 27.55
N ASN H 149 -48.17 -20.14 26.44
CA ASN H 149 -48.86 -20.78 25.34
C ASN H 149 -47.93 -21.62 24.45
N GLU H 150 -46.89 -21.00 23.88
CA GLU H 150 -46.07 -21.65 22.87
C GLU H 150 -44.61 -21.81 23.29
N ASN H 151 -44.38 -22.25 24.52
CA ASN H 151 -43.05 -22.71 24.94
C ASN H 151 -42.91 -24.20 24.61
N ALA H 152 -42.85 -24.48 23.32
CA ALA H 152 -43.11 -25.82 22.82
C ALA H 152 -42.21 -26.07 21.61
N VAL H 153 -42.56 -27.10 20.83
CA VAL H 153 -41.76 -27.83 19.86
C VAL H 153 -40.96 -26.95 18.91
N ASN H 154 -41.60 -25.90 18.41
CA ASN H 154 -41.19 -25.04 17.29
C ASN H 154 -41.09 -25.80 15.96
N ASP H 155 -41.58 -27.04 15.92
CA ASP H 155 -41.43 -27.98 14.80
C ASP H 155 -39.97 -28.08 14.33
N PHE H 156 -39.07 -28.32 15.27
CA PHE H 156 -37.65 -28.42 14.95
C PHE H 156 -37.08 -29.81 15.14
N GLY H 157 -37.53 -30.55 16.15
CA GLY H 157 -37.02 -31.88 16.44
C GLY H 157 -38.07 -32.75 17.05
N ARG H 158 -37.70 -33.49 18.09
CA ARG H 158 -38.61 -34.42 18.77
C ARG H 158 -38.85 -33.92 20.19
N PHE H 159 -39.88 -33.07 20.33
CA PHE H 159 -40.27 -32.34 21.54
C PHE H 159 -39.07 -31.61 22.15
N PRO H 160 -38.35 -30.78 21.36
CA PRO H 160 -36.97 -30.42 21.72
C PRO H 160 -36.80 -29.55 22.97
N LYS H 161 -37.41 -28.38 22.98
CA LYS H 161 -36.96 -27.32 23.88
C LYS H 161 -38.01 -26.23 23.94
N GLU H 162 -37.69 -25.19 24.71
CA GLU H 162 -38.49 -23.98 24.75
C GLU H 162 -38.28 -23.18 23.46
N ASN H 163 -39.23 -22.29 23.18
CA ASN H 163 -39.02 -21.30 22.12
C ASN H 163 -37.86 -20.37 22.46
N LYS H 164 -37.70 -20.03 23.75
CA LYS H 164 -36.74 -19.07 24.31
C LYS H 164 -36.90 -17.67 23.73
N ASN H 165 -38.05 -17.38 23.14
CA ASN H 165 -38.30 -16.11 22.47
C ASN H 165 -39.54 -15.41 22.99
N LEU H 166 -40.26 -16.01 23.93
CA LEU H 166 -41.42 -15.36 24.54
C LEU H 166 -41.00 -14.20 25.42
N ILE H 167 -39.77 -14.24 25.92
CA ILE H 167 -39.20 -13.18 26.76
C ILE H 167 -38.21 -12.42 25.88
N PRO H 168 -38.16 -11.08 25.94
CA PRO H 168 -37.18 -10.33 25.14
C PRO H 168 -35.76 -10.65 25.55
N TRP H 169 -34.89 -10.77 24.55
CA TRP H 169 -33.60 -11.42 24.73
C TRP H 169 -32.64 -10.90 23.68
N GLY H 170 -31.56 -10.27 24.12
CA GLY H 170 -30.43 -10.00 23.27
C GLY H 170 -30.32 -8.57 22.82
N PRO H 171 -29.53 -8.34 21.78
CA PRO H 171 -29.44 -7.00 21.20
C PRO H 171 -30.73 -6.56 20.52
N LYS H 172 -31.28 -7.42 19.66
CA LYS H 172 -32.45 -7.14 18.82
C LYS H 172 -32.21 -5.88 17.99
N LYS H 173 -31.26 -6.01 17.07
CA LYS H 173 -30.71 -4.91 16.28
C LYS H 173 -31.77 -4.17 15.49
N GLY H 174 -32.03 -2.91 15.87
CA GLY H 174 -33.09 -2.12 15.30
C GLY H 174 -34.15 -1.68 16.30
N LYS H 175 -34.07 -2.11 17.56
CA LYS H 175 -35.05 -1.80 18.59
C LYS H 175 -34.40 -1.02 19.72
N GLU H 176 -35.14 -0.87 20.81
CA GLU H 176 -34.59 -0.33 22.04
C GLU H 176 -33.89 -1.44 22.83
N TYR H 177 -33.46 -1.12 24.05
CA TYR H 177 -32.85 -2.10 24.93
C TYR H 177 -33.96 -2.81 25.71
N ASP H 178 -34.29 -4.04 25.32
CA ASP H 178 -35.43 -4.68 25.95
C ASP H 178 -35.06 -5.59 27.11
N ASP H 179 -34.37 -6.73 26.84
CA ASP H 179 -33.64 -7.61 27.78
C ASP H 179 -34.19 -7.70 29.20
N LEU H 180 -35.43 -8.19 29.32
CA LEU H 180 -36.25 -7.99 30.51
C LEU H 180 -35.63 -8.58 31.77
N PHE H 181 -34.97 -9.73 31.65
CA PHE H 181 -34.43 -10.37 32.82
C PHE H 181 -33.09 -9.80 33.27
N ASN H 182 -32.51 -8.87 32.51
CA ASN H 182 -31.33 -8.18 32.99
C ASN H 182 -31.66 -7.20 34.11
N ALA H 183 -32.93 -6.80 34.22
CA ALA H 183 -33.37 -5.93 35.29
C ALA H 183 -33.72 -6.68 36.56
N ILE H 184 -33.34 -7.94 36.69
CA ILE H 184 -33.47 -8.69 37.94
C ILE H 184 -32.06 -9.18 38.26
N ARG H 185 -31.30 -8.40 39.02
CA ARG H 185 -29.89 -8.69 39.21
C ARG H 185 -29.72 -9.45 40.52
N VAL H 186 -29.97 -10.75 40.44
CA VAL H 186 -29.96 -11.63 41.60
C VAL H 186 -28.52 -11.86 42.03
N SER H 187 -28.10 -11.16 43.09
CA SER H 187 -26.73 -11.31 43.56
C SER H 187 -26.58 -12.61 44.34
N ASP H 188 -25.33 -12.99 44.58
CA ASP H 188 -25.00 -14.22 45.26
C ASP H 188 -25.00 -14.00 46.77
N SER H 189 -25.28 -15.06 47.52
CA SER H 189 -25.39 -14.96 48.96
C SER H 189 -24.03 -14.82 49.61
N LYS H 190 -24.04 -14.41 50.88
CA LYS H 190 -22.82 -14.33 51.65
C LYS H 190 -22.42 -15.72 52.15
N PRO H 191 -21.13 -16.04 52.16
CA PRO H 191 -20.69 -17.36 52.65
C PRO H 191 -20.95 -17.60 54.13
N PHE H 192 -21.82 -18.55 54.42
CA PHE H 192 -22.23 -18.83 55.79
C PHE H 192 -21.33 -19.89 56.41
N ASP H 193 -21.76 -20.44 57.54
CA ASP H 193 -20.98 -21.39 58.32
C ASP H 193 -20.87 -22.73 57.59
N ASN H 194 -19.72 -23.38 57.76
CA ASN H 194 -19.46 -24.66 57.11
C ASN H 194 -20.29 -25.80 57.68
N LYS H 195 -20.73 -25.69 58.93
CA LYS H 195 -21.34 -26.81 59.64
C LYS H 195 -22.86 -26.76 59.59
N SER H 196 -23.41 -26.32 58.46
CA SER H 196 -24.85 -26.31 58.23
C SER H 196 -25.21 -27.23 57.07
N LEU H 197 -24.57 -28.40 57.02
CA LEU H 197 -24.78 -29.38 55.97
C LEU H 197 -25.09 -30.73 56.59
N ILE H 198 -25.99 -31.49 55.95
CA ILE H 198 -26.56 -32.68 56.57
C ILE H 198 -26.49 -33.93 55.70
N LEU H 199 -26.23 -33.82 54.39
CA LEU H 199 -26.24 -34.93 53.42
C LEU H 199 -27.53 -35.76 53.46
N VAL H 200 -28.64 -35.13 53.09
CA VAL H 200 -29.93 -35.81 53.11
C VAL H 200 -30.02 -36.82 51.97
N GLN H 201 -30.65 -37.95 52.24
CA GLN H 201 -30.93 -38.98 51.25
C GLN H 201 -32.14 -38.61 50.42
N LYS H 202 -32.07 -38.89 49.12
CA LYS H 202 -33.28 -38.81 48.31
C LYS H 202 -34.22 -39.96 48.66
N TRP H 203 -35.48 -39.61 48.91
CA TRP H 203 -36.48 -40.59 49.34
C TRP H 203 -37.66 -40.49 48.38
N ASP H 204 -37.82 -41.52 47.55
CA ASP H 204 -38.97 -41.56 46.64
C ASP H 204 -40.21 -42.09 47.36
N TYR H 205 -41.32 -41.38 47.23
CA TYR H 205 -42.63 -41.82 47.72
C TYR H 205 -43.49 -42.06 46.50
N SER H 206 -43.75 -43.33 46.21
CA SER H 206 -44.33 -43.70 44.92
C SER H 206 -45.81 -43.36 44.84
N ALA H 207 -46.26 -43.06 43.61
CA ALA H 207 -47.67 -42.89 43.32
C ALA H 207 -48.27 -44.24 42.95
N LYS H 208 -49.50 -44.47 43.41
CA LYS H 208 -50.24 -45.74 43.34
C LYS H 208 -49.50 -46.88 44.04
N THR H 209 -48.60 -46.56 44.96
CA THR H 209 -47.90 -47.56 45.77
C THR H 209 -47.44 -46.85 47.03
N ASN H 210 -48.13 -47.09 48.13
CA ASN H 210 -47.86 -46.42 49.40
C ASN H 210 -46.56 -46.99 49.99
N LYS H 211 -45.44 -46.49 49.48
CA LYS H 211 -44.14 -46.99 49.85
C LYS H 211 -43.15 -45.84 49.77
N ALA H 212 -42.08 -45.94 50.55
CA ALA H 212 -41.09 -44.88 50.72
C ALA H 212 -39.70 -45.38 50.36
N LYS H 213 -39.60 -45.98 49.17
CA LYS H 213 -38.36 -46.56 48.67
C LYS H 213 -37.26 -45.50 48.53
N PRO H 214 -36.15 -45.63 49.23
CA PRO H 214 -35.09 -44.62 49.18
C PRO H 214 -34.09 -44.89 48.08
N LEU H 215 -33.19 -43.93 47.88
CA LEU H 215 -32.23 -43.90 46.79
C LEU H 215 -30.81 -43.77 47.34
N PRO H 216 -29.82 -44.38 46.68
CA PRO H 216 -28.44 -44.35 47.18
C PRO H 216 -27.64 -43.15 46.68
N LEU H 217 -28.16 -41.94 46.92
CA LEU H 217 -27.49 -40.71 46.49
C LEU H 217 -27.77 -39.66 47.55
N TYR H 218 -26.77 -39.35 48.37
CA TYR H 218 -27.01 -38.52 49.55
C TYR H 218 -26.35 -37.17 49.29
N ARG H 219 -27.09 -36.26 48.65
CA ARG H 219 -26.52 -34.96 48.29
C ARG H 219 -26.40 -34.06 49.52
N GLU H 220 -25.26 -33.39 49.64
CA GLU H 220 -25.04 -32.46 50.75
C GLU H 220 -25.95 -31.26 50.60
N SER H 221 -26.96 -31.19 51.43
CA SER H 221 -27.93 -30.11 51.42
C SER H 221 -27.64 -29.15 52.56
N ILE H 222 -28.55 -28.20 52.78
CA ILE H 222 -28.41 -27.18 53.82
C ILE H 222 -29.24 -27.59 55.04
N SER H 223 -28.65 -27.44 56.23
CA SER H 223 -29.33 -27.68 57.49
C SER H 223 -30.59 -26.81 57.60
N PRO H 224 -31.68 -27.33 58.16
CA PRO H 224 -32.94 -26.58 58.15
C PRO H 224 -32.91 -25.37 59.07
N LEU H 225 -33.83 -24.44 58.78
CA LEU H 225 -34.10 -23.23 59.58
C LEU H 225 -32.88 -22.32 59.67
N THR H 226 -32.28 -22.03 58.52
CA THR H 226 -31.18 -21.07 58.41
C THR H 226 -31.58 -19.96 57.45
N LYS H 227 -31.22 -18.73 57.79
CA LYS H 227 -31.58 -17.57 56.98
C LYS H 227 -30.46 -17.23 56.01
N ILE H 228 -30.87 -16.75 54.83
CA ILE H 228 -29.95 -16.44 53.73
C ILE H 228 -30.29 -15.05 53.22
N GLU H 229 -29.26 -14.25 52.92
CA GLU H 229 -29.43 -12.91 52.37
C GLU H 229 -29.36 -12.95 50.85
N PHE H 230 -30.07 -12.04 50.19
CA PHE H 230 -30.02 -11.89 48.73
C PHE H 230 -30.26 -10.43 48.37
N GLU H 231 -29.29 -9.83 47.67
CA GLU H 231 -29.51 -8.52 47.07
C GLU H 231 -30.12 -8.70 45.68
N ILE H 232 -31.23 -8.00 45.44
CA ILE H 232 -31.90 -8.05 44.14
C ILE H 232 -32.25 -6.62 43.75
N THR H 233 -31.69 -6.16 42.63
CA THR H 233 -31.93 -4.80 42.15
C THR H 233 -32.78 -4.84 40.89
N THR H 234 -33.52 -3.76 40.66
CA THR H 234 -34.36 -3.62 39.48
C THR H 234 -34.14 -2.25 38.85
N THR H 235 -34.12 -2.21 37.52
CA THR H 235 -33.94 -0.97 36.79
C THR H 235 -34.96 -0.72 35.70
N THR H 236 -35.62 -1.75 35.18
CA THR H 236 -36.72 -1.59 34.23
C THR H 236 -38.04 -1.81 34.96
N ASP H 237 -39.07 -1.09 34.53
CA ASP H 237 -40.32 -1.06 35.27
C ASP H 237 -41.08 -2.38 35.17
N GLU H 238 -40.91 -3.13 34.09
CA GLU H 238 -41.69 -4.36 33.96
C GLU H 238 -41.13 -5.48 34.83
N ALA H 239 -39.81 -5.67 34.80
CA ALA H 239 -39.21 -6.64 35.71
C ALA H 239 -39.28 -6.15 37.16
N GLY H 240 -39.24 -4.84 37.36
CA GLY H 240 -39.50 -4.30 38.69
C GLY H 240 -40.89 -4.65 39.20
N ARG H 241 -41.90 -4.54 38.35
CA ARG H 241 -43.25 -4.95 38.73
C ARG H 241 -43.35 -6.46 38.91
N LEU H 242 -42.54 -7.24 38.18
CA LEU H 242 -42.54 -8.68 38.41
C LEU H 242 -41.96 -9.03 39.78
N ILE H 243 -40.88 -8.38 40.19
CA ILE H 243 -40.35 -8.61 41.54
C ILE H 243 -41.26 -8.01 42.62
N GLU H 244 -42.05 -6.99 42.29
CA GLU H 244 -43.09 -6.53 43.19
C GLU H 244 -44.22 -7.54 43.33
N GLU H 245 -44.60 -8.19 42.23
CA GLU H 245 -45.70 -9.14 42.21
C GLU H 245 -45.28 -10.55 42.56
N LEU H 246 -44.00 -10.77 42.88
CA LEU H 246 -43.53 -12.06 43.42
C LEU H 246 -44.34 -12.53 44.62
N GLY H 247 -44.75 -11.59 45.49
CA GLY H 247 -45.54 -11.91 46.67
C GLY H 247 -46.93 -12.47 46.38
N LYS H 248 -47.44 -12.28 45.18
CA LYS H 248 -48.63 -12.99 44.71
C LYS H 248 -48.28 -14.20 43.86
N ARG H 249 -47.24 -14.08 43.02
CA ARG H 249 -46.96 -15.11 42.03
C ARG H 249 -46.39 -16.37 42.66
N ALA H 250 -45.68 -16.24 43.78
CA ALA H 250 -45.13 -17.42 44.46
C ALA H 250 -46.25 -18.30 45.01
N GLN H 251 -47.18 -17.69 45.76
CA GLN H 251 -48.31 -18.43 46.29
C GLN H 251 -49.25 -18.88 45.18
N ALA H 252 -49.34 -18.14 44.08
CA ALA H 252 -50.19 -18.56 42.97
C ALA H 252 -49.63 -19.78 42.26
N PHE H 253 -48.32 -19.79 42.02
CA PHE H 253 -47.67 -20.94 41.41
C PHE H 253 -47.73 -22.15 42.33
N TYR H 254 -47.53 -21.95 43.64
CA TYR H 254 -47.60 -23.07 44.57
C TYR H 254 -49.03 -23.60 44.71
N LYS H 255 -50.02 -22.72 44.60
CA LYS H 255 -51.41 -23.14 44.68
C LYS H 255 -51.82 -23.94 43.44
N ASP H 256 -51.50 -23.43 42.25
CA ASP H 256 -51.84 -24.15 41.03
C ASP H 256 -50.95 -25.36 40.81
N TYR H 257 -49.80 -25.42 41.47
CA TYR H 257 -48.94 -26.60 41.40
C TYR H 257 -49.39 -27.65 42.40
N LYS H 258 -50.02 -27.23 43.50
CA LYS H 258 -50.57 -28.19 44.46
C LYS H 258 -51.75 -28.95 43.86
N ALA H 259 -52.65 -28.23 43.18
CA ALA H 259 -53.80 -28.88 42.58
C ALA H 259 -53.42 -29.69 41.35
N PHE H 260 -52.33 -29.31 40.68
CA PHE H 260 -51.85 -30.09 39.54
C PHE H 260 -51.07 -31.32 39.98
N PHE H 261 -50.21 -31.17 40.99
CA PHE H 261 -49.34 -32.27 41.40
C PHE H 261 -49.56 -32.75 42.82
N LEU H 262 -49.58 -31.84 43.81
CA LEU H 262 -49.43 -32.27 45.19
C LEU H 262 -50.70 -32.88 45.75
N SER H 263 -51.85 -32.65 45.12
CA SER H 263 -53.04 -33.39 45.49
C SER H 263 -52.89 -34.86 45.11
N GLU H 264 -53.70 -35.71 45.75
CA GLU H 264 -53.79 -37.19 45.84
C GLU H 264 -52.68 -37.75 46.73
N PHE H 265 -51.74 -36.92 47.19
CA PHE H 265 -50.65 -37.34 48.03
C PHE H 265 -50.86 -36.84 49.45
N PRO H 266 -50.50 -37.63 50.47
CA PRO H 266 -50.91 -37.29 51.84
C PRO H 266 -50.10 -36.13 52.41
N ASP H 267 -50.81 -35.22 53.07
CA ASP H 267 -50.27 -33.94 53.51
C ASP H 267 -49.52 -34.04 54.84
N ASP H 268 -49.35 -35.25 55.38
CA ASP H 268 -48.57 -35.41 56.60
C ASP H 268 -47.09 -35.13 56.33
N LYS H 269 -46.56 -35.67 55.24
CA LYS H 269 -45.16 -35.47 54.91
C LYS H 269 -44.92 -34.13 54.23
N ILE H 270 -45.96 -33.55 53.64
CA ILE H 270 -45.83 -32.27 52.94
C ILE H 270 -45.73 -31.15 53.96
N GLN H 271 -44.81 -30.22 53.72
CA GLN H 271 -44.50 -29.18 54.69
C GLN H 271 -45.56 -28.10 54.71
N ALA H 272 -45.40 -27.15 55.63
CA ALA H 272 -46.19 -25.93 55.71
C ALA H 272 -45.37 -24.76 55.22
N ASN H 273 -46.05 -23.70 54.82
CA ASN H 273 -45.36 -22.59 54.18
C ASN H 273 -44.72 -21.65 55.18
N LEU H 274 -45.54 -21.00 56.02
CA LEU H 274 -45.22 -20.11 57.15
C LEU H 274 -44.58 -18.78 56.73
N GLN H 275 -44.34 -18.58 55.44
CA GLN H 275 -43.72 -17.39 54.84
C GLN H 275 -43.96 -17.51 53.34
N TYR H 276 -43.27 -16.71 52.54
CA TYR H 276 -43.43 -16.81 51.10
C TYR H 276 -42.74 -18.08 50.59
N PRO H 277 -43.45 -19.02 49.99
CA PRO H 277 -42.79 -20.28 49.61
C PRO H 277 -42.12 -20.20 48.24
N ILE H 278 -41.07 -21.00 48.09
CA ILE H 278 -40.34 -21.08 46.82
C ILE H 278 -39.66 -22.44 46.76
N TYR H 279 -39.28 -22.85 45.55
CA TYR H 279 -38.54 -24.08 45.34
C TYR H 279 -37.17 -23.78 44.78
N LEU H 280 -36.13 -24.20 45.50
CA LEU H 280 -34.77 -24.03 45.05
C LEU H 280 -34.31 -25.38 44.44
N GLY H 281 -33.02 -25.52 44.14
CA GLY H 281 -32.56 -26.50 43.18
C GLY H 281 -32.23 -27.89 43.73
N ALA H 282 -31.88 -28.77 42.78
CA ALA H 282 -31.28 -30.10 42.98
C ALA H 282 -32.18 -31.04 43.77
N GLY H 283 -33.28 -31.43 43.12
CA GLY H 283 -34.00 -32.60 43.58
C GLY H 283 -35.46 -32.37 43.90
N SER H 284 -35.95 -31.16 43.65
CA SER H 284 -37.32 -30.81 43.99
C SER H 284 -38.33 -31.26 42.94
N GLY H 285 -37.93 -32.10 42.00
CA GLY H 285 -38.84 -32.50 40.95
C GLY H 285 -38.75 -31.56 39.77
N ALA H 286 -38.92 -32.09 38.56
CA ALA H 286 -38.82 -31.29 37.36
C ALA H 286 -39.94 -30.27 37.21
N TRP H 287 -41.07 -30.49 37.89
CA TRP H 287 -42.19 -29.55 37.80
C TRP H 287 -41.88 -28.23 38.49
N THR H 288 -40.98 -28.24 39.47
CA THR H 288 -40.50 -27.01 40.06
C THR H 288 -39.41 -26.34 39.22
N LYS H 289 -38.96 -26.99 38.14
CA LYS H 289 -37.93 -26.44 37.27
C LYS H 289 -38.44 -26.24 35.85
N THR H 290 -39.73 -26.37 35.61
CA THR H 290 -40.29 -26.34 34.26
C THR H 290 -41.65 -25.66 34.30
N LEU H 291 -42.42 -25.84 33.24
CA LEU H 291 -43.77 -25.30 33.09
C LEU H 291 -44.74 -26.45 33.32
N PHE H 292 -45.48 -26.40 34.43
CA PHE H 292 -46.18 -27.58 34.90
C PHE H 292 -47.41 -27.89 34.05
N LYS H 293 -48.13 -26.89 33.56
CA LYS H 293 -49.27 -27.15 32.69
C LYS H 293 -48.89 -27.13 31.21
N GLN H 294 -47.60 -27.28 30.90
CA GLN H 294 -47.13 -27.36 29.53
C GLN H 294 -46.38 -28.63 29.22
N ALA H 295 -45.90 -29.36 30.23
CA ALA H 295 -45.06 -30.52 30.00
C ALA H 295 -45.74 -31.80 30.48
N ASP H 296 -47.02 -31.96 30.14
CA ASP H 296 -47.81 -33.11 30.54
C ASP H 296 -47.24 -34.41 29.97
N GLY H 297 -47.21 -34.52 28.64
CA GLY H 297 -46.58 -35.64 27.97
C GLY H 297 -45.27 -35.31 27.31
N ILE H 298 -44.77 -34.08 27.45
CA ILE H 298 -43.58 -33.65 26.72
C ILE H 298 -42.32 -33.93 27.52
N LEU H 299 -42.34 -33.68 28.84
CA LEU H 299 -41.18 -33.96 29.67
C LEU H 299 -40.94 -35.46 29.82
N GLN H 300 -41.99 -36.23 30.11
CA GLN H 300 -41.83 -37.64 30.38
C GLN H 300 -41.62 -38.48 29.13
N ARG H 301 -41.66 -37.87 27.94
CA ARG H 301 -41.49 -38.62 26.70
C ARG H 301 -40.05 -39.11 26.52
N ARG H 302 -39.08 -38.40 27.10
CA ARG H 302 -37.68 -38.78 26.95
C ARG H 302 -37.35 -40.06 27.67
N TYR H 303 -37.98 -40.30 28.83
CA TYR H 303 -37.65 -41.45 29.68
C TYR H 303 -38.35 -42.69 29.13
N SER H 304 -37.65 -43.36 28.22
CA SER H 304 -38.06 -44.65 27.69
C SER H 304 -36.97 -45.67 27.98
N ARG H 305 -36.49 -45.68 29.21
CA ARG H 305 -35.25 -46.33 29.59
C ARG H 305 -35.53 -47.28 30.75
N MET H 306 -34.47 -47.70 31.45
CA MET H 306 -34.60 -48.53 32.65
C MET H 306 -35.13 -47.77 33.86
N LYS H 307 -35.41 -46.47 33.74
CA LYS H 307 -35.70 -45.61 34.88
C LYS H 307 -36.86 -44.66 34.56
N THR H 308 -37.92 -45.19 33.98
CA THR H 308 -39.03 -44.37 33.49
C THR H 308 -39.86 -43.81 34.63
N LYS H 309 -40.35 -42.58 34.45
CA LYS H 309 -41.24 -41.96 35.47
C LYS H 309 -42.50 -42.82 35.52
N MET H 310 -43.02 -43.12 36.70
CA MET H 310 -44.21 -44.00 36.75
C MET H 310 -45.37 -43.29 36.01
N VAL H 311 -45.93 -43.97 35.00
CA VAL H 311 -47.09 -43.44 34.23
C VAL H 311 -46.73 -42.03 33.77
N LYS H 312 -47.61 -41.07 34.10
CA LYS H 312 -47.47 -39.62 33.80
C LYS H 312 -47.32 -38.90 35.13
N LYS H 313 -46.37 -37.94 35.19
CA LYS H 313 -45.95 -37.07 36.32
C LYS H 313 -44.85 -37.76 37.14
N GLY H 314 -44.00 -36.98 37.79
CA GLY H 314 -42.87 -37.54 38.57
C GLY H 314 -43.29 -38.12 39.91
N VAL H 315 -42.50 -39.06 40.42
CA VAL H 315 -42.74 -39.67 41.76
C VAL H 315 -42.37 -38.62 42.81
N LEU H 316 -43.12 -38.57 43.91
CA LEU H 316 -42.85 -37.56 44.98
C LEU H 316 -41.46 -37.81 45.56
N LYS H 317 -40.69 -36.74 45.78
CA LYS H 317 -39.34 -36.83 46.34
C LYS H 317 -39.33 -36.23 47.74
N LEU H 318 -38.82 -37.00 48.70
CA LEU H 318 -38.69 -36.58 50.09
C LEU H 318 -37.26 -36.77 50.55
N THR H 319 -37.01 -36.45 51.82
CA THR H 319 -35.69 -36.57 52.42
C THR H 319 -35.83 -37.07 53.86
N LYS H 320 -34.73 -37.03 54.60
CA LYS H 320 -34.72 -37.37 56.02
C LYS H 320 -33.69 -36.50 56.71
N ALA H 321 -34.15 -35.65 57.63
CA ALA H 321 -33.30 -34.70 58.32
C ALA H 321 -33.88 -34.44 59.70
N PRO H 322 -33.04 -34.19 60.72
CA PRO H 322 -33.56 -34.03 62.09
C PRO H 322 -34.41 -32.78 62.32
N LEU H 323 -34.91 -32.61 63.53
CA LEU H 323 -36.00 -31.70 63.84
C LEU H 323 -35.53 -30.60 64.77
N LYS H 324 -36.06 -29.39 64.54
CA LYS H 324 -35.82 -28.23 65.40
C LYS H 324 -37.16 -27.56 65.68
N THR H 325 -37.10 -26.42 66.38
CA THR H 325 -38.25 -25.57 66.74
C THR H 325 -39.37 -26.32 67.46
N SER H 334 -42.36 -26.87 63.60
CA SER H 334 -41.81 -28.23 63.30
C SER H 334 -41.32 -28.26 61.84
N LEU H 335 -42.20 -27.93 60.89
CA LEU H 335 -41.81 -27.88 59.46
C LEU H 335 -41.82 -29.28 58.84
N VAL H 336 -42.28 -30.29 59.56
CA VAL H 336 -42.30 -31.65 59.03
C VAL H 336 -43.75 -32.15 58.99
N LYS H 337 -44.51 -31.82 60.04
CA LYS H 337 -45.95 -32.09 60.19
C LYS H 337 -46.28 -33.59 60.16
N ASN H 338 -45.29 -34.45 60.44
CA ASN H 338 -45.48 -35.87 60.67
C ASN H 338 -44.26 -36.41 61.40
N HIS H 339 -44.26 -37.73 61.67
CA HIS H 339 -43.13 -38.41 62.26
C HIS H 339 -42.20 -38.90 61.15
N GLU H 340 -41.11 -39.55 61.55
CA GLU H 340 -40.05 -40.17 60.74
C GLU H 340 -39.32 -39.19 59.80
N SER H 341 -39.60 -37.88 59.92
CA SER H 341 -38.77 -36.78 59.42
C SER H 341 -38.66 -36.76 57.90
N PHE H 342 -39.77 -36.98 57.21
CA PHE H 342 -39.80 -36.83 55.75
C PHE H 342 -39.98 -35.36 55.39
N TYR H 343 -38.91 -34.72 54.95
CA TYR H 343 -38.95 -33.33 54.53
C TYR H 343 -39.22 -33.30 53.02
N GLU H 344 -39.00 -32.15 52.36
CA GLU H 344 -39.47 -32.00 50.98
C GLU H 344 -38.41 -31.59 49.96
N MET H 345 -37.16 -31.38 50.38
CA MET H 345 -35.99 -31.24 49.49
C MET H 345 -36.13 -30.04 48.53
N GLY H 346 -36.10 -28.85 49.12
CA GLY H 346 -36.01 -27.65 48.31
C GLY H 346 -37.08 -26.61 48.58
N LYS H 347 -38.05 -26.96 49.42
CA LYS H 347 -39.08 -26.02 49.81
C LYS H 347 -38.50 -24.96 50.74
N ALA H 348 -38.08 -23.83 50.19
CA ALA H 348 -37.52 -22.74 50.97
C ALA H 348 -38.57 -21.66 51.19
N ASN H 349 -38.29 -20.78 52.14
CA ASN H 349 -39.13 -19.64 52.41
C ASN H 349 -38.35 -18.37 52.13
N PHE H 350 -39.07 -17.33 51.74
CA PHE H 350 -38.49 -16.02 51.55
C PHE H 350 -39.49 -14.97 51.97
N MET H 351 -38.95 -13.81 52.36
CA MET H 351 -39.68 -12.56 52.40
C MET H 351 -38.86 -11.49 51.70
N ILE H 352 -39.56 -10.46 51.22
CA ILE H 352 -38.97 -9.43 50.39
C ILE H 352 -39.37 -8.05 50.92
N LYS H 353 -38.47 -7.08 50.76
CA LYS H 353 -38.75 -5.69 51.10
C LYS H 353 -37.80 -4.80 50.32
N GLU H 354 -38.35 -3.77 49.69
CA GLU H 354 -37.51 -2.80 48.99
C GLU H 354 -36.77 -1.93 50.01
N ILE H 355 -35.46 -1.84 49.87
CA ILE H 355 -34.65 -1.06 50.78
C ILE H 355 -34.17 0.21 50.08
ZN ZN K . 21.50 27.49 -22.22
#